data_4M6T
# 
_entry.id   4M6T 
# 
_audit_conform.dict_name       mmcif_pdbx.dic 
_audit_conform.dict_version    5.388 
_audit_conform.dict_location   http://mmcif.pdb.org/dictionaries/ascii/mmcif_pdbx.dic 
# 
loop_
_database_2.database_id 
_database_2.database_code 
_database_2.pdbx_database_accession 
_database_2.pdbx_DOI 
PDB   4M6T         pdb_00004m6t 10.2210/pdb4m6t/pdb 
RCSB  RCSB081538   ?            ?                   
WWPDB D_1000081538 ?            ?                   
# 
loop_
_pdbx_audit_revision_history.ordinal 
_pdbx_audit_revision_history.data_content_type 
_pdbx_audit_revision_history.major_revision 
_pdbx_audit_revision_history.minor_revision 
_pdbx_audit_revision_history.revision_date 
1 'Structure model' 1 0 2013-10-02 
2 'Structure model' 1 1 2013-12-25 
3 'Structure model' 1 2 2017-06-28 
4 'Structure model' 1 3 2024-03-20 
# 
_pdbx_audit_revision_details.ordinal             1 
_pdbx_audit_revision_details.revision_ordinal    1 
_pdbx_audit_revision_details.data_content_type   'Structure model' 
_pdbx_audit_revision_details.provider            repository 
_pdbx_audit_revision_details.type                'Initial release' 
_pdbx_audit_revision_details.description         ? 
_pdbx_audit_revision_details.details             ? 
# 
loop_
_pdbx_audit_revision_group.ordinal 
_pdbx_audit_revision_group.revision_ordinal 
_pdbx_audit_revision_group.data_content_type 
_pdbx_audit_revision_group.group 
1 2 'Structure model' 'Database references'  
2 3 'Structure model' 'Source and taxonomy'  
3 4 'Structure model' 'Data collection'      
4 4 'Structure model' 'Database references'  
5 4 'Structure model' 'Derived calculations' 
# 
loop_
_pdbx_audit_revision_category.ordinal 
_pdbx_audit_revision_category.revision_ordinal 
_pdbx_audit_revision_category.data_content_type 
_pdbx_audit_revision_category.category 
1 3 'Structure model' entity_src_gen 
2 4 'Structure model' chem_comp_atom 
3 4 'Structure model' chem_comp_bond 
4 4 'Structure model' database_2     
5 4 'Structure model' struct_site    
# 
loop_
_pdbx_audit_revision_item.ordinal 
_pdbx_audit_revision_item.revision_ordinal 
_pdbx_audit_revision_item.data_content_type 
_pdbx_audit_revision_item.item 
1 4 'Structure model' '_database_2.pdbx_DOI'                
2 4 'Structure model' '_database_2.pdbx_database_accession' 
3 4 'Structure model' '_struct_site.pdbx_auth_asym_id'      
4 4 'Structure model' '_struct_site.pdbx_auth_comp_id'      
5 4 'Structure model' '_struct_site.pdbx_auth_seq_id'       
# 
_pdbx_database_status.status_code                     REL 
_pdbx_database_status.entry_id                        4M6T 
_pdbx_database_status.recvd_initial_deposition_date   2013-08-11 
_pdbx_database_status.deposit_site                    RCSB 
_pdbx_database_status.process_site                    PDBJ 
_pdbx_database_status.methods_development_category    ? 
_pdbx_database_status.status_code_sf                  REL 
_pdbx_database_status.status_code_mr                  ? 
_pdbx_database_status.SG_entry                        Y 
_pdbx_database_status.status_code_cs                  ? 
_pdbx_database_status.pdb_format_compatible           Y 
_pdbx_database_status.status_code_nmr_data            ? 
# 
loop_
_audit_author.name 
_audit_author.pdbx_ordinal 
'Shen, Y.' 1 
'Qin, X.'  2 
# 
_citation.id                        primary 
_citation.title                     'Structural insights into Paf1 complex assembly and histone binding' 
_citation.journal_abbrev            'Nucleic Acids Res.' 
_citation.journal_volume            41 
_citation.page_first                10619 
_citation.page_last                 10629 
_citation.year                      2013 
_citation.journal_id_ASTM           NARHAD 
_citation.country                   UK 
_citation.journal_id_ISSN           0305-1048 
_citation.journal_id_CSD            0389 
_citation.book_publisher            ? 
_citation.pdbx_database_id_PubMed   24038468 
_citation.pdbx_database_id_DOI      10.1093/nar/gkt819 
# 
loop_
_citation_author.citation_id 
_citation_author.name 
_citation_author.ordinal 
_citation_author.identifier_ORCID 
primary 'Chu, X.'  1  ? 
primary 'Qin, X.'  2  ? 
primary 'Xu, H.'   3  ? 
primary 'Li, L.'   4  ? 
primary 'Wang, Z.' 5  ? 
primary 'Li, F.'   6  ? 
primary 'Xie, X.'  7  ? 
primary 'Zhou, H.' 8  ? 
primary 'Shen, Y.' 9  ? 
primary 'Long, J.' 10 ? 
# 
loop_
_entity.id 
_entity.type 
_entity.src_method 
_entity.pdbx_description 
_entity.formula_weight 
_entity.pdbx_number_of_molecules 
_entity.pdbx_ec 
_entity.pdbx_mutation 
_entity.pdbx_fragment 
_entity.details 
1 polymer     man 'RNA polymerase II-associated factor 1 homolog, Linker, RNA polymerase-associated protein LEO1' 21270.889 1 ? ? 
'UNP residues 170-250 of Paf1, UNP residues 370-462 of LEO1' 
'chimera of RNA polymerase II-associated factor 1 homolog, Linker, RNA polymerase-associated protein LEO1' 
2 non-polymer syn S-ADENOSYLMETHIONINE                                                                            398.437   1 ? ? 
?                                                            ? 
3 water       nat water                                                                                           18.015    4 ? ? 
?                                                            ? 
# 
_entity_poly.entity_id                      1 
_entity_poly.type                           'polypeptide(L)' 
_entity_poly.nstd_linkage                   no 
_entity_poly.nstd_monomer                   no 
_entity_poly.pdbx_seq_one_letter_code       
;KDRDSQITAIEKTFEDAQKSISQHYSKPRVTPVEVMPVFPDFKMWINPCAQVIFDSDPAPKDTSGAAALEMMSQAMIRGM
MSGENLYFQSGNDLYFVKLPNFLSVEPRPFDPQYYEDEFEDEEMLDEEGRTRLKLKVENTIRWRIRRDEEGNEIKESNAR
IVKWSDGSMSLHLGNEVFDVYKA
;
_entity_poly.pdbx_seq_one_letter_code_can   
;KDRDSQITAIEKTFEDAQKSISQHYSKPRVTPVEVMPVFPDFKMWINPCAQVIFDSDPAPKDTSGAAALEMMSQAMIRGM
MSGENLYFQSGNDLYFVKLPNFLSVEPRPFDPQYYEDEFEDEEMLDEEGRTRLKLKVENTIRWRIRRDEEGNEIKESNAR
IVKWSDGSMSLHLGNEVFDVYKA
;
_entity_poly.pdbx_strand_id                 A 
_entity_poly.pdbx_target_identifier         ? 
# 
loop_
_pdbx_entity_nonpoly.entity_id 
_pdbx_entity_nonpoly.name 
_pdbx_entity_nonpoly.comp_id 
2 S-ADENOSYLMETHIONINE SAM 
3 water                HOH 
# 
loop_
_entity_poly_seq.entity_id 
_entity_poly_seq.num 
_entity_poly_seq.mon_id 
_entity_poly_seq.hetero 
1 1   LYS n 
1 2   ASP n 
1 3   ARG n 
1 4   ASP n 
1 5   SER n 
1 6   GLN n 
1 7   ILE n 
1 8   THR n 
1 9   ALA n 
1 10  ILE n 
1 11  GLU n 
1 12  LYS n 
1 13  THR n 
1 14  PHE n 
1 15  GLU n 
1 16  ASP n 
1 17  ALA n 
1 18  GLN n 
1 19  LYS n 
1 20  SER n 
1 21  ILE n 
1 22  SER n 
1 23  GLN n 
1 24  HIS n 
1 25  TYR n 
1 26  SER n 
1 27  LYS n 
1 28  PRO n 
1 29  ARG n 
1 30  VAL n 
1 31  THR n 
1 32  PRO n 
1 33  VAL n 
1 34  GLU n 
1 35  VAL n 
1 36  MET n 
1 37  PRO n 
1 38  VAL n 
1 39  PHE n 
1 40  PRO n 
1 41  ASP n 
1 42  PHE n 
1 43  LYS n 
1 44  MET n 
1 45  TRP n 
1 46  ILE n 
1 47  ASN n 
1 48  PRO n 
1 49  CYS n 
1 50  ALA n 
1 51  GLN n 
1 52  VAL n 
1 53  ILE n 
1 54  PHE n 
1 55  ASP n 
1 56  SER n 
1 57  ASP n 
1 58  PRO n 
1 59  ALA n 
1 60  PRO n 
1 61  LYS n 
1 62  ASP n 
1 63  THR n 
1 64  SER n 
1 65  GLY n 
1 66  ALA n 
1 67  ALA n 
1 68  ALA n 
1 69  LEU n 
1 70  GLU n 
1 71  MET n 
1 72  MET n 
1 73  SER n 
1 74  GLN n 
1 75  ALA n 
1 76  MET n 
1 77  ILE n 
1 78  ARG n 
1 79  GLY n 
1 80  MET n 
1 81  MET n 
1 82  SER n 
1 83  GLY n 
1 84  GLU n 
1 85  ASN n 
1 86  LEU n 
1 87  TYR n 
1 88  PHE n 
1 89  GLN n 
1 90  SER n 
1 91  GLY n 
1 92  ASN n 
1 93  ASP n 
1 94  LEU n 
1 95  TYR n 
1 96  PHE n 
1 97  VAL n 
1 98  LYS n 
1 99  LEU n 
1 100 PRO n 
1 101 ASN n 
1 102 PHE n 
1 103 LEU n 
1 104 SER n 
1 105 VAL n 
1 106 GLU n 
1 107 PRO n 
1 108 ARG n 
1 109 PRO n 
1 110 PHE n 
1 111 ASP n 
1 112 PRO n 
1 113 GLN n 
1 114 TYR n 
1 115 TYR n 
1 116 GLU n 
1 117 ASP n 
1 118 GLU n 
1 119 PHE n 
1 120 GLU n 
1 121 ASP n 
1 122 GLU n 
1 123 GLU n 
1 124 MET n 
1 125 LEU n 
1 126 ASP n 
1 127 GLU n 
1 128 GLU n 
1 129 GLY n 
1 130 ARG n 
1 131 THR n 
1 132 ARG n 
1 133 LEU n 
1 134 LYS n 
1 135 LEU n 
1 136 LYS n 
1 137 VAL n 
1 138 GLU n 
1 139 ASN n 
1 140 THR n 
1 141 ILE n 
1 142 ARG n 
1 143 TRP n 
1 144 ARG n 
1 145 ILE n 
1 146 ARG n 
1 147 ARG n 
1 148 ASP n 
1 149 GLU n 
1 150 GLU n 
1 151 GLY n 
1 152 ASN n 
1 153 GLU n 
1 154 ILE n 
1 155 LYS n 
1 156 GLU n 
1 157 SER n 
1 158 ASN n 
1 159 ALA n 
1 160 ARG n 
1 161 ILE n 
1 162 VAL n 
1 163 LYS n 
1 164 TRP n 
1 165 SER n 
1 166 ASP n 
1 167 GLY n 
1 168 SER n 
1 169 MET n 
1 170 SER n 
1 171 LEU n 
1 172 HIS n 
1 173 LEU n 
1 174 GLY n 
1 175 ASN n 
1 176 GLU n 
1 177 VAL n 
1 178 PHE n 
1 179 ASP n 
1 180 VAL n 
1 181 TYR n 
1 182 LYS n 
1 183 ALA n 
# 
loop_
_entity_src_gen.entity_id 
_entity_src_gen.pdbx_src_id 
_entity_src_gen.pdbx_alt_source_flag 
_entity_src_gen.pdbx_seq_type 
_entity_src_gen.pdbx_beg_seq_num 
_entity_src_gen.pdbx_end_seq_num 
_entity_src_gen.gene_src_common_name 
_entity_src_gen.gene_src_genus 
_entity_src_gen.pdbx_gene_src_gene 
_entity_src_gen.gene_src_species 
_entity_src_gen.gene_src_strain 
_entity_src_gen.gene_src_tissue 
_entity_src_gen.gene_src_tissue_fraction 
_entity_src_gen.gene_src_details 
_entity_src_gen.pdbx_gene_src_fragment 
_entity_src_gen.pdbx_gene_src_scientific_name 
_entity_src_gen.pdbx_gene_src_ncbi_taxonomy_id 
_entity_src_gen.pdbx_gene_src_variant 
_entity_src_gen.pdbx_gene_src_cell_line 
_entity_src_gen.pdbx_gene_src_atcc 
_entity_src_gen.pdbx_gene_src_organ 
_entity_src_gen.pdbx_gene_src_organelle 
_entity_src_gen.pdbx_gene_src_cell 
_entity_src_gen.pdbx_gene_src_cellular_location 
_entity_src_gen.host_org_common_name 
_entity_src_gen.pdbx_host_org_scientific_name 
_entity_src_gen.pdbx_host_org_ncbi_taxonomy_id 
_entity_src_gen.host_org_genus 
_entity_src_gen.pdbx_host_org_gene 
_entity_src_gen.pdbx_host_org_organ 
_entity_src_gen.host_org_species 
_entity_src_gen.pdbx_host_org_tissue 
_entity_src_gen.pdbx_host_org_tissue_fraction 
_entity_src_gen.pdbx_host_org_strain 
_entity_src_gen.pdbx_host_org_variant 
_entity_src_gen.pdbx_host_org_cell_line 
_entity_src_gen.pdbx_host_org_atcc 
_entity_src_gen.pdbx_host_org_culture_collection 
_entity_src_gen.pdbx_host_org_cell 
_entity_src_gen.pdbx_host_org_organelle 
_entity_src_gen.pdbx_host_org_cellular_location 
_entity_src_gen.pdbx_host_org_vector_type 
_entity_src_gen.pdbx_host_org_vector 
_entity_src_gen.host_org_details 
_entity_src_gen.expression_system_id 
_entity_src_gen.plasmid_name 
_entity_src_gen.plasmid_details 
_entity_src_gen.pdbx_description 
1 1 sample ? 1  81  human ? 'PAF1, LEO1' ? ? ? ? ? ? 'Homo sapiens' 9606 ? ? ? ? ? ? ? ? 'Escherichia coli' 562 ? ? ? ? ? ? ? ? ? 
? ? ? ? ? ? ? ? ? ? ? ? 
1 2 sample ? 91 183 human ? 'PAF1, LEO1' ? ? ? ? ? ? 'Homo sapiens' 9606 ? ? ? ? ? ? ? ? 'Escherichia coli' 562 ? ? ? ? ? ? ? ? ? 
? ? ? ? ? ? ? ? ? ? ? ? 
# 
loop_
_chem_comp.id 
_chem_comp.type 
_chem_comp.mon_nstd_flag 
_chem_comp.name 
_chem_comp.pdbx_synonyms 
_chem_comp.formula 
_chem_comp.formula_weight 
ALA 'L-peptide linking' y ALANINE              ? 'C3 H7 N O2'      89.093  
ARG 'L-peptide linking' y ARGININE             ? 'C6 H15 N4 O2 1'  175.209 
ASN 'L-peptide linking' y ASPARAGINE           ? 'C4 H8 N2 O3'     132.118 
ASP 'L-peptide linking' y 'ASPARTIC ACID'      ? 'C4 H7 N O4'      133.103 
CYS 'L-peptide linking' y CYSTEINE             ? 'C3 H7 N O2 S'    121.158 
GLN 'L-peptide linking' y GLUTAMINE            ? 'C5 H10 N2 O3'    146.144 
GLU 'L-peptide linking' y 'GLUTAMIC ACID'      ? 'C5 H9 N O4'      147.129 
GLY 'peptide linking'   y GLYCINE              ? 'C2 H5 N O2'      75.067  
HIS 'L-peptide linking' y HISTIDINE            ? 'C6 H10 N3 O2 1'  156.162 
HOH non-polymer         . WATER                ? 'H2 O'            18.015  
ILE 'L-peptide linking' y ISOLEUCINE           ? 'C6 H13 N O2'     131.173 
LEU 'L-peptide linking' y LEUCINE              ? 'C6 H13 N O2'     131.173 
LYS 'L-peptide linking' y LYSINE               ? 'C6 H15 N2 O2 1'  147.195 
MET 'L-peptide linking' y METHIONINE           ? 'C5 H11 N O2 S'   149.211 
PHE 'L-peptide linking' y PHENYLALANINE        ? 'C9 H11 N O2'     165.189 
PRO 'L-peptide linking' y PROLINE              ? 'C5 H9 N O2'      115.130 
SAM non-polymer         . S-ADENOSYLMETHIONINE ? 'C15 H22 N6 O5 S' 398.437 
SER 'L-peptide linking' y SERINE               ? 'C3 H7 N O3'      105.093 
THR 'L-peptide linking' y THREONINE            ? 'C4 H9 N O3'      119.119 
TRP 'L-peptide linking' y TRYPTOPHAN           ? 'C11 H12 N2 O2'   204.225 
TYR 'L-peptide linking' y TYROSINE             ? 'C9 H11 N O3'     181.189 
VAL 'L-peptide linking' y VALINE               ? 'C5 H11 N O2'     117.146 
# 
loop_
_pdbx_poly_seq_scheme.asym_id 
_pdbx_poly_seq_scheme.entity_id 
_pdbx_poly_seq_scheme.seq_id 
_pdbx_poly_seq_scheme.mon_id 
_pdbx_poly_seq_scheme.ndb_seq_num 
_pdbx_poly_seq_scheme.pdb_seq_num 
_pdbx_poly_seq_scheme.auth_seq_num 
_pdbx_poly_seq_scheme.pdb_mon_id 
_pdbx_poly_seq_scheme.auth_mon_id 
_pdbx_poly_seq_scheme.pdb_strand_id 
_pdbx_poly_seq_scheme.pdb_ins_code 
_pdbx_poly_seq_scheme.hetero 
A 1 1   LYS 1   10  10  LYS LYS A . n 
A 1 2   ASP 2   11  11  ASP ASP A . n 
A 1 3   ARG 3   12  12  ARG ARG A . n 
A 1 4   ASP 4   13  13  ASP ASP A . n 
A 1 5   SER 5   14  14  SER SER A . n 
A 1 6   GLN 6   15  15  GLN GLN A . n 
A 1 7   ILE 7   16  16  ILE ILE A . n 
A 1 8   THR 8   17  17  THR THR A . n 
A 1 9   ALA 9   18  18  ALA ALA A . n 
A 1 10  ILE 10  19  19  ILE ILE A . n 
A 1 11  GLU 11  20  20  GLU GLU A . n 
A 1 12  LYS 12  21  21  LYS LYS A . n 
A 1 13  THR 13  22  22  THR THR A . n 
A 1 14  PHE 14  23  23  PHE PHE A . n 
A 1 15  GLU 15  24  24  GLU GLU A . n 
A 1 16  ASP 16  25  25  ASP ASP A . n 
A 1 17  ALA 17  26  26  ALA ALA A . n 
A 1 18  GLN 18  27  27  GLN GLN A . n 
A 1 19  LYS 19  28  28  LYS LYS A . n 
A 1 20  SER 20  29  29  SER SER A . n 
A 1 21  ILE 21  30  30  ILE ILE A . n 
A 1 22  SER 22  31  31  SER SER A . n 
A 1 23  GLN 23  32  32  GLN GLN A . n 
A 1 24  HIS 24  33  33  HIS HIS A . n 
A 1 25  TYR 25  34  34  TYR TYR A . n 
A 1 26  SER 26  35  35  SER SER A . n 
A 1 27  LYS 27  36  36  LYS LYS A . n 
A 1 28  PRO 28  37  37  PRO PRO A . n 
A 1 29  ARG 29  38  38  ARG ARG A . n 
A 1 30  VAL 30  39  39  VAL VAL A . n 
A 1 31  THR 31  40  40  THR THR A . n 
A 1 32  PRO 32  41  41  PRO PRO A . n 
A 1 33  VAL 33  42  42  VAL VAL A . n 
A 1 34  GLU 34  43  43  GLU GLU A . n 
A 1 35  VAL 35  44  44  VAL VAL A . n 
A 1 36  MET 36  45  45  MET MET A . n 
A 1 37  PRO 37  46  46  PRO PRO A . n 
A 1 38  VAL 38  47  47  VAL VAL A . n 
A 1 39  PHE 39  48  48  PHE PHE A . n 
A 1 40  PRO 40  49  49  PRO PRO A . n 
A 1 41  ASP 41  50  50  ASP ASP A . n 
A 1 42  PHE 42  51  51  PHE PHE A . n 
A 1 43  LYS 43  52  52  LYS LYS A . n 
A 1 44  MET 44  53  53  MET MET A . n 
A 1 45  TRP 45  54  54  TRP TRP A . n 
A 1 46  ILE 46  55  55  ILE ILE A . n 
A 1 47  ASN 47  56  56  ASN ASN A . n 
A 1 48  PRO 48  57  57  PRO PRO A . n 
A 1 49  CYS 49  58  58  CYS CYS A . n 
A 1 50  ALA 50  59  59  ALA ALA A . n 
A 1 51  GLN 51  60  60  GLN GLN A . n 
A 1 52  VAL 52  61  61  VAL VAL A . n 
A 1 53  ILE 53  62  62  ILE ILE A . n 
A 1 54  PHE 54  63  63  PHE PHE A . n 
A 1 55  ASP 55  64  64  ASP ASP A . n 
A 1 56  SER 56  65  65  SER SER A . n 
A 1 57  ASP 57  66  66  ASP ASP A . n 
A 1 58  PRO 58  67  67  PRO PRO A . n 
A 1 59  ALA 59  68  68  ALA ALA A . n 
A 1 60  PRO 60  69  69  PRO PRO A . n 
A 1 61  LYS 61  70  70  LYS LYS A . n 
A 1 62  ASP 62  71  71  ASP ASP A . n 
A 1 63  THR 63  72  72  THR THR A . n 
A 1 64  SER 64  73  73  SER SER A . n 
A 1 65  GLY 65  74  74  GLY GLY A . n 
A 1 66  ALA 66  75  75  ALA ALA A . n 
A 1 67  ALA 67  76  76  ALA ALA A . n 
A 1 68  ALA 68  77  77  ALA ALA A . n 
A 1 69  LEU 69  78  78  LEU LEU A . n 
A 1 70  GLU 70  79  79  GLU GLU A . n 
A 1 71  MET 71  80  80  MET MET A . n 
A 1 72  MET 72  81  81  MET MET A . n 
A 1 73  SER 73  82  82  SER SER A . n 
A 1 74  GLN 74  83  83  GLN GLN A . n 
A 1 75  ALA 75  84  84  ALA ALA A . n 
A 1 76  MET 76  85  85  MET MET A . n 
A 1 77  ILE 77  86  86  ILE ILE A . n 
A 1 78  ARG 78  87  87  ARG ARG A . n 
A 1 79  GLY 79  88  88  GLY GLY A . n 
A 1 80  MET 80  89  89  MET MET A . n 
A 1 81  MET 81  90  90  MET MET A . n 
A 1 82  SER 82  91  91  SER SER A . n 
A 1 83  GLY 83  92  92  GLY GLY A . n 
A 1 84  GLU 84  93  93  GLU GLU A . n 
A 1 85  ASN 85  94  94  ASN ASN A . n 
A 1 86  LEU 86  95  95  LEU LEU A . n 
A 1 87  TYR 87  96  96  TYR TYR A . n 
A 1 88  PHE 88  97  97  PHE PHE A . n 
A 1 89  GLN 89  98  98  GLN GLN A . n 
A 1 90  SER 90  99  99  SER SER A . n 
A 1 91  GLY 91  100 100 GLY GLY A . n 
A 1 92  ASN 92  101 101 ASN ASN A . n 
A 1 93  ASP 93  102 102 ASP ASP A . n 
A 1 94  LEU 94  103 103 LEU LEU A . n 
A 1 95  TYR 95  104 104 TYR TYR A . n 
A 1 96  PHE 96  105 105 PHE PHE A . n 
A 1 97  VAL 97  106 106 VAL VAL A . n 
A 1 98  LYS 98  107 107 LYS LYS A . n 
A 1 99  LEU 99  108 108 LEU LEU A . n 
A 1 100 PRO 100 109 109 PRO PRO A . n 
A 1 101 ASN 101 110 110 ASN ASN A . n 
A 1 102 PHE 102 111 111 PHE PHE A . n 
A 1 103 LEU 103 112 112 LEU LEU A . n 
A 1 104 SER 104 113 113 SER SER A . n 
A 1 105 VAL 105 114 114 VAL VAL A . n 
A 1 106 GLU 106 115 115 GLU GLU A . n 
A 1 107 PRO 107 116 116 PRO PRO A . n 
A 1 108 ARG 108 117 117 ARG ARG A . n 
A 1 109 PRO 109 118 118 PRO PRO A . n 
A 1 110 PHE 110 119 119 PHE PHE A . n 
A 1 111 ASP 111 120 120 ASP ASP A . n 
A 1 112 PRO 112 121 121 PRO PRO A . n 
A 1 113 GLN 113 122 122 GLN GLN A . n 
A 1 114 TYR 114 123 123 TYR TYR A . n 
A 1 115 TYR 115 124 124 TYR TYR A . n 
A 1 116 GLU 116 125 125 GLU GLU A . n 
A 1 117 ASP 117 126 126 ASP ASP A . n 
A 1 118 GLU 118 127 127 GLU GLU A . n 
A 1 119 PHE 119 128 128 PHE PHE A . n 
A 1 120 GLU 120 129 129 GLU GLU A . n 
A 1 121 ASP 121 130 ?   ?   ?   A . n 
A 1 122 GLU 122 131 ?   ?   ?   A . n 
A 1 123 GLU 123 132 ?   ?   ?   A . n 
A 1 124 MET 124 133 ?   ?   ?   A . n 
A 1 125 LEU 125 134 ?   ?   ?   A . n 
A 1 126 ASP 126 135 ?   ?   ?   A . n 
A 1 127 GLU 127 136 136 GLU GLU A . n 
A 1 128 GLU 128 137 137 GLU GLU A . n 
A 1 129 GLY 129 138 138 GLY GLY A . n 
A 1 130 ARG 130 139 139 ARG ARG A . n 
A 1 131 THR 131 140 140 THR THR A . n 
A 1 132 ARG 132 141 141 ARG ARG A . n 
A 1 133 LEU 133 142 142 LEU LEU A . n 
A 1 134 LYS 134 143 143 LYS LYS A . n 
A 1 135 LEU 135 144 144 LEU LEU A . n 
A 1 136 LYS 136 145 145 LYS LYS A . n 
A 1 137 VAL 137 146 146 VAL VAL A . n 
A 1 138 GLU 138 147 147 GLU GLU A . n 
A 1 139 ASN 139 148 148 ASN ASN A . n 
A 1 140 THR 140 149 149 THR THR A . n 
A 1 141 ILE 141 150 150 ILE ILE A . n 
A 1 142 ARG 142 151 151 ARG ARG A . n 
A 1 143 TRP 143 152 152 TRP TRP A . n 
A 1 144 ARG 144 153 153 ARG ARG A . n 
A 1 145 ILE 145 154 154 ILE ILE A . n 
A 1 146 ARG 146 155 155 ARG ARG A . n 
A 1 147 ARG 147 156 156 ARG ARG A . n 
A 1 148 ASP 148 157 157 ASP ASP A . n 
A 1 149 GLU 149 158 158 GLU GLU A . n 
A 1 150 GLU 150 159 159 GLU GLU A . n 
A 1 151 GLY 151 160 160 GLY GLY A . n 
A 1 152 ASN 152 161 161 ASN ASN A . n 
A 1 153 GLU 153 162 162 GLU GLU A . n 
A 1 154 ILE 154 163 163 ILE ILE A . n 
A 1 155 LYS 155 164 164 LYS LYS A . n 
A 1 156 GLU 156 165 165 GLU GLU A . n 
A 1 157 SER 157 166 166 SER SER A . n 
A 1 158 ASN 158 167 167 ASN ASN A . n 
A 1 159 ALA 159 168 168 ALA ALA A . n 
A 1 160 ARG 160 169 169 ARG ARG A . n 
A 1 161 ILE 161 170 170 ILE ILE A . n 
A 1 162 VAL 162 171 171 VAL VAL A . n 
A 1 163 LYS 163 172 172 LYS LYS A . n 
A 1 164 TRP 164 173 173 TRP TRP A . n 
A 1 165 SER 165 174 174 SER SER A . n 
A 1 166 ASP 166 175 175 ASP ASP A . n 
A 1 167 GLY 167 176 176 GLY GLY A . n 
A 1 168 SER 168 177 177 SER SER A . n 
A 1 169 MET 169 178 178 MET MET A . n 
A 1 170 SER 170 179 179 SER SER A . n 
A 1 171 LEU 171 180 180 LEU LEU A . n 
A 1 172 HIS 172 181 181 HIS HIS A . n 
A 1 173 LEU 173 182 182 LEU LEU A . n 
A 1 174 GLY 174 183 183 GLY GLY A . n 
A 1 175 ASN 175 184 184 ASN ASN A . n 
A 1 176 GLU 176 185 185 GLU GLU A . n 
A 1 177 VAL 177 186 186 VAL VAL A . n 
A 1 178 PHE 178 187 187 PHE PHE A . n 
A 1 179 ASP 179 188 188 ASP ASP A . n 
A 1 180 VAL 180 189 189 VAL VAL A . n 
A 1 181 TYR 181 190 190 TYR TYR A . n 
A 1 182 LYS 182 191 191 LYS LYS A . n 
A 1 183 ALA 183 192 192 ALA ALA A . n 
# 
loop_
_pdbx_nonpoly_scheme.asym_id 
_pdbx_nonpoly_scheme.entity_id 
_pdbx_nonpoly_scheme.mon_id 
_pdbx_nonpoly_scheme.ndb_seq_num 
_pdbx_nonpoly_scheme.pdb_seq_num 
_pdbx_nonpoly_scheme.auth_seq_num 
_pdbx_nonpoly_scheme.pdb_mon_id 
_pdbx_nonpoly_scheme.auth_mon_id 
_pdbx_nonpoly_scheme.pdb_strand_id 
_pdbx_nonpoly_scheme.pdb_ins_code 
B 2 SAM 1 201 6735 SAM SAM A . 
C 3 HOH 1 301 2    HOH HOH A . 
C 3 HOH 2 302 3    HOH HOH A . 
C 3 HOH 3 303 4    HOH HOH A . 
C 3 HOH 4 304 5    HOH HOH A . 
# 
loop_
_pdbx_unobs_or_zero_occ_atoms.id 
_pdbx_unobs_or_zero_occ_atoms.PDB_model_num 
_pdbx_unobs_or_zero_occ_atoms.polymer_flag 
_pdbx_unobs_or_zero_occ_atoms.occupancy_flag 
_pdbx_unobs_or_zero_occ_atoms.auth_asym_id 
_pdbx_unobs_or_zero_occ_atoms.auth_comp_id 
_pdbx_unobs_or_zero_occ_atoms.auth_seq_id 
_pdbx_unobs_or_zero_occ_atoms.PDB_ins_code 
_pdbx_unobs_or_zero_occ_atoms.auth_atom_id 
_pdbx_unobs_or_zero_occ_atoms.label_alt_id 
_pdbx_unobs_or_zero_occ_atoms.label_asym_id 
_pdbx_unobs_or_zero_occ_atoms.label_comp_id 
_pdbx_unobs_or_zero_occ_atoms.label_seq_id 
_pdbx_unobs_or_zero_occ_atoms.label_atom_id 
1  1 Y 1 A LYS 10  ? CG  ? A LYS 1   CG  
2  1 Y 1 A LYS 10  ? CD  ? A LYS 1   CD  
3  1 Y 1 A LYS 10  ? CE  ? A LYS 1   CE  
4  1 Y 1 A LYS 10  ? NZ  ? A LYS 1   NZ  
5  1 Y 1 A ASP 11  ? CG  ? A ASP 2   CG  
6  1 Y 1 A ASP 11  ? OD1 ? A ASP 2   OD1 
7  1 Y 1 A ASP 11  ? OD2 ? A ASP 2   OD2 
8  1 Y 1 A GLU 24  ? CG  ? A GLU 15  CG  
9  1 Y 1 A GLU 24  ? CD  ? A GLU 15  CD  
10 1 Y 1 A GLU 24  ? OE1 ? A GLU 15  OE1 
11 1 Y 1 A GLU 24  ? OE2 ? A GLU 15  OE2 
12 1 Y 1 A TYR 34  ? CG  ? A TYR 25  CG  
13 1 Y 1 A TYR 34  ? CD1 ? A TYR 25  CD1 
14 1 Y 1 A TYR 34  ? CD2 ? A TYR 25  CD2 
15 1 Y 1 A TYR 34  ? CE1 ? A TYR 25  CE1 
16 1 Y 1 A TYR 34  ? CE2 ? A TYR 25  CE2 
17 1 Y 1 A TYR 34  ? CZ  ? A TYR 25  CZ  
18 1 Y 1 A TYR 34  ? OH  ? A TYR 25  OH  
19 1 Y 1 A ASP 64  ? CG  ? A ASP 55  CG  
20 1 Y 1 A ASP 64  ? OD1 ? A ASP 55  OD1 
21 1 Y 1 A ASP 64  ? OD2 ? A ASP 55  OD2 
22 1 Y 1 A SER 65  ? OG  ? A SER 56  OG  
23 1 Y 1 A ASP 66  ? CG  ? A ASP 57  CG  
24 1 Y 1 A ASP 66  ? OD1 ? A ASP 57  OD1 
25 1 Y 1 A ASP 66  ? OD2 ? A ASP 57  OD2 
26 1 Y 1 A SER 73  ? OG  ? A SER 64  OG  
27 1 Y 1 A SER 82  ? OG  ? A SER 73  OG  
28 1 Y 1 A GLN 83  ? CG  ? A GLN 74  CG  
29 1 Y 1 A GLN 83  ? CD  ? A GLN 74  CD  
30 1 Y 1 A GLN 83  ? OE1 ? A GLN 74  OE1 
31 1 Y 1 A GLN 83  ? NE2 ? A GLN 74  NE2 
32 1 Y 1 A ARG 87  ? CG  ? A ARG 78  CG  
33 1 Y 1 A ARG 87  ? CD  ? A ARG 78  CD  
34 1 Y 1 A ARG 87  ? NE  ? A ARG 78  NE  
35 1 Y 1 A ARG 87  ? CZ  ? A ARG 78  CZ  
36 1 Y 1 A ARG 87  ? NH1 ? A ARG 78  NH1 
37 1 Y 1 A ARG 87  ? NH2 ? A ARG 78  NH2 
38 1 Y 1 A ASN 110 ? CG  ? A ASN 101 CG  
39 1 Y 1 A ASN 110 ? OD1 ? A ASN 101 OD1 
40 1 Y 1 A ASN 110 ? ND2 ? A ASN 101 ND2 
41 1 Y 1 A GLU 129 ? CG  ? A GLU 120 CG  
42 1 Y 1 A GLU 129 ? CD  ? A GLU 120 CD  
43 1 Y 1 A GLU 129 ? OE1 ? A GLU 120 OE1 
44 1 Y 1 A GLU 129 ? OE2 ? A GLU 120 OE2 
45 1 Y 1 A GLU 136 ? CG  ? A GLU 127 CG  
46 1 Y 1 A GLU 136 ? CD  ? A GLU 127 CD  
47 1 Y 1 A GLU 136 ? OE1 ? A GLU 127 OE1 
48 1 Y 1 A GLU 136 ? OE2 ? A GLU 127 OE2 
49 1 Y 1 A GLU 137 ? CG  ? A GLU 128 CG  
50 1 Y 1 A GLU 137 ? CD  ? A GLU 128 CD  
51 1 Y 1 A GLU 137 ? OE1 ? A GLU 128 OE1 
52 1 Y 1 A GLU 137 ? OE2 ? A GLU 128 OE2 
53 1 Y 1 A ARG 139 ? CG  ? A ARG 130 CG  
54 1 Y 1 A ARG 139 ? CD  ? A ARG 130 CD  
55 1 Y 1 A ARG 139 ? NE  ? A ARG 130 NE  
56 1 Y 1 A ARG 139 ? CZ  ? A ARG 130 CZ  
57 1 Y 1 A ARG 139 ? NH1 ? A ARG 130 NH1 
58 1 Y 1 A ARG 139 ? NH2 ? A ARG 130 NH2 
59 1 Y 1 A THR 140 ? OG1 ? A THR 131 OG1 
60 1 Y 1 A THR 140 ? CG2 ? A THR 131 CG2 
61 1 Y 1 A GLU 185 ? CG  ? A GLU 176 CG  
62 1 Y 1 A GLU 185 ? CD  ? A GLU 176 CD  
63 1 Y 1 A GLU 185 ? OE1 ? A GLU 176 OE1 
64 1 Y 1 A GLU 185 ? OE2 ? A GLU 176 OE2 
65 1 Y 1 A LYS 191 ? CG  ? A LYS 182 CG  
66 1 Y 1 A LYS 191 ? CD  ? A LYS 182 CD  
67 1 Y 1 A LYS 191 ? CE  ? A LYS 182 CE  
68 1 Y 1 A LYS 191 ? NZ  ? A LYS 182 NZ  
# 
loop_
_software.name 
_software.classification 
_software.version 
_software.citation_id 
_software.pdbx_ordinal 
MAR345dtb 'data collection' .                            ? 1 
SHELXS    phasing           .                            ? 2 
PHENIX    refinement        '(phenix.refine: 1.7.1_743)' ? 3 
HKL-2000  'data reduction'  .                            ? 4 
SCALEPACK 'data scaling'    .                            ? 5 
# 
_cell.entry_id           4M6T 
_cell.length_a           115.168 
_cell.length_b           115.168 
_cell.length_c           157.437 
_cell.angle_alpha        90.00 
_cell.angle_beta         90.00 
_cell.angle_gamma        120.00 
_cell.Z_PDB              18 
_cell.pdbx_unique_axis   ? 
_cell.length_a_esd       ? 
_cell.length_b_esd       ? 
_cell.length_c_esd       ? 
_cell.angle_alpha_esd    ? 
_cell.angle_beta_esd     ? 
_cell.angle_gamma_esd    ? 
# 
_symmetry.entry_id                         4M6T 
_symmetry.space_group_name_H-M             'H 3 2' 
_symmetry.pdbx_full_space_group_name_H-M   ? 
_symmetry.cell_setting                     ? 
_symmetry.Int_Tables_number                155 
_symmetry.space_group_name_Hall            ? 
# 
_exptl.entry_id          4M6T 
_exptl.method            'X-RAY DIFFRACTION' 
_exptl.crystals_number   1 
# 
_exptl_crystal.id                    1 
_exptl_crystal.density_meas          ? 
_exptl_crystal.density_Matthews      4.72 
_exptl_crystal.density_percent_sol   73.96 
_exptl_crystal.description           ? 
_exptl_crystal.F_000                 ? 
_exptl_crystal.preparation           ? 
# 
_exptl_crystal_grow.crystal_id      1 
_exptl_crystal_grow.method          'VAPOR DIFFUSION, SITTING DROP' 
_exptl_crystal_grow.temp            298 
_exptl_crystal_grow.temp_details    ? 
_exptl_crystal_grow.pH              7.0 
_exptl_crystal_grow.pdbx_details    '3.5M sodium formate, pH 7.0, VAPOR DIFFUSION, SITTING DROP, temperature 298K' 
_exptl_crystal_grow.pdbx_pH_range   . 
# 
_diffrn.id                     1 
_diffrn.ambient_temp           100 
_diffrn.ambient_temp_details   ? 
_diffrn.crystal_id             1 
# 
_diffrn_detector.diffrn_id              1 
_diffrn_detector.detector               CCD 
_diffrn_detector.type                   'ADSC QUANTUM 210' 
_diffrn_detector.pdbx_collection_date   2012-12-10 
_diffrn_detector.details                ? 
# 
_diffrn_radiation.diffrn_id                        1 
_diffrn_radiation.wavelength_id                    1 
_diffrn_radiation.pdbx_monochromatic_or_laue_m_l   M 
_diffrn_radiation.monochromator                    GRAPHITE 
_diffrn_radiation.pdbx_diffrn_protocol             'SINGLE WAVELENGTH' 
_diffrn_radiation.pdbx_scattering_type             x-ray 
# 
_diffrn_radiation_wavelength.id           1 
_diffrn_radiation_wavelength.wavelength   1.0 
_diffrn_radiation_wavelength.wt           1.0 
# 
_diffrn_source.diffrn_id                   1 
_diffrn_source.source                      SYNCHROTRON 
_diffrn_source.type                        'SSRF BEAMLINE BL17U' 
_diffrn_source.pdbx_synchrotron_site       SSRF 
_diffrn_source.pdbx_synchrotron_beamline   BL17U 
_diffrn_source.pdbx_wavelength             ? 
_diffrn_source.pdbx_wavelength_list        1.0 
# 
_reflns.entry_id                     4M6T 
_reflns.observed_criterion_sigma_I   2.0 
_reflns.observed_criterion_sigma_F   2.0 
_reflns.d_resolution_low             50 
_reflns.d_resolution_high            2.498 
_reflns.number_obs                   14136 
_reflns.number_all                   14138 
_reflns.percent_possible_obs         99.75 
_reflns.pdbx_Rmerge_I_obs            ? 
_reflns.pdbx_Rsym_value              ? 
_reflns.pdbx_netI_over_sigmaI        ? 
_reflns.B_iso_Wilson_estimate        43.600 
_reflns.pdbx_redundancy              ? 
_reflns.R_free_details               ? 
_reflns.limit_h_max                  ? 
_reflns.limit_h_min                  ? 
_reflns.limit_k_max                  ? 
_reflns.limit_k_min                  ? 
_reflns.limit_l_max                  ? 
_reflns.limit_l_min                  ? 
_reflns.observed_criterion_F_max     ? 
_reflns.observed_criterion_F_min     ? 
_reflns.pdbx_chi_squared             ? 
_reflns.pdbx_scaling_rejects         ? 
_reflns.pdbx_ordinal                 1 
_reflns.pdbx_diffrn_id               1 
# 
_reflns_shell.d_res_high                  2.50 
_reflns_shell.d_res_low                   2.59 
_reflns_shell.percent_possible_all        99.9 
_reflns_shell.Rmerge_I_obs                ? 
_reflns_shell.pdbx_Rsym_value             ? 
_reflns_shell.meanI_over_sigI_obs         ? 
_reflns_shell.pdbx_redundancy             ? 
_reflns_shell.percent_possible_obs        ? 
_reflns_shell.number_unique_all           ? 
_reflns_shell.number_measured_all         ? 
_reflns_shell.number_measured_obs         ? 
_reflns_shell.number_unique_obs           ? 
_reflns_shell.pdbx_chi_squared            ? 
_reflns_shell.pdbx_rejects                ? 
_reflns_shell.pdbx_netI_over_sigmaI_obs   ? 
_reflns_shell.number_possible             ? 
_reflns_shell.Rmerge_F_all                ? 
_reflns_shell.Rmerge_F_obs                ? 
_reflns_shell.Rmerge_I_all                ? 
_reflns_shell.meanI_over_sigI_all         ? 
_reflns_shell.pdbx_Rrim_I_all             ? 
_reflns_shell.pdbx_Rpim_I_all             ? 
_reflns_shell.pdbx_ordinal                1 
_reflns_shell.pdbx_diffrn_id              1 
# 
_refine.entry_id                                 4M6T 
_refine.ls_number_reflns_obs                     14136 
_refine.ls_number_reflns_all                     ? 
_refine.pdbx_ls_sigma_I                          ? 
_refine.pdbx_ls_sigma_F                          1.35 
_refine.pdbx_data_cutoff_high_absF               ? 
_refine.pdbx_data_cutoff_low_absF                ? 
_refine.pdbx_data_cutoff_high_rms_absF           ? 
_refine.ls_d_res_low                             38.788 
_refine.ls_d_res_high                            2.498 
_refine.ls_percent_reflns_obs                    99.75 
_refine.ls_R_factor_obs                          0.2341 
_refine.ls_R_factor_all                          ? 
_refine.ls_R_factor_R_work                       0.2324 
_refine.ls_R_factor_R_free                       0.2675 
_refine.ls_R_factor_R_free_error                 ? 
_refine.ls_R_factor_R_free_error_details         ? 
_refine.ls_percent_reflns_R_free                 5.04 
_refine.ls_number_reflns_R_free                  712 
_refine.ls_number_parameters                     ? 
_refine.ls_number_restraints                     ? 
_refine.B_iso_mean                               45.8081 
_refine.aniso_B[1][1]                            7.3181 
_refine.aniso_B[2][2]                            7.3181 
_refine.aniso_B[3][3]                            -14.6363 
_refine.aniso_B[1][2]                            0.0000 
_refine.aniso_B[1][3]                            -0.0000 
_refine.aniso_B[2][3]                            -0.0000 
_refine.solvent_model_details                    'FLAT BULK SOLVENT MODEL' 
_refine.solvent_model_param_ksol                 0.353 
_refine.solvent_model_param_bsol                 30.536 
_refine.pdbx_solvent_vdw_probe_radii             1.11 
_refine.pdbx_solvent_ion_probe_radii             ? 
_refine.pdbx_solvent_shrinkage_radii             0.90 
_refine.pdbx_ls_cross_valid_method               ? 
_refine.details                                  ? 
_refine.pdbx_starting_model                      ? 
_refine.pdbx_method_to_determine_struct          SAD 
_refine.pdbx_isotropic_thermal_model             ? 
_refine.pdbx_stereochemistry_target_values       ML 
_refine.pdbx_stereochem_target_val_spec_case     ? 
_refine.pdbx_R_Free_selection_details            RANDOM 
_refine.pdbx_overall_ESU_R                       ? 
_refine.pdbx_overall_ESU_R_Free                  ? 
_refine.overall_SU_ML                            0.80 
_refine.overall_FOM_work_R_set                   0.7713 
_refine.B_iso_max                                85.560 
_refine.B_iso_min                                27.550 
_refine.pdbx_overall_phase_error                 29.0400 
_refine.occupancy_max                            1.000 
_refine.occupancy_min                            1.000 
_refine.pdbx_diffrn_id                           1 
_refine.pdbx_refine_id                           'X-RAY DIFFRACTION' 
_refine.ls_redundancy_reflns_obs                 ? 
_refine.overall_SU_B                             ? 
_refine.correlation_coeff_Fo_to_Fc               ? 
_refine.correlation_coeff_Fo_to_Fc_free          ? 
_refine.overall_SU_R_Cruickshank_DPI             ? 
_refine.overall_SU_R_free                        ? 
_refine.ls_wR_factor_R_free                      ? 
_refine.ls_wR_factor_R_work                      ? 
_refine.overall_FOM_free_R_set                   ? 
_refine.pdbx_TLS_residual_ADP_flag               ? 
_refine.pdbx_overall_SU_R_free_Cruickshank_DPI   ? 
_refine.pdbx_overall_SU_R_Blow_DPI               ? 
_refine.pdbx_overall_SU_R_free_Blow_DPI          ? 
# 
_refine_hist.pdbx_refine_id                   'X-RAY DIFFRACTION' 
_refine_hist.cycle_id                         LAST 
_refine_hist.pdbx_number_atoms_protein        1373 
_refine_hist.pdbx_number_atoms_nucleic_acid   0 
_refine_hist.pdbx_number_atoms_ligand         27 
_refine_hist.number_atoms_solvent             4 
_refine_hist.number_atoms_total               1404 
_refine_hist.d_res_high                       2.498 
_refine_hist.d_res_low                        38.788 
# 
loop_
_refine_ls_restr.pdbx_refine_id 
_refine_ls_restr.type 
_refine_ls_restr.number 
_refine_ls_restr.dev_ideal 
_refine_ls_restr.dev_ideal_target 
_refine_ls_restr.weight 
_refine_ls_restr.pdbx_restraint_function 
'X-RAY DIFFRACTION' f_bond_d           1434 0.008  ? ? ? 
'X-RAY DIFFRACTION' f_angle_d          1944 1.182  ? ? ? 
'X-RAY DIFFRACTION' f_chiral_restr     210  0.084  ? ? ? 
'X-RAY DIFFRACTION' f_plane_restr      252  0.005  ? ? ? 
'X-RAY DIFFRACTION' f_dihedral_angle_d 517  19.909 ? ? ? 
# 
loop_
_refine_ls_shell.d_res_high 
_refine_ls_shell.d_res_low 
_refine_ls_shell.pdbx_total_number_of_bins_used 
_refine_ls_shell.percent_reflns_obs 
_refine_ls_shell.number_reflns_R_work 
_refine_ls_shell.R_factor_all 
_refine_ls_shell.R_factor_R_work 
_refine_ls_shell.R_factor_R_free 
_refine_ls_shell.percent_reflns_R_free 
_refine_ls_shell.number_reflns_R_free 
_refine_ls_shell.R_factor_R_free_error 
_refine_ls_shell.number_reflns_all 
_refine_ls_shell.number_reflns_obs 
_refine_ls_shell.pdbx_refine_id 
_refine_ls_shell.redundancy_reflns_obs 
2.4978 2.6906  5 99.0000  2592 . 0.3371 0.3766 . 158 . 2750 . 'X-RAY DIFFRACTION' . 
2.6906 2.9613  5 100.0000 2668 . 0.2884 0.3006 . 140 . 2808 . 'X-RAY DIFFRACTION' . 
2.9613 3.3896  5 100.0000 2666 . 0.2440 0.2791 . 154 . 2820 . 'X-RAY DIFFRACTION' . 
3.3896 4.2697  5 100.0000 2702 . 0.1929 0.2356 . 126 . 2828 . 'X-RAY DIFFRACTION' . 
4.2697 38.7924 5 100.0000 2796 . 0.2191 0.2461 . 134 . 2930 . 'X-RAY DIFFRACTION' . 
# 
_struct.entry_id                  4M6T 
_struct.title                     'Structure of human Paf1 and Leo1 complex' 
_struct.pdbx_model_details        ? 
_struct.pdbx_CASP_flag            ? 
_struct.pdbx_model_type_details   ? 
# 
_struct_keywords.entry_id        4M6T 
_struct_keywords.pdbx_keywords   'Transcription Regulator' 
_struct_keywords.text            'Paf1-Leo1 subcomplex, transcription elongator, Transcription Regulator' 
# 
loop_
_struct_asym.id 
_struct_asym.pdbx_blank_PDB_chainid_flag 
_struct_asym.pdbx_modified 
_struct_asym.entity_id 
_struct_asym.details 
A N N 1 ? 
B N N 2 ? 
C N N 3 ? 
# 
loop_
_struct_ref.id 
_struct_ref.db_name 
_struct_ref.db_code 
_struct_ref.pdbx_db_accession 
_struct_ref.entity_id 
_struct_ref.pdbx_seq_one_letter_code 
_struct_ref.pdbx_align_begin 
_struct_ref.pdbx_db_isoform 
1 UNP PAF1_HUMAN Q8N7H5 1 
;KDRDSQITAIEKTFEDAQKSISQHYSKPRVTPVEVMPVFPDFKMWINPCAQVIFDSDPAPKDTSGAAALEMMSQAMIRGM
M
;
170 ? 
2 PDB 4M6T       4M6T   1 SGENLYFQS                                                                                        91  ? 
3 UNP LEO1_HUMAN Q8WVC0 1 
;GNDLYFVKLPNFLSVEPRPFDPQYYEDEFEDEEMLDEEGRTRLKLKVENTIRWRIRRDEEGNEIKESNARIVKWSDGSMS
LHLGNEVFDVYKA
;
370 ? 
# 
loop_
_struct_ref_seq.align_id 
_struct_ref_seq.ref_id 
_struct_ref_seq.pdbx_PDB_id_code 
_struct_ref_seq.pdbx_strand_id 
_struct_ref_seq.seq_align_beg 
_struct_ref_seq.pdbx_seq_align_beg_ins_code 
_struct_ref_seq.seq_align_end 
_struct_ref_seq.pdbx_seq_align_end_ins_code 
_struct_ref_seq.pdbx_db_accession 
_struct_ref_seq.db_align_beg 
_struct_ref_seq.pdbx_db_align_beg_ins_code 
_struct_ref_seq.db_align_end 
_struct_ref_seq.pdbx_db_align_end_ins_code 
_struct_ref_seq.pdbx_auth_seq_align_beg 
_struct_ref_seq.pdbx_auth_seq_align_end 
1 1 4M6T A 1  ? 81  ? Q8N7H5 170 ? 250 ? 10  90  
2 2 4M6T A 82 ? 90  ? 4M6T   91  ? 99  ? 91  99  
3 3 4M6T A 91 ? 183 ? Q8WVC0 370 ? 462 ? 100 192 
# 
loop_
_pdbx_struct_assembly.id 
_pdbx_struct_assembly.details 
_pdbx_struct_assembly.method_details 
_pdbx_struct_assembly.oligomeric_details 
_pdbx_struct_assembly.oligomeric_count 
1 author_defined_assembly   ?    monomeric 1 
2 software_defined_assembly PISA hexameric 6 
# 
loop_
_pdbx_struct_assembly_prop.biol_id 
_pdbx_struct_assembly_prop.type 
_pdbx_struct_assembly_prop.value 
_pdbx_struct_assembly_prop.details 
2 'ABSA (A^2)' 23940 ? 
2 MORE         -161  ? 
2 'SSA (A^2)'  46220 ? 
# 
loop_
_pdbx_struct_assembly_gen.assembly_id 
_pdbx_struct_assembly_gen.oper_expression 
_pdbx_struct_assembly_gen.asym_id_list 
1 1           A,B,C 
2 1,2,3,4,5,6 A,B,C 
# 
loop_
_pdbx_struct_oper_list.id 
_pdbx_struct_oper_list.type 
_pdbx_struct_oper_list.name 
_pdbx_struct_oper_list.symmetry_operation 
_pdbx_struct_oper_list.matrix[1][1] 
_pdbx_struct_oper_list.matrix[1][2] 
_pdbx_struct_oper_list.matrix[1][3] 
_pdbx_struct_oper_list.vector[1] 
_pdbx_struct_oper_list.matrix[2][1] 
_pdbx_struct_oper_list.matrix[2][2] 
_pdbx_struct_oper_list.matrix[2][3] 
_pdbx_struct_oper_list.vector[2] 
_pdbx_struct_oper_list.matrix[3][1] 
_pdbx_struct_oper_list.matrix[3][2] 
_pdbx_struct_oper_list.matrix[3][3] 
_pdbx_struct_oper_list.vector[3] 
1 'identity operation'         1_555 x,y,z      1.0000000000  0.0000000000  0.0000000000  0.0000000000   0.0000000000  1.0000000000  0.0000000000  0.0000000000  0.0000000000  0.0000000000  1.0000000000  0.0000000000   
2 'crystal symmetry operation' 2_555 -y,x-y,z   0.8610831630  0.0740190686  0.5030476756  -9.5491254854  0.4802119485  -0.4435794908 -0.7567256569 33.5900694291 0.1671295035  0.8931732267  -0.4175036722 11.0085059943  
3 'crystal symmetry operation' 3_555 -x+y,-x,z  0.8610831630  0.4802119485  0.1671295035  -9.7476076559  0.0740190686  -0.4435794908 0.8931732267  5.7741804485  0.5030476756  -0.7567256569 -0.4175036722 34.8182244112  
4 'crystal symmetry operation' 4_555 y,x,-z     -0.9888067836 0.0894340613  -0.1194265190 -33.0218160739 0.0894340613  -0.2854197563 -0.9542206828 27.7668820094 -0.1194265190 -0.9542206828 0.2742265399  17.6986209738  
5 'crystal symmetry operation' 5_555 x-y,-y,-z  -0.8284572627 -0.2195302419 -0.5152329927 -21.8901872383 -0.2195302419 -0.7190581901 0.6593646883  6.8210513981  -0.5152329927 0.6593646883  0.5475154528  -10.1944746860 
6 'crystal symmetry operation' 6_555 -x,-x+y,-z -0.9049022796 -0.4241348366 -0.0355176674 -27.0251264306 -0.4241348366 0.8916369280  0.1584084247  -7.9772211781 -0.0355176674 0.1584084247  -0.9867346484 22.9009826195 
# 
_struct_biol.id        1 
_struct_biol.details   ? 
# 
loop_
_struct_conf.conf_type_id 
_struct_conf.id 
_struct_conf.pdbx_PDB_helix_id 
_struct_conf.beg_label_comp_id 
_struct_conf.beg_label_asym_id 
_struct_conf.beg_label_seq_id 
_struct_conf.pdbx_beg_PDB_ins_code 
_struct_conf.end_label_comp_id 
_struct_conf.end_label_asym_id 
_struct_conf.end_label_seq_id 
_struct_conf.pdbx_end_PDB_ins_code 
_struct_conf.beg_auth_comp_id 
_struct_conf.beg_auth_asym_id 
_struct_conf.beg_auth_seq_id 
_struct_conf.end_auth_comp_id 
_struct_conf.end_auth_asym_id 
_struct_conf.end_auth_seq_id 
_struct_conf.pdbx_PDB_helix_class 
_struct_conf.details 
_struct_conf.pdbx_PDB_helix_length 
HELX_P HELX_P1 1 ASP A 2   ? LYS A 19  ? ASP A 11  LYS A 28  1 ? 18 
HELX_P HELX_P2 2 MET A 76  ? MET A 81  ? MET A 85  MET A 90  1 ? 6  
HELX_P HELX_P3 3 ASP A 111 ? TYR A 115 ? ASP A 120 TYR A 124 5 ? 5  
HELX_P HELX_P4 4 GLY A 129 ? GLU A 138 ? GLY A 138 GLU A 147 1 ? 10 
# 
_struct_conf_type.id          HELX_P 
_struct_conf_type.criteria    ? 
_struct_conf_type.reference   ? 
# 
loop_
_struct_sheet.id 
_struct_sheet.type 
_struct_sheet.number_strands 
_struct_sheet.details 
A ? 4 ? 
B ? 2 ? 
C ? 2 ? 
D ? 2 ? 
E ? 2 ? 
# 
loop_
_struct_sheet_order.sheet_id 
_struct_sheet_order.range_id_1 
_struct_sheet_order.range_id_2 
_struct_sheet_order.offset 
_struct_sheet_order.sense 
A 1 2 ? anti-parallel 
A 2 3 ? anti-parallel 
A 3 4 ? anti-parallel 
B 1 2 ? anti-parallel 
C 1 2 ? anti-parallel 
D 1 2 ? parallel      
E 1 2 ? anti-parallel 
# 
loop_
_struct_sheet_range.sheet_id 
_struct_sheet_range.id 
_struct_sheet_range.beg_label_comp_id 
_struct_sheet_range.beg_label_asym_id 
_struct_sheet_range.beg_label_seq_id 
_struct_sheet_range.pdbx_beg_PDB_ins_code 
_struct_sheet_range.end_label_comp_id 
_struct_sheet_range.end_label_asym_id 
_struct_sheet_range.end_label_seq_id 
_struct_sheet_range.pdbx_end_PDB_ins_code 
_struct_sheet_range.beg_auth_comp_id 
_struct_sheet_range.beg_auth_asym_id 
_struct_sheet_range.beg_auth_seq_id 
_struct_sheet_range.end_auth_comp_id 
_struct_sheet_range.end_auth_asym_id 
_struct_sheet_range.end_auth_seq_id 
A 1 PRO A 32  ? PRO A 37  ? PRO A 41  PRO A 46  
A 2 ALA A 159 ? TRP A 164 ? ALA A 168 TRP A 173 
A 3 MET A 169 ? LEU A 173 ? MET A 178 LEU A 182 
A 4 GLU A 176 ? VAL A 180 ? GLU A 185 VAL A 189 
B 1 LYS A 43  ? ILE A 46  ? LYS A 52  ILE A 55  
B 2 LEU A 69  ? MET A 72  ? LEU A 78  MET A 81  
C 1 ASN A 85  ? SER A 90  ? ASN A 94  SER A 99  
C 2 ASP A 93  ? LYS A 98  ? ASP A 102 LYS A 107 
D 1 SER A 104 ? VAL A 105 ? SER A 113 VAL A 114 
D 2 THR A 140 ? ILE A 141 ? THR A 149 ILE A 150 
E 1 TRP A 143 ? ARG A 147 ? TRP A 152 ARG A 156 
E 2 GLU A 153 ? SER A 157 ? GLU A 162 SER A 166 
# 
loop_
_pdbx_struct_sheet_hbond.sheet_id 
_pdbx_struct_sheet_hbond.range_id_1 
_pdbx_struct_sheet_hbond.range_id_2 
_pdbx_struct_sheet_hbond.range_1_label_atom_id 
_pdbx_struct_sheet_hbond.range_1_label_comp_id 
_pdbx_struct_sheet_hbond.range_1_label_asym_id 
_pdbx_struct_sheet_hbond.range_1_label_seq_id 
_pdbx_struct_sheet_hbond.range_1_PDB_ins_code 
_pdbx_struct_sheet_hbond.range_1_auth_atom_id 
_pdbx_struct_sheet_hbond.range_1_auth_comp_id 
_pdbx_struct_sheet_hbond.range_1_auth_asym_id 
_pdbx_struct_sheet_hbond.range_1_auth_seq_id 
_pdbx_struct_sheet_hbond.range_2_label_atom_id 
_pdbx_struct_sheet_hbond.range_2_label_comp_id 
_pdbx_struct_sheet_hbond.range_2_label_asym_id 
_pdbx_struct_sheet_hbond.range_2_label_seq_id 
_pdbx_struct_sheet_hbond.range_2_PDB_ins_code 
_pdbx_struct_sheet_hbond.range_2_auth_atom_id 
_pdbx_struct_sheet_hbond.range_2_auth_comp_id 
_pdbx_struct_sheet_hbond.range_2_auth_asym_id 
_pdbx_struct_sheet_hbond.range_2_auth_seq_id 
A 1 2 N MET A 36  ? N MET A 45  O ILE A 161 ? O ILE A 170 
A 2 3 N ARG A 160 ? N ARG A 169 O HIS A 172 ? O HIS A 181 
A 3 4 N LEU A 171 ? N LEU A 180 O PHE A 178 ? O PHE A 187 
B 1 2 N ILE A 46  ? N ILE A 55  O LEU A 69  ? O LEU A 78  
C 1 2 N LEU A 86  ? N LEU A 95  O VAL A 97  ? O VAL A 106 
D 1 2 N SER A 104 ? N SER A 113 O ILE A 141 ? O ILE A 150 
E 1 2 N ARG A 146 ? N ARG A 155 O ILE A 154 ? O ILE A 163 
# 
_struct_site.id                   AC1 
_struct_site.pdbx_evidence_code   Software 
_struct_site.pdbx_auth_asym_id    A 
_struct_site.pdbx_auth_comp_id    SAM 
_struct_site.pdbx_auth_seq_id     201 
_struct_site.pdbx_auth_ins_code   ? 
_struct_site.pdbx_num_residues    13 
_struct_site.details              'BINDING SITE FOR RESIDUE SAM A 201' 
# 
loop_
_struct_site_gen.id 
_struct_site_gen.site_id 
_struct_site_gen.pdbx_num_res 
_struct_site_gen.label_comp_id 
_struct_site_gen.label_asym_id 
_struct_site_gen.label_seq_id 
_struct_site_gen.pdbx_auth_ins_code 
_struct_site_gen.auth_comp_id 
_struct_site_gen.auth_asym_id 
_struct_site_gen.auth_seq_id 
_struct_site_gen.label_atom_id 
_struct_site_gen.label_alt_id 
_struct_site_gen.symmetry 
_struct_site_gen.details 
1  AC1 13 ALA A 17  ? ALA A 26  . ? 1_555 ? 
2  AC1 13 GLN A 18  ? GLN A 27  . ? 1_555 ? 
3  AC1 13 LYS A 19  ? LYS A 28  . ? 1_555 ? 
4  AC1 13 SER A 20  ? SER A 29  . ? 1_555 ? 
5  AC1 13 ILE A 21  ? ILE A 30  . ? 1_555 ? 
6  AC1 13 PRO A 32  ? PRO A 41  . ? 1_555 ? 
7  AC1 13 VAL A 33  ? VAL A 42  . ? 1_555 ? 
8  AC1 13 GLU A 34  ? GLU A 43  . ? 1_555 ? 
9  AC1 13 VAL A 35  ? VAL A 44  . ? 1_555 ? 
10 AC1 13 GLU A 149 ? GLU A 158 . ? 5_555 ? 
11 AC1 13 GLU A 150 ? GLU A 159 . ? 5_555 ? 
12 AC1 13 GLY A 151 ? GLY A 160 . ? 5_555 ? 
13 AC1 13 ARG A 160 ? ARG A 169 . ? 1_555 ? 
# 
_pdbx_validate_close_contact.id               1 
_pdbx_validate_close_contact.PDB_model_num    1 
_pdbx_validate_close_contact.auth_atom_id_1   OG1 
_pdbx_validate_close_contact.auth_asym_id_1   A 
_pdbx_validate_close_contact.auth_comp_id_1   THR 
_pdbx_validate_close_contact.auth_seq_id_1    22 
_pdbx_validate_close_contact.PDB_ins_code_1   ? 
_pdbx_validate_close_contact.label_alt_id_1   ? 
_pdbx_validate_close_contact.auth_atom_id_2   OD1 
_pdbx_validate_close_contact.auth_asym_id_2   A 
_pdbx_validate_close_contact.auth_comp_id_2   ASN 
_pdbx_validate_close_contact.auth_seq_id_2    167 
_pdbx_validate_close_contact.PDB_ins_code_2   ? 
_pdbx_validate_close_contact.label_alt_id_2   ? 
_pdbx_validate_close_contact.dist             2.18 
# 
loop_
_pdbx_validate_torsion.id 
_pdbx_validate_torsion.PDB_model_num 
_pdbx_validate_torsion.auth_comp_id 
_pdbx_validate_torsion.auth_asym_id 
_pdbx_validate_torsion.auth_seq_id 
_pdbx_validate_torsion.PDB_ins_code 
_pdbx_validate_torsion.label_alt_id 
_pdbx_validate_torsion.phi 
_pdbx_validate_torsion.psi 
1 1 SER A 31  ? ? -131.15 -34.70 
2 1 ASN A 94  ? ? -179.64 146.37 
3 1 ASP A 157 ? ? -40.10  165.74 
# 
_pdbx_validate_peptide_omega.id               1 
_pdbx_validate_peptide_omega.PDB_model_num    1 
_pdbx_validate_peptide_omega.auth_comp_id_1   GLU 
_pdbx_validate_peptide_omega.auth_asym_id_1   A 
_pdbx_validate_peptide_omega.auth_seq_id_1    93 
_pdbx_validate_peptide_omega.PDB_ins_code_1   ? 
_pdbx_validate_peptide_omega.label_alt_id_1   ? 
_pdbx_validate_peptide_omega.auth_comp_id_2   ASN 
_pdbx_validate_peptide_omega.auth_asym_id_2   A 
_pdbx_validate_peptide_omega.auth_seq_id_2    94 
_pdbx_validate_peptide_omega.PDB_ins_code_2   ? 
_pdbx_validate_peptide_omega.label_alt_id_2   ? 
_pdbx_validate_peptide_omega.omega            -147.27 
# 
loop_
_pdbx_unobs_or_zero_occ_residues.id 
_pdbx_unobs_or_zero_occ_residues.PDB_model_num 
_pdbx_unobs_or_zero_occ_residues.polymer_flag 
_pdbx_unobs_or_zero_occ_residues.occupancy_flag 
_pdbx_unobs_or_zero_occ_residues.auth_asym_id 
_pdbx_unobs_or_zero_occ_residues.auth_comp_id 
_pdbx_unobs_or_zero_occ_residues.auth_seq_id 
_pdbx_unobs_or_zero_occ_residues.PDB_ins_code 
_pdbx_unobs_or_zero_occ_residues.label_asym_id 
_pdbx_unobs_or_zero_occ_residues.label_comp_id 
_pdbx_unobs_or_zero_occ_residues.label_seq_id 
1 1 Y 1 A ASP 130 ? A ASP 121 
2 1 Y 1 A GLU 131 ? A GLU 122 
3 1 Y 1 A GLU 132 ? A GLU 123 
4 1 Y 1 A MET 133 ? A MET 124 
5 1 Y 1 A LEU 134 ? A LEU 125 
6 1 Y 1 A ASP 135 ? A ASP 126 
# 
loop_
_chem_comp_atom.comp_id 
_chem_comp_atom.atom_id 
_chem_comp_atom.type_symbol 
_chem_comp_atom.pdbx_aromatic_flag 
_chem_comp_atom.pdbx_stereo_config 
_chem_comp_atom.pdbx_ordinal 
ALA N      N N N 1   
ALA CA     C N S 2   
ALA C      C N N 3   
ALA O      O N N 4   
ALA CB     C N N 5   
ALA OXT    O N N 6   
ALA H      H N N 7   
ALA H2     H N N 8   
ALA HA     H N N 9   
ALA HB1    H N N 10  
ALA HB2    H N N 11  
ALA HB3    H N N 12  
ALA HXT    H N N 13  
ARG N      N N N 14  
ARG CA     C N S 15  
ARG C      C N N 16  
ARG O      O N N 17  
ARG CB     C N N 18  
ARG CG     C N N 19  
ARG CD     C N N 20  
ARG NE     N N N 21  
ARG CZ     C N N 22  
ARG NH1    N N N 23  
ARG NH2    N N N 24  
ARG OXT    O N N 25  
ARG H      H N N 26  
ARG H2     H N N 27  
ARG HA     H N N 28  
ARG HB2    H N N 29  
ARG HB3    H N N 30  
ARG HG2    H N N 31  
ARG HG3    H N N 32  
ARG HD2    H N N 33  
ARG HD3    H N N 34  
ARG HE     H N N 35  
ARG HH11   H N N 36  
ARG HH12   H N N 37  
ARG HH21   H N N 38  
ARG HH22   H N N 39  
ARG HXT    H N N 40  
ASN N      N N N 41  
ASN CA     C N S 42  
ASN C      C N N 43  
ASN O      O N N 44  
ASN CB     C N N 45  
ASN CG     C N N 46  
ASN OD1    O N N 47  
ASN ND2    N N N 48  
ASN OXT    O N N 49  
ASN H      H N N 50  
ASN H2     H N N 51  
ASN HA     H N N 52  
ASN HB2    H N N 53  
ASN HB3    H N N 54  
ASN HD21   H N N 55  
ASN HD22   H N N 56  
ASN HXT    H N N 57  
ASP N      N N N 58  
ASP CA     C N S 59  
ASP C      C N N 60  
ASP O      O N N 61  
ASP CB     C N N 62  
ASP CG     C N N 63  
ASP OD1    O N N 64  
ASP OD2    O N N 65  
ASP OXT    O N N 66  
ASP H      H N N 67  
ASP H2     H N N 68  
ASP HA     H N N 69  
ASP HB2    H N N 70  
ASP HB3    H N N 71  
ASP HD2    H N N 72  
ASP HXT    H N N 73  
CYS N      N N N 74  
CYS CA     C N R 75  
CYS C      C N N 76  
CYS O      O N N 77  
CYS CB     C N N 78  
CYS SG     S N N 79  
CYS OXT    O N N 80  
CYS H      H N N 81  
CYS H2     H N N 82  
CYS HA     H N N 83  
CYS HB2    H N N 84  
CYS HB3    H N N 85  
CYS HG     H N N 86  
CYS HXT    H N N 87  
GLN N      N N N 88  
GLN CA     C N S 89  
GLN C      C N N 90  
GLN O      O N N 91  
GLN CB     C N N 92  
GLN CG     C N N 93  
GLN CD     C N N 94  
GLN OE1    O N N 95  
GLN NE2    N N N 96  
GLN OXT    O N N 97  
GLN H      H N N 98  
GLN H2     H N N 99  
GLN HA     H N N 100 
GLN HB2    H N N 101 
GLN HB3    H N N 102 
GLN HG2    H N N 103 
GLN HG3    H N N 104 
GLN HE21   H N N 105 
GLN HE22   H N N 106 
GLN HXT    H N N 107 
GLU N      N N N 108 
GLU CA     C N S 109 
GLU C      C N N 110 
GLU O      O N N 111 
GLU CB     C N N 112 
GLU CG     C N N 113 
GLU CD     C N N 114 
GLU OE1    O N N 115 
GLU OE2    O N N 116 
GLU OXT    O N N 117 
GLU H      H N N 118 
GLU H2     H N N 119 
GLU HA     H N N 120 
GLU HB2    H N N 121 
GLU HB3    H N N 122 
GLU HG2    H N N 123 
GLU HG3    H N N 124 
GLU HE2    H N N 125 
GLU HXT    H N N 126 
GLY N      N N N 127 
GLY CA     C N N 128 
GLY C      C N N 129 
GLY O      O N N 130 
GLY OXT    O N N 131 
GLY H      H N N 132 
GLY H2     H N N 133 
GLY HA2    H N N 134 
GLY HA3    H N N 135 
GLY HXT    H N N 136 
HIS N      N N N 137 
HIS CA     C N S 138 
HIS C      C N N 139 
HIS O      O N N 140 
HIS CB     C N N 141 
HIS CG     C Y N 142 
HIS ND1    N Y N 143 
HIS CD2    C Y N 144 
HIS CE1    C Y N 145 
HIS NE2    N Y N 146 
HIS OXT    O N N 147 
HIS H      H N N 148 
HIS H2     H N N 149 
HIS HA     H N N 150 
HIS HB2    H N N 151 
HIS HB3    H N N 152 
HIS HD1    H N N 153 
HIS HD2    H N N 154 
HIS HE1    H N N 155 
HIS HE2    H N N 156 
HIS HXT    H N N 157 
HOH O      O N N 158 
HOH H1     H N N 159 
HOH H2     H N N 160 
ILE N      N N N 161 
ILE CA     C N S 162 
ILE C      C N N 163 
ILE O      O N N 164 
ILE CB     C N S 165 
ILE CG1    C N N 166 
ILE CG2    C N N 167 
ILE CD1    C N N 168 
ILE OXT    O N N 169 
ILE H      H N N 170 
ILE H2     H N N 171 
ILE HA     H N N 172 
ILE HB     H N N 173 
ILE HG12   H N N 174 
ILE HG13   H N N 175 
ILE HG21   H N N 176 
ILE HG22   H N N 177 
ILE HG23   H N N 178 
ILE HD11   H N N 179 
ILE HD12   H N N 180 
ILE HD13   H N N 181 
ILE HXT    H N N 182 
LEU N      N N N 183 
LEU CA     C N S 184 
LEU C      C N N 185 
LEU O      O N N 186 
LEU CB     C N N 187 
LEU CG     C N N 188 
LEU CD1    C N N 189 
LEU CD2    C N N 190 
LEU OXT    O N N 191 
LEU H      H N N 192 
LEU H2     H N N 193 
LEU HA     H N N 194 
LEU HB2    H N N 195 
LEU HB3    H N N 196 
LEU HG     H N N 197 
LEU HD11   H N N 198 
LEU HD12   H N N 199 
LEU HD13   H N N 200 
LEU HD21   H N N 201 
LEU HD22   H N N 202 
LEU HD23   H N N 203 
LEU HXT    H N N 204 
LYS N      N N N 205 
LYS CA     C N S 206 
LYS C      C N N 207 
LYS O      O N N 208 
LYS CB     C N N 209 
LYS CG     C N N 210 
LYS CD     C N N 211 
LYS CE     C N N 212 
LYS NZ     N N N 213 
LYS OXT    O N N 214 
LYS H      H N N 215 
LYS H2     H N N 216 
LYS HA     H N N 217 
LYS HB2    H N N 218 
LYS HB3    H N N 219 
LYS HG2    H N N 220 
LYS HG3    H N N 221 
LYS HD2    H N N 222 
LYS HD3    H N N 223 
LYS HE2    H N N 224 
LYS HE3    H N N 225 
LYS HZ1    H N N 226 
LYS HZ2    H N N 227 
LYS HZ3    H N N 228 
LYS HXT    H N N 229 
MET N      N N N 230 
MET CA     C N S 231 
MET C      C N N 232 
MET O      O N N 233 
MET CB     C N N 234 
MET CG     C N N 235 
MET SD     S N N 236 
MET CE     C N N 237 
MET OXT    O N N 238 
MET H      H N N 239 
MET H2     H N N 240 
MET HA     H N N 241 
MET HB2    H N N 242 
MET HB3    H N N 243 
MET HG2    H N N 244 
MET HG3    H N N 245 
MET HE1    H N N 246 
MET HE2    H N N 247 
MET HE3    H N N 248 
MET HXT    H N N 249 
PHE N      N N N 250 
PHE CA     C N S 251 
PHE C      C N N 252 
PHE O      O N N 253 
PHE CB     C N N 254 
PHE CG     C Y N 255 
PHE CD1    C Y N 256 
PHE CD2    C Y N 257 
PHE CE1    C Y N 258 
PHE CE2    C Y N 259 
PHE CZ     C Y N 260 
PHE OXT    O N N 261 
PHE H      H N N 262 
PHE H2     H N N 263 
PHE HA     H N N 264 
PHE HB2    H N N 265 
PHE HB3    H N N 266 
PHE HD1    H N N 267 
PHE HD2    H N N 268 
PHE HE1    H N N 269 
PHE HE2    H N N 270 
PHE HZ     H N N 271 
PHE HXT    H N N 272 
PRO N      N N N 273 
PRO CA     C N S 274 
PRO C      C N N 275 
PRO O      O N N 276 
PRO CB     C N N 277 
PRO CG     C N N 278 
PRO CD     C N N 279 
PRO OXT    O N N 280 
PRO H      H N N 281 
PRO HA     H N N 282 
PRO HB2    H N N 283 
PRO HB3    H N N 284 
PRO HG2    H N N 285 
PRO HG3    H N N 286 
PRO HD2    H N N 287 
PRO HD3    H N N 288 
PRO HXT    H N N 289 
SAM N      N N N 290 
SAM CA     C N S 291 
SAM C      C N N 292 
SAM O      O N N 293 
SAM OXT    O N N 294 
SAM CB     C N N 295 
SAM CG     C N N 296 
SAM SD     S N S 297 
SAM CE     C N N 298 
SAM "C5'"  C N N 299 
SAM "C4'"  C N S 300 
SAM "O4'"  O N N 301 
SAM "C3'"  C N S 302 
SAM "O3'"  O N N 303 
SAM "C2'"  C N R 304 
SAM "O2'"  O N N 305 
SAM "C1'"  C N R 306 
SAM N9     N Y N 307 
SAM C8     C Y N 308 
SAM N7     N Y N 309 
SAM C5     C Y N 310 
SAM C6     C Y N 311 
SAM N6     N N N 312 
SAM N1     N Y N 313 
SAM C2     C Y N 314 
SAM N3     N Y N 315 
SAM C4     C Y N 316 
SAM HN1    H N N 317 
SAM HN2    H N N 318 
SAM HA     H N N 319 
SAM HB1    H N N 320 
SAM HB2    H N N 321 
SAM HG1    H N N 322 
SAM HG2    H N N 323 
SAM HE1    H N N 324 
SAM HE2    H N N 325 
SAM HE3    H N N 326 
SAM "H5'1" H N N 327 
SAM "H5'2" H N N 328 
SAM "H4'"  H N N 329 
SAM "H3'"  H N N 330 
SAM "HO3'" H N N 331 
SAM "H2'"  H N N 332 
SAM "HO2'" H N N 333 
SAM "H1'"  H N N 334 
SAM H8     H N N 335 
SAM HN61   H N N 336 
SAM HN62   H N N 337 
SAM H2     H N N 338 
SER N      N N N 339 
SER CA     C N S 340 
SER C      C N N 341 
SER O      O N N 342 
SER CB     C N N 343 
SER OG     O N N 344 
SER OXT    O N N 345 
SER H      H N N 346 
SER H2     H N N 347 
SER HA     H N N 348 
SER HB2    H N N 349 
SER HB3    H N N 350 
SER HG     H N N 351 
SER HXT    H N N 352 
THR N      N N N 353 
THR CA     C N S 354 
THR C      C N N 355 
THR O      O N N 356 
THR CB     C N R 357 
THR OG1    O N N 358 
THR CG2    C N N 359 
THR OXT    O N N 360 
THR H      H N N 361 
THR H2     H N N 362 
THR HA     H N N 363 
THR HB     H N N 364 
THR HG1    H N N 365 
THR HG21   H N N 366 
THR HG22   H N N 367 
THR HG23   H N N 368 
THR HXT    H N N 369 
TRP N      N N N 370 
TRP CA     C N S 371 
TRP C      C N N 372 
TRP O      O N N 373 
TRP CB     C N N 374 
TRP CG     C Y N 375 
TRP CD1    C Y N 376 
TRP CD2    C Y N 377 
TRP NE1    N Y N 378 
TRP CE2    C Y N 379 
TRP CE3    C Y N 380 
TRP CZ2    C Y N 381 
TRP CZ3    C Y N 382 
TRP CH2    C Y N 383 
TRP OXT    O N N 384 
TRP H      H N N 385 
TRP H2     H N N 386 
TRP HA     H N N 387 
TRP HB2    H N N 388 
TRP HB3    H N N 389 
TRP HD1    H N N 390 
TRP HE1    H N N 391 
TRP HE3    H N N 392 
TRP HZ2    H N N 393 
TRP HZ3    H N N 394 
TRP HH2    H N N 395 
TRP HXT    H N N 396 
TYR N      N N N 397 
TYR CA     C N S 398 
TYR C      C N N 399 
TYR O      O N N 400 
TYR CB     C N N 401 
TYR CG     C Y N 402 
TYR CD1    C Y N 403 
TYR CD2    C Y N 404 
TYR CE1    C Y N 405 
TYR CE2    C Y N 406 
TYR CZ     C Y N 407 
TYR OH     O N N 408 
TYR OXT    O N N 409 
TYR H      H N N 410 
TYR H2     H N N 411 
TYR HA     H N N 412 
TYR HB2    H N N 413 
TYR HB3    H N N 414 
TYR HD1    H N N 415 
TYR HD2    H N N 416 
TYR HE1    H N N 417 
TYR HE2    H N N 418 
TYR HH     H N N 419 
TYR HXT    H N N 420 
VAL N      N N N 421 
VAL CA     C N S 422 
VAL C      C N N 423 
VAL O      O N N 424 
VAL CB     C N N 425 
VAL CG1    C N N 426 
VAL CG2    C N N 427 
VAL OXT    O N N 428 
VAL H      H N N 429 
VAL H2     H N N 430 
VAL HA     H N N 431 
VAL HB     H N N 432 
VAL HG11   H N N 433 
VAL HG12   H N N 434 
VAL HG13   H N N 435 
VAL HG21   H N N 436 
VAL HG22   H N N 437 
VAL HG23   H N N 438 
VAL HXT    H N N 439 
# 
loop_
_chem_comp_bond.comp_id 
_chem_comp_bond.atom_id_1 
_chem_comp_bond.atom_id_2 
_chem_comp_bond.value_order 
_chem_comp_bond.pdbx_aromatic_flag 
_chem_comp_bond.pdbx_stereo_config 
_chem_comp_bond.pdbx_ordinal 
ALA N     CA     sing N N 1   
ALA N     H      sing N N 2   
ALA N     H2     sing N N 3   
ALA CA    C      sing N N 4   
ALA CA    CB     sing N N 5   
ALA CA    HA     sing N N 6   
ALA C     O      doub N N 7   
ALA C     OXT    sing N N 8   
ALA CB    HB1    sing N N 9   
ALA CB    HB2    sing N N 10  
ALA CB    HB3    sing N N 11  
ALA OXT   HXT    sing N N 12  
ARG N     CA     sing N N 13  
ARG N     H      sing N N 14  
ARG N     H2     sing N N 15  
ARG CA    C      sing N N 16  
ARG CA    CB     sing N N 17  
ARG CA    HA     sing N N 18  
ARG C     O      doub N N 19  
ARG C     OXT    sing N N 20  
ARG CB    CG     sing N N 21  
ARG CB    HB2    sing N N 22  
ARG CB    HB3    sing N N 23  
ARG CG    CD     sing N N 24  
ARG CG    HG2    sing N N 25  
ARG CG    HG3    sing N N 26  
ARG CD    NE     sing N N 27  
ARG CD    HD2    sing N N 28  
ARG CD    HD3    sing N N 29  
ARG NE    CZ     sing N N 30  
ARG NE    HE     sing N N 31  
ARG CZ    NH1    sing N N 32  
ARG CZ    NH2    doub N N 33  
ARG NH1   HH11   sing N N 34  
ARG NH1   HH12   sing N N 35  
ARG NH2   HH21   sing N N 36  
ARG NH2   HH22   sing N N 37  
ARG OXT   HXT    sing N N 38  
ASN N     CA     sing N N 39  
ASN N     H      sing N N 40  
ASN N     H2     sing N N 41  
ASN CA    C      sing N N 42  
ASN CA    CB     sing N N 43  
ASN CA    HA     sing N N 44  
ASN C     O      doub N N 45  
ASN C     OXT    sing N N 46  
ASN CB    CG     sing N N 47  
ASN CB    HB2    sing N N 48  
ASN CB    HB3    sing N N 49  
ASN CG    OD1    doub N N 50  
ASN CG    ND2    sing N N 51  
ASN ND2   HD21   sing N N 52  
ASN ND2   HD22   sing N N 53  
ASN OXT   HXT    sing N N 54  
ASP N     CA     sing N N 55  
ASP N     H      sing N N 56  
ASP N     H2     sing N N 57  
ASP CA    C      sing N N 58  
ASP CA    CB     sing N N 59  
ASP CA    HA     sing N N 60  
ASP C     O      doub N N 61  
ASP C     OXT    sing N N 62  
ASP CB    CG     sing N N 63  
ASP CB    HB2    sing N N 64  
ASP CB    HB3    sing N N 65  
ASP CG    OD1    doub N N 66  
ASP CG    OD2    sing N N 67  
ASP OD2   HD2    sing N N 68  
ASP OXT   HXT    sing N N 69  
CYS N     CA     sing N N 70  
CYS N     H      sing N N 71  
CYS N     H2     sing N N 72  
CYS CA    C      sing N N 73  
CYS CA    CB     sing N N 74  
CYS CA    HA     sing N N 75  
CYS C     O      doub N N 76  
CYS C     OXT    sing N N 77  
CYS CB    SG     sing N N 78  
CYS CB    HB2    sing N N 79  
CYS CB    HB3    sing N N 80  
CYS SG    HG     sing N N 81  
CYS OXT   HXT    sing N N 82  
GLN N     CA     sing N N 83  
GLN N     H      sing N N 84  
GLN N     H2     sing N N 85  
GLN CA    C      sing N N 86  
GLN CA    CB     sing N N 87  
GLN CA    HA     sing N N 88  
GLN C     O      doub N N 89  
GLN C     OXT    sing N N 90  
GLN CB    CG     sing N N 91  
GLN CB    HB2    sing N N 92  
GLN CB    HB3    sing N N 93  
GLN CG    CD     sing N N 94  
GLN CG    HG2    sing N N 95  
GLN CG    HG3    sing N N 96  
GLN CD    OE1    doub N N 97  
GLN CD    NE2    sing N N 98  
GLN NE2   HE21   sing N N 99  
GLN NE2   HE22   sing N N 100 
GLN OXT   HXT    sing N N 101 
GLU N     CA     sing N N 102 
GLU N     H      sing N N 103 
GLU N     H2     sing N N 104 
GLU CA    C      sing N N 105 
GLU CA    CB     sing N N 106 
GLU CA    HA     sing N N 107 
GLU C     O      doub N N 108 
GLU C     OXT    sing N N 109 
GLU CB    CG     sing N N 110 
GLU CB    HB2    sing N N 111 
GLU CB    HB3    sing N N 112 
GLU CG    CD     sing N N 113 
GLU CG    HG2    sing N N 114 
GLU CG    HG3    sing N N 115 
GLU CD    OE1    doub N N 116 
GLU CD    OE2    sing N N 117 
GLU OE2   HE2    sing N N 118 
GLU OXT   HXT    sing N N 119 
GLY N     CA     sing N N 120 
GLY N     H      sing N N 121 
GLY N     H2     sing N N 122 
GLY CA    C      sing N N 123 
GLY CA    HA2    sing N N 124 
GLY CA    HA3    sing N N 125 
GLY C     O      doub N N 126 
GLY C     OXT    sing N N 127 
GLY OXT   HXT    sing N N 128 
HIS N     CA     sing N N 129 
HIS N     H      sing N N 130 
HIS N     H2     sing N N 131 
HIS CA    C      sing N N 132 
HIS CA    CB     sing N N 133 
HIS CA    HA     sing N N 134 
HIS C     O      doub N N 135 
HIS C     OXT    sing N N 136 
HIS CB    CG     sing N N 137 
HIS CB    HB2    sing N N 138 
HIS CB    HB3    sing N N 139 
HIS CG    ND1    sing Y N 140 
HIS CG    CD2    doub Y N 141 
HIS ND1   CE1    doub Y N 142 
HIS ND1   HD1    sing N N 143 
HIS CD2   NE2    sing Y N 144 
HIS CD2   HD2    sing N N 145 
HIS CE1   NE2    sing Y N 146 
HIS CE1   HE1    sing N N 147 
HIS NE2   HE2    sing N N 148 
HIS OXT   HXT    sing N N 149 
HOH O     H1     sing N N 150 
HOH O     H2     sing N N 151 
ILE N     CA     sing N N 152 
ILE N     H      sing N N 153 
ILE N     H2     sing N N 154 
ILE CA    C      sing N N 155 
ILE CA    CB     sing N N 156 
ILE CA    HA     sing N N 157 
ILE C     O      doub N N 158 
ILE C     OXT    sing N N 159 
ILE CB    CG1    sing N N 160 
ILE CB    CG2    sing N N 161 
ILE CB    HB     sing N N 162 
ILE CG1   CD1    sing N N 163 
ILE CG1   HG12   sing N N 164 
ILE CG1   HG13   sing N N 165 
ILE CG2   HG21   sing N N 166 
ILE CG2   HG22   sing N N 167 
ILE CG2   HG23   sing N N 168 
ILE CD1   HD11   sing N N 169 
ILE CD1   HD12   sing N N 170 
ILE CD1   HD13   sing N N 171 
ILE OXT   HXT    sing N N 172 
LEU N     CA     sing N N 173 
LEU N     H      sing N N 174 
LEU N     H2     sing N N 175 
LEU CA    C      sing N N 176 
LEU CA    CB     sing N N 177 
LEU CA    HA     sing N N 178 
LEU C     O      doub N N 179 
LEU C     OXT    sing N N 180 
LEU CB    CG     sing N N 181 
LEU CB    HB2    sing N N 182 
LEU CB    HB3    sing N N 183 
LEU CG    CD1    sing N N 184 
LEU CG    CD2    sing N N 185 
LEU CG    HG     sing N N 186 
LEU CD1   HD11   sing N N 187 
LEU CD1   HD12   sing N N 188 
LEU CD1   HD13   sing N N 189 
LEU CD2   HD21   sing N N 190 
LEU CD2   HD22   sing N N 191 
LEU CD2   HD23   sing N N 192 
LEU OXT   HXT    sing N N 193 
LYS N     CA     sing N N 194 
LYS N     H      sing N N 195 
LYS N     H2     sing N N 196 
LYS CA    C      sing N N 197 
LYS CA    CB     sing N N 198 
LYS CA    HA     sing N N 199 
LYS C     O      doub N N 200 
LYS C     OXT    sing N N 201 
LYS CB    CG     sing N N 202 
LYS CB    HB2    sing N N 203 
LYS CB    HB3    sing N N 204 
LYS CG    CD     sing N N 205 
LYS CG    HG2    sing N N 206 
LYS CG    HG3    sing N N 207 
LYS CD    CE     sing N N 208 
LYS CD    HD2    sing N N 209 
LYS CD    HD3    sing N N 210 
LYS CE    NZ     sing N N 211 
LYS CE    HE2    sing N N 212 
LYS CE    HE3    sing N N 213 
LYS NZ    HZ1    sing N N 214 
LYS NZ    HZ2    sing N N 215 
LYS NZ    HZ3    sing N N 216 
LYS OXT   HXT    sing N N 217 
MET N     CA     sing N N 218 
MET N     H      sing N N 219 
MET N     H2     sing N N 220 
MET CA    C      sing N N 221 
MET CA    CB     sing N N 222 
MET CA    HA     sing N N 223 
MET C     O      doub N N 224 
MET C     OXT    sing N N 225 
MET CB    CG     sing N N 226 
MET CB    HB2    sing N N 227 
MET CB    HB3    sing N N 228 
MET CG    SD     sing N N 229 
MET CG    HG2    sing N N 230 
MET CG    HG3    sing N N 231 
MET SD    CE     sing N N 232 
MET CE    HE1    sing N N 233 
MET CE    HE2    sing N N 234 
MET CE    HE3    sing N N 235 
MET OXT   HXT    sing N N 236 
PHE N     CA     sing N N 237 
PHE N     H      sing N N 238 
PHE N     H2     sing N N 239 
PHE CA    C      sing N N 240 
PHE CA    CB     sing N N 241 
PHE CA    HA     sing N N 242 
PHE C     O      doub N N 243 
PHE C     OXT    sing N N 244 
PHE CB    CG     sing N N 245 
PHE CB    HB2    sing N N 246 
PHE CB    HB3    sing N N 247 
PHE CG    CD1    doub Y N 248 
PHE CG    CD2    sing Y N 249 
PHE CD1   CE1    sing Y N 250 
PHE CD1   HD1    sing N N 251 
PHE CD2   CE2    doub Y N 252 
PHE CD2   HD2    sing N N 253 
PHE CE1   CZ     doub Y N 254 
PHE CE1   HE1    sing N N 255 
PHE CE2   CZ     sing Y N 256 
PHE CE2   HE2    sing N N 257 
PHE CZ    HZ     sing N N 258 
PHE OXT   HXT    sing N N 259 
PRO N     CA     sing N N 260 
PRO N     CD     sing N N 261 
PRO N     H      sing N N 262 
PRO CA    C      sing N N 263 
PRO CA    CB     sing N N 264 
PRO CA    HA     sing N N 265 
PRO C     O      doub N N 266 
PRO C     OXT    sing N N 267 
PRO CB    CG     sing N N 268 
PRO CB    HB2    sing N N 269 
PRO CB    HB3    sing N N 270 
PRO CG    CD     sing N N 271 
PRO CG    HG2    sing N N 272 
PRO CG    HG3    sing N N 273 
PRO CD    HD2    sing N N 274 
PRO CD    HD3    sing N N 275 
PRO OXT   HXT    sing N N 276 
SAM N     CA     sing N N 277 
SAM N     HN1    sing N N 278 
SAM N     HN2    sing N N 279 
SAM CA    C      sing N N 280 
SAM CA    CB     sing N N 281 
SAM CA    HA     sing N N 282 
SAM C     O      doub N N 283 
SAM C     OXT    sing N N 284 
SAM CB    CG     sing N N 285 
SAM CB    HB1    sing N N 286 
SAM CB    HB2    sing N N 287 
SAM CG    SD     sing N N 288 
SAM CG    HG1    sing N N 289 
SAM CG    HG2    sing N N 290 
SAM SD    CE     sing N N 291 
SAM SD    "C5'"  sing N N 292 
SAM CE    HE1    sing N N 293 
SAM CE    HE2    sing N N 294 
SAM CE    HE3    sing N N 295 
SAM "C5'" "C4'"  sing N N 296 
SAM "C5'" "H5'1" sing N N 297 
SAM "C5'" "H5'2" sing N N 298 
SAM "C4'" "O4'"  sing N N 299 
SAM "C4'" "C3'"  sing N N 300 
SAM "C4'" "H4'"  sing N N 301 
SAM "O4'" "C1'"  sing N N 302 
SAM "C3'" "O3'"  sing N N 303 
SAM "C3'" "C2'"  sing N N 304 
SAM "C3'" "H3'"  sing N N 305 
SAM "O3'" "HO3'" sing N N 306 
SAM "C2'" "O2'"  sing N N 307 
SAM "C2'" "C1'"  sing N N 308 
SAM "C2'" "H2'"  sing N N 309 
SAM "O2'" "HO2'" sing N N 310 
SAM "C1'" N9     sing N N 311 
SAM "C1'" "H1'"  sing N N 312 
SAM N9    C8     sing Y N 313 
SAM N9    C4     sing Y N 314 
SAM C8    N7     doub Y N 315 
SAM C8    H8     sing N N 316 
SAM N7    C5     sing Y N 317 
SAM C5    C6     sing Y N 318 
SAM C5    C4     doub Y N 319 
SAM C6    N6     sing N N 320 
SAM C6    N1     doub Y N 321 
SAM N6    HN61   sing N N 322 
SAM N6    HN62   sing N N 323 
SAM N1    C2     sing Y N 324 
SAM C2    N3     doub Y N 325 
SAM C2    H2     sing N N 326 
SAM N3    C4     sing Y N 327 
SER N     CA     sing N N 328 
SER N     H      sing N N 329 
SER N     H2     sing N N 330 
SER CA    C      sing N N 331 
SER CA    CB     sing N N 332 
SER CA    HA     sing N N 333 
SER C     O      doub N N 334 
SER C     OXT    sing N N 335 
SER CB    OG     sing N N 336 
SER CB    HB2    sing N N 337 
SER CB    HB3    sing N N 338 
SER OG    HG     sing N N 339 
SER OXT   HXT    sing N N 340 
THR N     CA     sing N N 341 
THR N     H      sing N N 342 
THR N     H2     sing N N 343 
THR CA    C      sing N N 344 
THR CA    CB     sing N N 345 
THR CA    HA     sing N N 346 
THR C     O      doub N N 347 
THR C     OXT    sing N N 348 
THR CB    OG1    sing N N 349 
THR CB    CG2    sing N N 350 
THR CB    HB     sing N N 351 
THR OG1   HG1    sing N N 352 
THR CG2   HG21   sing N N 353 
THR CG2   HG22   sing N N 354 
THR CG2   HG23   sing N N 355 
THR OXT   HXT    sing N N 356 
TRP N     CA     sing N N 357 
TRP N     H      sing N N 358 
TRP N     H2     sing N N 359 
TRP CA    C      sing N N 360 
TRP CA    CB     sing N N 361 
TRP CA    HA     sing N N 362 
TRP C     O      doub N N 363 
TRP C     OXT    sing N N 364 
TRP CB    CG     sing N N 365 
TRP CB    HB2    sing N N 366 
TRP CB    HB3    sing N N 367 
TRP CG    CD1    doub Y N 368 
TRP CG    CD2    sing Y N 369 
TRP CD1   NE1    sing Y N 370 
TRP CD1   HD1    sing N N 371 
TRP CD2   CE2    doub Y N 372 
TRP CD2   CE3    sing Y N 373 
TRP NE1   CE2    sing Y N 374 
TRP NE1   HE1    sing N N 375 
TRP CE2   CZ2    sing Y N 376 
TRP CE3   CZ3    doub Y N 377 
TRP CE3   HE3    sing N N 378 
TRP CZ2   CH2    doub Y N 379 
TRP CZ2   HZ2    sing N N 380 
TRP CZ3   CH2    sing Y N 381 
TRP CZ3   HZ3    sing N N 382 
TRP CH2   HH2    sing N N 383 
TRP OXT   HXT    sing N N 384 
TYR N     CA     sing N N 385 
TYR N     H      sing N N 386 
TYR N     H2     sing N N 387 
TYR CA    C      sing N N 388 
TYR CA    CB     sing N N 389 
TYR CA    HA     sing N N 390 
TYR C     O      doub N N 391 
TYR C     OXT    sing N N 392 
TYR CB    CG     sing N N 393 
TYR CB    HB2    sing N N 394 
TYR CB    HB3    sing N N 395 
TYR CG    CD1    doub Y N 396 
TYR CG    CD2    sing Y N 397 
TYR CD1   CE1    sing Y N 398 
TYR CD1   HD1    sing N N 399 
TYR CD2   CE2    doub Y N 400 
TYR CD2   HD2    sing N N 401 
TYR CE1   CZ     doub Y N 402 
TYR CE1   HE1    sing N N 403 
TYR CE2   CZ     sing Y N 404 
TYR CE2   HE2    sing N N 405 
TYR CZ    OH     sing N N 406 
TYR OH    HH     sing N N 407 
TYR OXT   HXT    sing N N 408 
VAL N     CA     sing N N 409 
VAL N     H      sing N N 410 
VAL N     H2     sing N N 411 
VAL CA    C      sing N N 412 
VAL CA    CB     sing N N 413 
VAL CA    HA     sing N N 414 
VAL C     O      doub N N 415 
VAL C     OXT    sing N N 416 
VAL CB    CG1    sing N N 417 
VAL CB    CG2    sing N N 418 
VAL CB    HB     sing N N 419 
VAL CG1   HG11   sing N N 420 
VAL CG1   HG12   sing N N 421 
VAL CG1   HG13   sing N N 422 
VAL CG2   HG21   sing N N 423 
VAL CG2   HG22   sing N N 424 
VAL CG2   HG23   sing N N 425 
VAL OXT   HXT    sing N N 426 
# 
_atom_sites.entry_id                    4M6T 
_atom_sites.fract_transf_matrix[1][1]   -0.00212838 
_atom_sites.fract_transf_matrix[1][2]   -0.00129042 
_atom_sites.fract_transf_matrix[1][3]   0.00971234 
_atom_sites.fract_transf_matrix[2][1]   0.00082918 
_atom_sites.fract_transf_matrix[2][2]   -0.00908953 
_atom_sites.fract_transf_matrix[2][3]   0.00414893 
_atom_sites.fract_transf_matrix[3][1]   0.00605072 
_atom_sites.fract_transf_matrix[3][2]   0.00123192 
_atom_sites.fract_transf_matrix[3][3]   0.00148964 
_atom_sites.fract_transf_vector[1]      -0.145120 
_atom_sites.fract_transf_vector[2]      0.061224 
_atom_sites.fract_transf_vector[3]      0.069617 
# 
loop_
_atom_type.symbol 
C 
N 
O 
S 
# 
loop_
_atom_site.group_PDB 
_atom_site.id 
_atom_site.type_symbol 
_atom_site.label_atom_id 
_atom_site.label_alt_id 
_atom_site.label_comp_id 
_atom_site.label_asym_id 
_atom_site.label_entity_id 
_atom_site.label_seq_id 
_atom_site.pdbx_PDB_ins_code 
_atom_site.Cartn_x 
_atom_site.Cartn_y 
_atom_site.Cartn_z 
_atom_site.occupancy 
_atom_site.B_iso_or_equiv 
_atom_site.pdbx_formal_charge 
_atom_site.auth_seq_id 
_atom_site.auth_comp_id 
_atom_site.auth_asym_id 
_atom_site.auth_atom_id 
_atom_site.pdbx_PDB_model_num 
ATOM   1    N N     . LYS A 1 1   ? 18.277  17.112  -7.595  1.00 63.23 ?  10  LYS A N     1 
ATOM   2    C CA    . LYS A 1 1   ? 17.952  16.969  -9.009  1.00 60.71 ?  10  LYS A CA    1 
ATOM   3    C C     . LYS A 1 1   ? 16.819  17.929  -9.380  1.00 55.79 ?  10  LYS A C     1 
ATOM   4    O O     . LYS A 1 1   ? 16.217  18.551  -8.503  1.00 55.57 ?  10  LYS A O     1 
ATOM   5    C CB    . LYS A 1 1   ? 17.579  15.516  -9.329  1.00 57.30 ?  10  LYS A CB    1 
ATOM   6    N N     . ASP A 1 2   ? 16.551  18.062  -10.677 1.00 54.01 ?  11  ASP A N     1 
ATOM   7    C CA    . ASP A 1 2   ? 15.465  18.914  -11.152 1.00 56.10 ?  11  ASP A CA    1 
ATOM   8    C C     . ASP A 1 2   ? 14.112  18.463  -10.576 1.00 57.87 ?  11  ASP A C     1 
ATOM   9    O O     . ASP A 1 2   ? 13.956  17.302  -10.171 1.00 54.33 ?  11  ASP A O     1 
ATOM   10   C CB    . ASP A 1 2   ? 15.421  18.914  -12.683 1.00 53.44 ?  11  ASP A CB    1 
ATOM   11   N N     . ARG A 1 3   ? 13.139  19.374  -10.542 1.00 57.85 ?  12  ARG A N     1 
ATOM   12   C CA    . ARG A 1 3   ? 11.793  19.042  -10.067 1.00 55.38 ?  12  ARG A CA    1 
ATOM   13   C C     . ARG A 1 3   ? 11.178  17.960  -10.953 1.00 52.22 ?  12  ARG A C     1 
ATOM   14   O O     . ARG A 1 3   ? 10.652  16.963  -10.448 1.00 48.84 ?  12  ARG A O     1 
ATOM   15   C CB    . ARG A 1 3   ? 10.901  20.282  -10.031 1.00 51.55 ?  12  ARG A CB    1 
ATOM   16   C CG    . ARG A 1 3   ? 9.526   20.053  -9.441  1.00 51.97 ?  12  ARG A CG    1 
ATOM   17   C CD    . ARG A 1 3   ? 8.717   21.340  -9.367  1.00 51.44 ?  12  ARG A CD    1 
ATOM   18   N NE    . ARG A 1 3   ? 7.370   21.108  -8.868  1.00 48.26 ?  12  ARG A NE    1 
ATOM   19   C CZ    . ARG A 1 3   ? 6.336   20.768  -9.633  1.00 52.83 ?  12  ARG A CZ    1 
ATOM   20   N NH1   . ARG A 1 3   ? 6.499   20.624  -10.942 1.00 51.88 ?  12  ARG A NH1   1 
ATOM   21   N NH2   . ARG A 1 3   ? 5.133   20.567  -9.094  1.00 49.01 ?  12  ARG A NH2   1 
ATOM   22   N N     . ASP A 1 4   ? 11.271  18.163  -12.267 1.00 51.78 ?  13  ASP A N     1 
ATOM   23   C CA    . ASP A 1 4   ? 10.853  17.176  -13.265 1.00 51.82 ?  13  ASP A CA    1 
ATOM   24   C C     . ASP A 1 4   ? 11.450  15.776  -13.053 1.00 52.22 ?  13  ASP A C     1 
ATOM   25   O O     . ASP A 1 4   ? 10.779  14.765  -13.264 1.00 52.25 ?  13  ASP A O     1 
ATOM   26   C CB    . ASP A 1 4   ? 11.205  17.665  -14.671 1.00 53.53 ?  13  ASP A CB    1 
ATOM   27   C CG    . ASP A 1 4   ? 10.279  18.772  -15.161 1.00 66.91 ?  13  ASP A CG    1 
ATOM   28   O OD1   . ASP A 1 4   ? 9.200   18.973  -14.551 1.00 65.02 ?  13  ASP A OD1   1 
ATOM   29   O OD2   . ASP A 1 4   ? 10.626  19.432  -16.169 1.00 69.16 ?  13  ASP A OD2   1 
ATOM   30   N N     . SER A 1 5   ? 12.709  15.724  -12.636 1.00 51.78 ?  14  SER A N     1 
ATOM   31   C CA    . SER A 1 5   ? 13.385  14.457  -12.401 1.00 54.44 ?  14  SER A CA    1 
ATOM   32   C C     . SER A 1 5   ? 12.859  13.753  -11.156 1.00 52.34 ?  14  SER A C     1 
ATOM   33   O O     . SER A 1 5   ? 12.798  12.521  -11.107 1.00 49.49 ?  14  SER A O     1 
ATOM   34   C CB    . SER A 1 5   ? 14.904  14.666  -12.259 1.00 54.93 ?  14  SER A CB    1 
ATOM   35   O OG    . SER A 1 5   ? 15.447  15.246  -13.426 1.00 60.21 ?  14  SER A OG    1 
ATOM   36   N N     . GLN A 1 6   ? 12.533  14.532  -10.128 1.00 52.45 ?  15  GLN A N     1 
ATOM   37   C CA    . GLN A 1 6   ? 11.945  13.973  -8.918  1.00 49.58 ?  15  GLN A CA    1 
ATOM   38   C C     . GLN A 1 6   ? 10.605  13.320  -9.283  1.00 47.79 ?  15  GLN A C     1 
ATOM   39   O O     . GLN A 1 6   ? 10.376  12.141  -9.015  1.00 45.83 ?  15  GLN A O     1 
ATOM   40   C CB    . GLN A 1 6   ? 11.758  15.069  -7.858  1.00 48.95 ?  15  GLN A CB    1 
ATOM   41   C CG    . GLN A 1 6   ? 13.062  15.542  -7.220  1.00 54.25 ?  15  GLN A CG    1 
ATOM   42   C CD    . GLN A 1 6   ? 12.909  16.820  -6.402  1.00 59.62 ?  15  GLN A CD    1 
ATOM   43   O OE1   . GLN A 1 6   ? 12.240  16.838  -5.361  1.00 60.62 ?  15  GLN A OE1   1 
ATOM   44   N NE2   . GLN A 1 6   ? 13.536  17.898  -6.872  1.00 56.51 ?  15  GLN A NE2   1 
ATOM   45   N N     . ILE A 1 7   ? 9.741   14.095  -9.927  1.00 43.56 ?  16  ILE A N     1 
ATOM   46   C CA    . ILE A 1 7   ? 8.419   13.630  -10.308 1.00 44.42 ?  16  ILE A CA    1 
ATOM   47   C C     . ILE A 1 7   ? 8.474   12.409  -11.240 1.00 45.48 ?  16  ILE A C     1 
ATOM   48   O O     . ILE A 1 7   ? 7.682   11.472  -11.110 1.00 39.98 ?  16  ILE A O     1 
ATOM   49   C CB    . ILE A 1 7   ? 7.605   14.794  -10.923 1.00 45.11 ?  16  ILE A CB    1 
ATOM   50   C CG1   . ILE A 1 7   ? 7.290   15.822  -9.839  1.00 43.32 ?  16  ILE A CG1   1 
ATOM   51   C CG2   . ILE A 1 7   ? 6.318   14.305  -11.563 1.00 41.55 ?  16  ILE A CG2   1 
ATOM   52   C CD1   . ILE A 1 7   ? 6.488   16.987  -10.334 1.00 43.69 ?  16  ILE A CD1   1 
ATOM   53   N N     . THR A 1 8   ? 9.426   12.409  -12.165 1.00 45.58 ?  17  THR A N     1 
ATOM   54   C CA    . THR A 1 8   ? 9.576   11.294  -13.085 1.00 42.95 ?  17  THR A CA    1 
ATOM   55   C C     . THR A 1 8   ? 10.012  10.028  -12.340 1.00 42.05 ?  17  THR A C     1 
ATOM   56   O O     . THR A 1 8   ? 9.594   8.910   -12.675 1.00 41.80 ?  17  THR A O     1 
ATOM   57   C CB    . THR A 1 8   ? 10.555  11.653  -14.227 1.00 46.26 ?  17  THR A CB    1 
ATOM   58   O OG1   . THR A 1 8   ? 9.867   12.451  -15.202 1.00 48.42 ?  17  THR A OG1   1 
ATOM   59   C CG2   . THR A 1 8   ? 11.098  10.399  -14.899 1.00 36.53 ?  17  THR A CG2   1 
ATOM   60   N N     . ALA A 1 9   ? 10.824  10.221  -11.308 1.00 34.76 ?  18  ALA A N     1 
ATOM   61   C CA    . ALA A 1 9   ? 11.321  9.125   -10.496 1.00 37.30 ?  18  ALA A CA    1 
ATOM   62   C C     . ALA A 1 9   ? 10.218  8.627   -9.559  1.00 41.39 ?  18  ALA A C     1 
ATOM   63   O O     . ALA A 1 9   ? 10.069  7.423   -9.343  1.00 43.69 ?  18  ALA A O     1 
ATOM   64   C CB    . ALA A 1 9   ? 12.573  9.563   -9.699  1.00 31.87 ?  18  ALA A CB    1 
ATOM   65   N N     . ILE A 1 10  ? 9.432   9.545   -9.006  1.00 39.63 ?  19  ILE A N     1 
ATOM   66   C CA    . ILE A 1 10  ? 8.305   9.132   -8.176  1.00 40.37 ?  19  ILE A CA    1 
ATOM   67   C C     . ILE A 1 10  ? 7.277   8.349   -9.005  1.00 36.78 ?  19  ILE A C     1 
ATOM   68   O O     . ILE A 1 10  ? 6.810   7.290   -8.598  1.00 35.37 ?  19  ILE A O     1 
ATOM   69   C CB    . ILE A 1 10  ? 7.652   10.320  -7.454  1.00 38.65 ?  19  ILE A CB    1 
ATOM   70   C CG1   . ILE A 1 10  ? 8.518   10.732  -6.260  1.00 34.83 ?  19  ILE A CG1   1 
ATOM   71   C CG2   . ILE A 1 10  ? 6.247   9.941   -6.988  1.00 37.94 ?  19  ILE A CG2   1 
ATOM   72   C CD1   . ILE A 1 10  ? 8.258   12.126  -5.764  1.00 36.67 ?  19  ILE A CD1   1 
ATOM   73   N N     . GLU A 1 11  ? 6.959   8.853   -10.186 1.00 37.76 ?  20  GLU A N     1 
ATOM   74   C CA    . GLU A 1 11  ? 6.017   8.160   -11.051 1.00 40.77 ?  20  GLU A CA    1 
ATOM   75   C C     . GLU A 1 11  ? 6.516   6.769   -11.421 1.00 41.16 ?  20  GLU A C     1 
ATOM   76   O O     . GLU A 1 11  ? 5.721   5.844   -11.612 1.00 39.54 ?  20  GLU A O     1 
ATOM   77   C CB    . GLU A 1 11  ? 5.703   9.003   -12.282 1.00 36.97 ?  20  GLU A CB    1 
ATOM   78   C CG    . GLU A 1 11  ? 4.770   10.137  -11.947 1.00 41.27 ?  20  GLU A CG    1 
ATOM   79   C CD    . GLU A 1 11  ? 4.518   11.072  -13.112 1.00 54.96 ?  20  GLU A CD    1 
ATOM   80   O OE1   . GLU A 1 11  ? 5.195   10.924  -14.161 1.00 56.32 ?  20  GLU A OE1   1 
ATOM   81   O OE2   . GLU A 1 11  ? 3.642   11.964  -12.975 1.00 52.61 ?  20  GLU A OE2   1 
ATOM   82   N N     . LYS A 1 12  ? 7.835   6.623   -11.497 1.00 41.51 ?  21  LYS A N     1 
ATOM   83   C CA    . LYS A 1 12  ? 8.418   5.336   -11.838 1.00 42.32 ?  21  LYS A CA    1 
ATOM   84   C C     . LYS A 1 12  ? 8.248   4.310   -10.718 1.00 41.74 ?  21  LYS A C     1 
ATOM   85   O O     . LYS A 1 12  ? 8.075   3.119   -10.988 1.00 41.09 ?  21  LYS A O     1 
ATOM   86   C CB    . LYS A 1 12  ? 9.899   5.471   -12.204 1.00 45.93 ?  21  LYS A CB    1 
ATOM   87   C CG    . LYS A 1 12  ? 10.361  4.351   -13.119 1.00 49.81 ?  21  LYS A CG    1 
ATOM   88   C CD    . LYS A 1 12  ? 11.865  4.295   -13.258 1.00 61.76 ?  21  LYS A CD    1 
ATOM   89   C CE    . LYS A 1 12  ? 12.526  3.951   -11.926 1.00 67.64 ?  21  LYS A CE    1 
ATOM   90   N NZ    . LYS A 1 12  ? 13.835  3.243   -12.095 1.00 64.93 ?  21  LYS A NZ    1 
ATOM   91   N N     . THR A 1 13  ? 8.317   4.756   -9.468  1.00 38.81 ?  22  THR A N     1 
ATOM   92   C CA    . THR A 1 13  ? 8.064   3.843   -8.358  1.00 40.37 ?  22  THR A CA    1 
ATOM   93   C C     . THR A 1 13  ? 6.691   3.199   -8.549  1.00 36.81 ?  22  THR A C     1 
ATOM   94   O O     . THR A 1 13  ? 6.515   2.011   -8.263  1.00 34.04 ?  22  THR A O     1 
ATOM   95   C CB    . THR A 1 13  ? 8.155   4.534   -6.969  1.00 39.37 ?  22  THR A CB    1 
ATOM   96   O OG1   . THR A 1 13  ? 7.068   5.456   -6.827  1.00 35.32 ?  22  THR A OG1   1 
ATOM   97   C CG2   . THR A 1 13  ? 9.468   5.277   -6.814  1.00 31.14 ?  22  THR A CG2   1 
ATOM   98   N N     . PHE A 1 14  ? 5.725   3.985   -9.038  1.00 36.72 ?  23  PHE A N     1 
ATOM   99   C CA    . PHE A 1 14  ? 4.395   3.458   -9.360  1.00 35.21 ?  23  PHE A CA    1 
ATOM   100  C C     . PHE A 1 14  ? 4.427   2.407   -10.469 1.00 36.34 ?  23  PHE A C     1 
ATOM   101  O O     . PHE A 1 14  ? 3.832   1.340   -10.327 1.00 40.93 ?  23  PHE A O     1 
ATOM   102  C CB    . PHE A 1 14  ? 3.406   4.575   -9.728  1.00 37.93 ?  23  PHE A CB    1 
ATOM   103  C CG    . PHE A 1 14  ? 2.864   5.338   -8.544  1.00 38.06 ?  23  PHE A CG    1 
ATOM   104  C CD1   . PHE A 1 14  ? 1.770   4.861   -7.819  1.00 34.62 ?  23  PHE A CD1   1 
ATOM   105  C CD2   . PHE A 1 14  ? 3.436   6.552   -8.161  1.00 38.32 ?  23  PHE A CD2   1 
ATOM   106  C CE1   . PHE A 1 14  ? 1.281   5.572   -6.716  1.00 31.43 ?  23  PHE A CE1   1 
ATOM   107  C CE2   . PHE A 1 14  ? 2.943   7.264   -7.065  1.00 36.52 ?  23  PHE A CE2   1 
ATOM   108  C CZ    . PHE A 1 14  ? 1.860   6.775   -6.346  1.00 31.17 ?  23  PHE A CZ    1 
ATOM   109  N N     . GLU A 1 15  ? 5.104   2.700   -11.578 1.00 36.99 ?  24  GLU A N     1 
ATOM   110  C CA    . GLU A 1 15  ? 5.214   1.710   -12.660 1.00 40.32 ?  24  GLU A CA    1 
ATOM   111  C C     . GLU A 1 15  ? 5.951   0.440   -12.219 1.00 38.92 ?  24  GLU A C     1 
ATOM   112  O O     . GLU A 1 15  ? 5.526   -0.668  -12.530 1.00 40.04 ?  24  GLU A O     1 
ATOM   113  C CB    . GLU A 1 15  ? 5.854   2.313   -13.921 1.00 34.10 ?  24  GLU A CB    1 
ATOM   114  N N     . ASP A 1 16  ? 7.039   0.606   -11.475 1.00 39.15 ?  25  ASP A N     1 
ATOM   115  C CA    . ASP A 1 16  ? 7.818   -0.540  -11.010 1.00 44.17 ?  25  ASP A CA    1 
ATOM   116  C C     . ASP A 1 16  ? 7.024   -1.446  -10.082 1.00 44.34 ?  25  ASP A C     1 
ATOM   117  O O     . ASP A 1 16  ? 7.230   -2.670  -10.066 1.00 46.16 ?  25  ASP A O     1 
ATOM   118  C CB    . ASP A 1 16  ? 9.110   -0.100  -10.319 1.00 44.66 ?  25  ASP A CB    1 
ATOM   119  C CG    . ASP A 1 16  ? 10.104  0.536   -11.286 1.00 52.54 ?  25  ASP A CG    1 
ATOM   120  O OD1   . ASP A 1 16  ? 10.047  0.214   -12.492 1.00 51.02 ?  25  ASP A OD1   1 
ATOM   121  O OD2   . ASP A 1 16  ? 10.941  1.362   -10.843 1.00 57.43 ?  25  ASP A OD2   1 
ATOM   122  N N     . ALA A 1 17  ? 6.112   -0.855  -9.315  1.00 40.93 ?  26  ALA A N     1 
ATOM   123  C CA    . ALA A 1 17  ? 5.338   -1.634  -8.358  1.00 38.86 ?  26  ALA A CA    1 
ATOM   124  C C     . ALA A 1 17  ? 4.318   -2.549  -9.051  1.00 38.34 ?  26  ALA A C     1 
ATOM   125  O O     . ALA A 1 17  ? 3.865   -3.551  -8.485  1.00 37.10 ?  26  ALA A O     1 
ATOM   126  C CB    . ALA A 1 17  ? 4.672   -0.725  -7.343  1.00 34.76 ?  26  ALA A CB    1 
ATOM   127  N N     . GLN A 1 18  ? 3.965   -2.222  -10.285 1.00 37.86 ?  27  GLN A N     1 
ATOM   128  C CA    . GLN A 1 18  ? 2.941   -3.000  -10.972 1.00 40.55 ?  27  GLN A CA    1 
ATOM   129  C C     . GLN A 1 18  ? 3.571   -4.107  -11.788 1.00 41.66 ?  27  GLN A C     1 
ATOM   130  O O     . GLN A 1 18  ? 2.875   -5.009  -12.254 1.00 41.71 ?  27  GLN A O     1 
ATOM   131  C CB    . GLN A 1 18  ? 2.070   -2.103  -11.854 1.00 41.53 ?  27  GLN A CB    1 
ATOM   132  C CG    . GLN A 1 18  ? 1.222   -1.119  -11.066 1.00 42.21 ?  27  GLN A CG    1 
ATOM   133  C CD    . GLN A 1 18  ? 0.485   -0.145  -11.960 1.00 45.94 ?  27  GLN A CD    1 
ATOM   134  O OE1   . GLN A 1 18  ? -0.039  -0.525  -13.009 1.00 52.38 ?  27  GLN A OE1   1 
ATOM   135  N NE2   . GLN A 1 18  ? 0.447   1.119   -11.554 1.00 46.54 ?  27  GLN A NE2   1 
ATOM   136  N N     . LYS A 1 19  ? 4.890   -4.030  -11.959 1.00 39.54 ?  28  LYS A N     1 
ATOM   137  C CA    . LYS A 1 19  ? 5.622   -5.080  -12.648 1.00 36.47 ?  28  LYS A CA    1 
ATOM   138  C C     . LYS A 1 19  ? 5.442   -6.384  -11.911 1.00 36.48 ?  28  LYS A C     1 
ATOM   139  O O     . LYS A 1 19  ? 5.399   -6.423  -10.687 1.00 39.94 ?  28  LYS A O     1 
ATOM   140  C CB    . LYS A 1 19  ? 7.102   -4.747  -12.761 1.00 42.17 ?  28  LYS A CB    1 
ATOM   141  C CG    . LYS A 1 19  ? 7.400   -3.584  -13.689 1.00 47.04 ?  28  LYS A CG    1 
ATOM   142  C CD    . LYS A 1 19  ? 8.799   -3.726  -14.268 1.00 56.92 ?  28  LYS A CD    1 
ATOM   143  C CE    . LYS A 1 19  ? 9.230   -2.475  -15.018 1.00 62.09 ?  28  LYS A CE    1 
ATOM   144  N NZ    . LYS A 1 19  ? 9.490   -1.341  -14.082 1.00 61.62 ?  28  LYS A NZ    1 
ATOM   145  N N     . SER A 1 20  ? 5.331   -7.457  -12.669 1.00 39.03 ?  29  SER A N     1 
ATOM   146  C CA    . SER A 1 20  ? 5.047   -8.758  -12.101 1.00 41.82 ?  29  SER A CA    1 
ATOM   147  C C     . SER A 1 20  ? 6.134   -9.204  -11.127 1.00 41.13 ?  29  SER A C     1 
ATOM   148  O O     . SER A 1 20  ? 7.316   -9.170  -11.442 1.00 37.62 ?  29  SER A O     1 
ATOM   149  C CB    . SER A 1 20  ? 4.896   -9.790  -13.222 1.00 39.79 ?  29  SER A CB    1 
ATOM   150  O OG    . SER A 1 20  ? 4.851   -11.091 -12.670 1.00 50.05 ?  29  SER A OG    1 
ATOM   151  N N     . ILE A 1 21  ? 5.721   -9.629  -9.943  1.00 43.50 ?  30  ILE A N     1 
ATOM   152  C CA    . ILE A 1 21  ? 6.633   -10.234 -8.990  1.00 40.01 ?  30  ILE A CA    1 
ATOM   153  C C     . ILE A 1 21  ? 6.553   -11.757 -9.094  1.00 42.57 ?  30  ILE A C     1 
ATOM   154  O O     . ILE A 1 21  ? 5.489   -12.354 -8.914  1.00 47.75 ?  30  ILE A O     1 
ATOM   155  C CB    . ILE A 1 21  ? 6.300   -9.791  -7.566  1.00 42.48 ?  30  ILE A CB    1 
ATOM   156  C CG1   . ILE A 1 21  ? 6.529   -8.279  -7.434  1.00 40.05 ?  30  ILE A CG1   1 
ATOM   157  C CG2   . ILE A 1 21  ? 7.128   -10.595 -6.550  1.00 36.99 ?  30  ILE A CG2   1 
ATOM   158  C CD1   . ILE A 1 21  ? 5.731   -7.626  -6.316  1.00 39.80 ?  30  ILE A CD1   1 
ATOM   159  N N     . SER A 1 22  ? 7.688   -12.385 -9.362  1.00 45.32 ?  31  SER A N     1 
ATOM   160  C CA    . SER A 1 22  ? 7.727   -13.790 -9.754  1.00 44.09 ?  31  SER A CA    1 
ATOM   161  C C     . SER A 1 22  ? 8.757   -14.600 -8.954  1.00 45.93 ?  31  SER A C     1 
ATOM   162  O O     . SER A 1 22  ? 8.552   -15.786 -8.667  1.00 45.19 ?  31  SER A O     1 
ATOM   163  C CB    . SER A 1 22  ? 8.087   -13.864 -11.237 1.00 44.23 ?  31  SER A CB    1 
ATOM   164  O OG    . SER A 1 22  ? 7.469   -14.978 -11.830 1.00 59.69 ?  31  SER A OG    1 
ATOM   165  N N     . GLN A 1 23  ? 9.869   -13.953 -8.617  1.00 41.75 ?  32  GLN A N     1 
ATOM   166  C CA    . GLN A 1 23  ? 10.929  -14.591 -7.844  1.00 43.76 ?  32  GLN A CA    1 
ATOM   167  C C     . GLN A 1 23  ? 11.652  -13.587 -6.947  1.00 37.81 ?  32  GLN A C     1 
ATOM   168  O O     . GLN A 1 23  ? 11.717  -12.395 -7.246  1.00 34.67 ?  32  GLN A O     1 
ATOM   169  C CB    . GLN A 1 23  ? 11.924  -15.322 -8.754  1.00 42.70 ?  32  GLN A CB    1 
ATOM   170  C CG    . GLN A 1 23  ? 12.558  -14.467 -9.841  1.00 41.42 ?  32  GLN A CG    1 
ATOM   171  C CD    . GLN A 1 23  ? 13.748  -15.161 -10.493 1.00 53.84 ?  32  GLN A CD    1 
ATOM   172  O OE1   . GLN A 1 23  ? 14.886  -15.066 -10.007 1.00 53.92 ?  32  GLN A OE1   1 
ATOM   173  N NE2   . GLN A 1 23  ? 13.492  -15.876 -11.590 1.00 53.05 ?  32  GLN A NE2   1 
ATOM   174  N N     . HIS A 1 24  ? 12.183  -14.090 -5.840  1.00 36.60 ?  33  HIS A N     1 
ATOM   175  C CA    . HIS A 1 24  ? 12.839  -13.264 -4.841  1.00 35.83 ?  33  HIS A CA    1 
ATOM   176  C C     . HIS A 1 24  ? 14.183  -12.704 -5.394  1.00 38.55 ?  33  HIS A C     1 
ATOM   177  O O     . HIS A 1 24  ? 14.896  -13.396 -6.120  1.00 39.39 ?  33  HIS A O     1 
ATOM   178  C CB    . HIS A 1 24  ? 13.021  -14.099 -3.580  1.00 33.94 ?  33  HIS A CB    1 
ATOM   179  C CG    . HIS A 1 24  ? 13.585  -13.342 -2.425  1.00 40.00 ?  33  HIS A CG    1 
ATOM   180  N ND1   . HIS A 1 24  ? 14.856  -12.796 -2.434  1.00 39.04 ?  33  HIS A ND1   1 
ATOM   181  C CD2   . HIS A 1 24  ? 13.067  -13.052 -1.207  1.00 40.44 ?  33  HIS A CD2   1 
ATOM   182  C CE1   . HIS A 1 24  ? 15.084  -12.194 -1.284  1.00 40.14 ?  33  HIS A CE1   1 
ATOM   183  N NE2   . HIS A 1 24  ? 14.011  -12.334 -0.520  1.00 39.69 ?  33  HIS A NE2   1 
ATOM   184  N N     . TYR A 1 25  ? 14.511  -11.454 -5.074  1.00 34.71 ?  34  TYR A N     1 
ATOM   185  C CA    . TYR A 1 25  ? 15.654  -10.784 -5.695  1.00 36.26 ?  34  TYR A CA    1 
ATOM   186  C C     . TYR A 1 25  ? 17.028  -11.435 -5.400  1.00 40.35 ?  34  TYR A C     1 
ATOM   187  O O     . TYR A 1 25  ? 17.910  -11.431 -6.258  1.00 36.46 ?  34  TYR A O     1 
ATOM   188  C CB    . TYR A 1 25  ? 15.668  -9.285  -5.345  1.00 29.04 ?  34  TYR A CB    1 
ATOM   189  N N     . SER A 1 26  ? 17.197  -11.998 -4.202  1.00 41.42 ?  35  SER A N     1 
ATOM   190  C CA    . SER A 1 26  ? 18.474  -12.608 -3.798  1.00 44.31 ?  35  SER A CA    1 
ATOM   191  C C     . SER A 1 26  ? 18.405  -14.120 -3.782  1.00 44.48 ?  35  SER A C     1 
ATOM   192  O O     . SER A 1 26  ? 19.432  -14.785 -3.626  1.00 45.15 ?  35  SER A O     1 
ATOM   193  C CB    . SER A 1 26  ? 18.888  -12.169 -2.394  1.00 40.67 ?  35  SER A CB    1 
ATOM   194  O OG    . SER A 1 26  ? 18.479  -10.850 -2.138  1.00 49.96 ?  35  SER A OG    1 
ATOM   195  N N     . LYS A 1 27  ? 17.190  -14.653 -3.900  1.00 41.30 ?  36  LYS A N     1 
ATOM   196  C CA    . LYS A 1 27  ? 16.952  -16.089 -3.833  1.00 40.06 ?  36  LYS A CA    1 
ATOM   197  C C     . LYS A 1 27  ? 16.020  -16.460 -4.966  1.00 42.71 ?  36  LYS A C     1 
ATOM   198  O O     . LYS A 1 27  ? 14.802  -16.412 -4.816  1.00 45.89 ?  36  LYS A O     1 
ATOM   199  C CB    . LYS A 1 27  ? 16.340  -16.464 -2.481  1.00 41.00 ?  36  LYS A CB    1 
ATOM   200  C CG    . LYS A 1 27  ? 17.163  -16.003 -1.279  1.00 44.07 ?  36  LYS A CG    1 
ATOM   201  C CD    . LYS A 1 27  ? 16.510  -16.382 0.056   1.00 44.57 ?  36  LYS A CD    1 
ATOM   202  C CE    . LYS A 1 27  ? 15.678  -15.238 0.620   1.00 49.98 ?  36  LYS A CE    1 
ATOM   203  N NZ    . LYS A 1 27  ? 15.184  -15.495 2.019   1.00 52.13 ?  36  LYS A NZ    1 
ATOM   204  N N     . PRO A 1 28  ? 16.593  -16.799 -6.127  1.00 46.36 ?  37  PRO A N     1 
ATOM   205  C CA    . PRO A 1 28  ? 15.814  -16.977 -7.364  1.00 45.33 ?  37  PRO A CA    1 
ATOM   206  C C     . PRO A 1 28  ? 14.963  -18.249 -7.397  1.00 43.36 ?  37  PRO A C     1 
ATOM   207  O O     . PRO A 1 28  ? 14.201  -18.446 -8.336  1.00 46.25 ?  37  PRO A O     1 
ATOM   208  C CB    . PRO A 1 28  ? 16.900  -17.026 -8.460  1.00 43.68 ?  37  PRO A CB    1 
ATOM   209  C CG    . PRO A 1 28  ? 18.120  -16.427 -7.829  1.00 41.27 ?  37  PRO A CG    1 
ATOM   210  C CD    . PRO A 1 28  ? 18.043  -16.818 -6.380  1.00 41.20 ?  37  PRO A CD    1 
ATOM   211  N N     . ARG A 1 29  ? 15.119  -19.116 -6.407  1.00 45.09 ?  38  ARG A N     1 
ATOM   212  C CA    . ARG A 1 29  ? 14.282  -20.304 -6.312  1.00 51.76 ?  38  ARG A CA    1 
ATOM   213  C C     . ARG A 1 29  ? 13.049  -20.000 -5.465  1.00 50.07 ?  38  ARG A C     1 
ATOM   214  O O     . ARG A 1 29  ? 12.065  -20.752 -5.485  1.00 49.16 ?  38  ARG A O     1 
ATOM   215  C CB    . ARG A 1 29  ? 15.061  -21.485 -5.714  1.00 49.55 ?  38  ARG A CB    1 
ATOM   216  C CG    . ARG A 1 29  ? 15.947  -22.211 -6.712  1.00 53.47 ?  38  ARG A CG    1 
ATOM   217  C CD    . ARG A 1 29  ? 17.219  -22.747 -6.057  1.00 64.53 ?  38  ARG A CD    1 
ATOM   218  N NE    . ARG A 1 29  ? 18.042  -23.503 -7.001  1.00 68.40 ?  38  ARG A NE    1 
ATOM   219  C CZ    . ARG A 1 29  ? 19.313  -23.834 -6.791  1.00 63.66 ?  38  ARG A CZ    1 
ATOM   220  N NH1   . ARG A 1 29  ? 19.914  -23.463 -5.664  1.00 58.45 ?  38  ARG A NH1   1 
ATOM   221  N NH2   . ARG A 1 29  ? 19.983  -24.532 -7.712  1.00 59.74 ?  38  ARG A NH2   1 
ATOM   222  N N     . VAL A 1 30  ? 13.114  -18.895 -4.728  1.00 40.79 ?  39  VAL A N     1 
ATOM   223  C CA    . VAL A 1 30  ? 12.047  -18.524 -3.817  1.00 41.28 ?  39  VAL A CA    1 
ATOM   224  C C     . VAL A 1 30  ? 10.959  -17.751 -4.561  1.00 42.55 ?  39  VAL A C     1 
ATOM   225  O O     . VAL A 1 30  ? 11.233  -16.784 -5.276  1.00 43.65 ?  39  VAL A O     1 
ATOM   226  C CB    . VAL A 1 30  ? 12.594  -17.755 -2.606  1.00 40.60 ?  39  VAL A CB    1 
ATOM   227  C CG1   . VAL A 1 30  ? 11.483  -17.057 -1.860  1.00 38.94 ?  39  VAL A CG1   1 
ATOM   228  C CG2   . VAL A 1 30  ? 13.334  -18.706 -1.692  1.00 36.91 ?  39  VAL A CG2   1 
ATOM   229  N N     . THR A 1 31  ? 9.725   -18.218 -4.415  1.00 40.78 ?  40  THR A N     1 
ATOM   230  C CA    . THR A 1 31  ? 8.600   -17.683 -5.174  1.00 42.15 ?  40  THR A CA    1 
ATOM   231  C C     . THR A 1 31  ? 7.585   -17.045 -4.240  1.00 38.10 ?  40  THR A C     1 
ATOM   232  O O     . THR A 1 31  ? 7.515   -17.394 -3.057  1.00 35.78 ?  40  THR A O     1 
ATOM   233  C CB    . THR A 1 31  ? 7.904   -18.782 -6.002  1.00 43.64 ?  40  THR A CB    1 
ATOM   234  O OG1   . THR A 1 31  ? 7.653   -19.919 -5.163  1.00 41.79 ?  40  THR A OG1   1 
ATOM   235  C CG2   . THR A 1 31  ? 8.778   -19.192 -7.198  1.00 37.67 ?  40  THR A CG2   1 
ATOM   236  N N     . PRO A 1 32  ? 6.797   -16.103 -4.779  1.00 36.52 ?  41  PRO A N     1 
ATOM   237  C CA    . PRO A 1 32  ? 5.803   -15.335 -4.026  1.00 37.06 ?  41  PRO A CA    1 
ATOM   238  C C     . PRO A 1 32  ? 4.589   -16.192 -3.705  1.00 41.05 ?  41  PRO A C     1 
ATOM   239  O O     . PRO A 1 32  ? 4.043   -16.864 -4.594  1.00 42.90 ?  41  PRO A O     1 
ATOM   240  C CB    . PRO A 1 32  ? 5.426   -14.211 -4.990  1.00 34.96 ?  41  PRO A CB    1 
ATOM   241  C CG    . PRO A 1 32  ? 5.624   -14.806 -6.337  1.00 37.06 ?  41  PRO A CG    1 
ATOM   242  C CD    . PRO A 1 32  ? 6.798   -15.750 -6.209  1.00 38.74 ?  41  PRO A CD    1 
ATOM   243  N N     . VAL A 1 33  ? 4.198   -16.180 -2.434  1.00 41.27 ?  42  VAL A N     1 
ATOM   244  C CA    . VAL A 1 33  ? 3.010   -16.894 -1.963  1.00 47.10 ?  42  VAL A CA    1 
ATOM   245  C C     . VAL A 1 33  ? 1.789   -15.952 -1.846  1.00 47.88 ?  42  VAL A C     1 
ATOM   246  O O     . VAL A 1 33  ? 0.658   -16.388 -2.001  1.00 48.07 ?  42  VAL A O     1 
ATOM   247  C CB    . VAL A 1 33  ? 3.298   -17.611 -0.613  1.00 43.09 ?  42  VAL A CB    1 
ATOM   248  C CG1   . VAL A 1 33  ? 2.028   -17.791 0.192   1.00 44.22 ?  42  VAL A CG1   1 
ATOM   249  C CG2   . VAL A 1 33  ? 3.979   -18.948 -0.861  1.00 44.55 ?  42  VAL A CG2   1 
ATOM   250  N N     . GLU A 1 34  ? 2.031   -14.672 -1.565  1.00 44.81 ?  43  GLU A N     1 
ATOM   251  C CA    . GLU A 1 34  ? 0.984   -13.656 -1.546  1.00 43.09 ?  43  GLU A CA    1 
ATOM   252  C C     . GLU A 1 34  ? 1.585   -12.274 -1.781  1.00 41.11 ?  43  GLU A C     1 
ATOM   253  O O     . GLU A 1 34  ? 2.603   -11.932 -1.185  1.00 41.40 ?  43  GLU A O     1 
ATOM   254  C CB    . GLU A 1 34  ? 0.202   -13.662 -0.219  1.00 45.26 ?  43  GLU A CB    1 
ATOM   255  C CG    . GLU A 1 34  ? -1.120  -12.882 -0.289  1.00 42.03 ?  43  GLU A CG    1 
ATOM   256  C CD    . GLU A 1 34  ? -1.848  -12.731 1.057   1.00 57.57 ?  43  GLU A CD    1 
ATOM   257  O OE1   . GLU A 1 34  ? -2.950  -12.110 1.067   1.00 56.46 ?  43  GLU A OE1   1 
ATOM   258  O OE2   . GLU A 1 34  ? -1.333  -13.217 2.102   1.00 59.60 ?  43  GLU A OE2   1 
ATOM   259  N N     . VAL A 1 35  ? 0.970   -11.477 -2.652  1.00 39.86 ?  44  VAL A N     1 
ATOM   260  C CA    . VAL A 1 35  ? 1.423   -10.102 -2.860  1.00 35.78 ?  44  VAL A CA    1 
ATOM   261  C C     . VAL A 1 35  ? 0.298   -9.159  -2.451  1.00 37.07 ?  44  VAL A C     1 
ATOM   262  O O     . VAL A 1 35  ? -0.793  -9.265  -2.965  1.00 37.27 ?  44  VAL A O     1 
ATOM   263  C CB    . VAL A 1 35  ? 1.806   -9.848  -4.332  1.00 34.66 ?  44  VAL A CB    1 
ATOM   264  C CG1   . VAL A 1 35  ? 2.442   -8.485  -4.496  1.00 32.24 ?  44  VAL A CG1   1 
ATOM   265  C CG2   . VAL A 1 35  ? 2.733   -10.937 -4.849  1.00 36.92 ?  44  VAL A CG2   1 
ATOM   266  N N     . MET A 1 36  ? 0.555   -8.243  -1.522  1.00 41.23 ?  45  MET A N     1 
ATOM   267  C CA    . MET A 1 36  ? -0.479  -7.313  -1.077  1.00 36.26 ?  45  MET A CA    1 
ATOM   268  C C     . MET A 1 36  ? -0.068  -5.873  -1.360  1.00 36.50 ?  45  MET A C     1 
ATOM   269  O O     . MET A 1 36  ? 0.973   -5.419  -0.886  1.00 38.38 ?  45  MET A O     1 
ATOM   270  C CB    . MET A 1 36  ? -0.766  -7.482  0.419   1.00 33.90 ?  45  MET A CB    1 
ATOM   271  C CG    . MET A 1 36  ? -0.765  -8.924  0.913   1.00 37.26 ?  45  MET A CG    1 
ATOM   272  S SD    . MET A 1 36  ? -0.991  -9.047  2.707   1.00 48.56 ?  45  MET A SD    1 
ATOM   273  C CE    . MET A 1 36  ? 0.176   -7.842  3.316   1.00 44.26 ?  45  MET A CE    1 
ATOM   274  N N     . PRO A 1 37  ? -0.886  -5.142  -2.136  1.00 37.71 ?  46  PRO A N     1 
ATOM   275  C CA    . PRO A 1 37  ? -0.622  -3.709  -2.315  1.00 34.89 ?  46  PRO A CA    1 
ATOM   276  C C     . PRO A 1 37  ? -0.907  -2.954  -1.006  1.00 35.64 ?  46  PRO A C     1 
ATOM   277  O O     . PRO A 1 37  ? -1.763  -3.370  -0.201  1.00 36.26 ?  46  PRO A O     1 
ATOM   278  C CB    . PRO A 1 37  ? -1.599  -3.302  -3.433  1.00 33.29 ?  46  PRO A CB    1 
ATOM   279  C CG    . PRO A 1 37  ? -2.708  -4.267  -3.316  1.00 35.55 ?  46  PRO A CG    1 
ATOM   280  C CD    . PRO A 1 37  ? -2.078  -5.583  -2.884  1.00 35.36 ?  46  PRO A CD    1 
ATOM   281  N N     . VAL A 1 38  ? -0.172  -1.868  -0.798  1.00 34.90 ?  47  VAL A N     1 
ATOM   282  C CA    . VAL A 1 38  ? -0.241  -1.112  0.442   1.00 35.59 ?  47  VAL A CA    1 
ATOM   283  C C     . VAL A 1 38  ? -0.948  0.219   0.201   1.00 34.68 ?  47  VAL A C     1 
ATOM   284  O O     . VAL A 1 38  ? -0.375  1.148   -0.361  1.00 34.39 ?  47  VAL A O     1 
ATOM   285  C CB    . VAL A 1 38  ? 1.178   -0.833  1.016   1.00 35.64 ?  47  VAL A CB    1 
ATOM   286  C CG1   . VAL A 1 38  ? 1.104   0.062   2.246   1.00 35.70 ?  47  VAL A CG1   1 
ATOM   287  C CG2   . VAL A 1 38  ? 1.894   -2.138  1.347   1.00 35.13 ?  47  VAL A CG2   1 
ATOM   288  N N     . PHE A 1 39  ? -2.203  0.297   0.622   1.00 32.68 ?  48  PHE A N     1 
ATOM   289  C CA    . PHE A 1 39  ? -2.953  1.542   0.587   1.00 33.16 ?  48  PHE A CA    1 
ATOM   290  C C     . PHE A 1 39  ? -3.162  2.018   2.020   1.00 35.88 ?  48  PHE A C     1 
ATOM   291  O O     . PHE A 1 39  ? -4.035  1.517   2.727   1.00 39.22 ?  48  PHE A O     1 
ATOM   292  C CB    . PHE A 1 39  ? -4.303  1.339   -0.111  1.00 33.40 ?  48  PHE A CB    1 
ATOM   293  C CG    . PHE A 1 39  ? -4.184  0.930   -1.557  1.00 33.32 ?  48  PHE A CG    1 
ATOM   294  C CD1   . PHE A 1 39  ? -3.840  1.865   -2.528  1.00 31.60 ?  48  PHE A CD1   1 
ATOM   295  C CD2   . PHE A 1 39  ? -4.399  -0.388  -1.942  1.00 31.96 ?  48  PHE A CD2   1 
ATOM   296  C CE1   . PHE A 1 39  ? -3.721  1.502   -3.852  1.00 33.35 ?  48  PHE A CE1   1 
ATOM   297  C CE2   . PHE A 1 39  ? -4.283  -0.764  -3.279  1.00 34.37 ?  48  PHE A CE2   1 
ATOM   298  C CZ    . PHE A 1 39  ? -3.943  0.186   -4.237  1.00 32.87 ?  48  PHE A CZ    1 
ATOM   299  N N     . PRO A 1 40  ? -2.341  2.984   2.461   1.00 38.43 ?  49  PRO A N     1 
ATOM   300  C CA    . PRO A 1 40  ? -2.481  3.583   3.792   1.00 38.65 ?  49  PRO A CA    1 
ATOM   301  C C     . PRO A 1 40  ? -3.863  4.213   3.970   1.00 40.47 ?  49  PRO A C     1 
ATOM   302  O O     . PRO A 1 40  ? -4.321  4.992   3.110   1.00 40.08 ?  49  PRO A O     1 
ATOM   303  C CB    . PRO A 1 40  ? -1.391  4.660   3.808   1.00 37.95 ?  49  PRO A CB    1 
ATOM   304  C CG    . PRO A 1 40  ? -1.072  4.909   2.367   1.00 34.63 ?  49  PRO A CG    1 
ATOM   305  C CD    . PRO A 1 40  ? -1.260  3.610   1.678   1.00 31.99 ?  49  PRO A CD    1 
ATOM   306  N N     . ASP A 1 41  ? -4.525  3.871   5.070   1.00 38.17 ?  50  ASP A N     1 
ATOM   307  C CA    . ASP A 1 41  ? -5.877  4.345   5.298   1.00 38.92 ?  50  ASP A CA    1 
ATOM   308  C C     . ASP A 1 41  ? -6.221  4.218   6.760   1.00 36.60 ?  50  ASP A C     1 
ATOM   309  O O     . ASP A 1 41  ? -5.536  3.531   7.509   1.00 43.05 ?  50  ASP A O     1 
ATOM   310  C CB    . ASP A 1 41  ? -6.853  3.498   4.475   1.00 39.70 ?  50  ASP A CB    1 
ATOM   311  C CG    . ASP A 1 41  ? -8.053  4.295   3.961   1.00 44.27 ?  50  ASP A CG    1 
ATOM   312  O OD1   . ASP A 1 41  ? -8.666  3.825   2.973   1.00 48.28 ?  50  ASP A OD1   1 
ATOM   313  O OD2   . ASP A 1 41  ? -8.387  5.377   4.525   1.00 38.75 ?  50  ASP A OD2   1 
ATOM   314  N N     . PHE A 1 42  ? -7.302  4.868   7.162   1.00 39.29 ?  51  PHE A N     1 
ATOM   315  C CA    . PHE A 1 42  ? -7.844  4.710   8.504   1.00 39.13 ?  51  PHE A CA    1 
ATOM   316  C C     . PHE A 1 42  ? -9.216  4.042   8.402   1.00 39.15 ?  51  PHE A C     1 
ATOM   317  O O     . PHE A 1 42  ? -10.067 4.190   9.274   1.00 38.92 ?  51  PHE A O     1 
ATOM   318  C CB    . PHE A 1 42  ? -7.963  6.076   9.175   1.00 40.80 ?  51  PHE A CB    1 
ATOM   319  C CG    . PHE A 1 42  ? -8.791  7.056   8.389   1.00 40.78 ?  51  PHE A CG    1 
ATOM   320  C CD1   . PHE A 1 42  ? -10.127 7.267   8.708   1.00 39.42 ?  51  PHE A CD1   1 
ATOM   321  C CD2   . PHE A 1 42  ? -8.244  7.742   7.310   1.00 35.77 ?  51  PHE A CD2   1 
ATOM   322  C CE1   . PHE A 1 42  ? -10.892 8.164   7.979   1.00 41.15 ?  51  PHE A CE1   1 
ATOM   323  C CE2   . PHE A 1 42  ? -9.012  8.631   6.567   1.00 39.85 ?  51  PHE A CE2   1 
ATOM   324  C CZ    . PHE A 1 42  ? -10.338 8.847   6.907   1.00 39.99 ?  51  PHE A CZ    1 
ATOM   325  N N     . LYS A 1 43  ? -9.415  3.293   7.324   1.00 41.47 ?  52  LYS A N     1 
ATOM   326  C CA    . LYS A 1 43  ? -10.723 2.732   6.982   1.00 41.18 ?  52  LYS A CA    1 
ATOM   327  C C     . LYS A 1 43  ? -10.618 1.252   6.657   1.00 43.17 ?  52  LYS A C     1 
ATOM   328  O O     . LYS A 1 43  ? -9.576  0.778   6.185   1.00 44.86 ?  52  LYS A O     1 
ATOM   329  C CB    . LYS A 1 43  ? -11.329 3.475   5.791   1.00 35.88 ?  52  LYS A CB    1 
ATOM   330  C CG    . LYS A 1 43  ? -11.834 4.863   6.136   1.00 42.17 ?  52  LYS A CG    1 
ATOM   331  C CD    . LYS A 1 43  ? -12.554 5.484   4.947   1.00 47.75 ?  52  LYS A CD    1 
ATOM   332  C CE    . LYS A 1 43  ? -11.592 6.118   3.957   1.00 48.33 ?  52  LYS A CE    1 
ATOM   333  N NZ    . LYS A 1 43  ? -11.639 7.598   4.080   1.00 51.73 ?  52  LYS A NZ    1 
ATOM   334  N N     . MET A 1 44  ? -11.705 0.532   6.909   1.00 40.96 ?  53  MET A N     1 
ATOM   335  C CA    . MET A 1 44  ? -11.749 -0.908  6.712   1.00 40.40 ?  53  MET A CA    1 
ATOM   336  C C     . MET A 1 44  ? -13.085 -1.351  6.125   1.00 41.95 ?  53  MET A C     1 
ATOM   337  O O     . MET A 1 44  ? -14.146 -0.909  6.574   1.00 42.82 ?  53  MET A O     1 
ATOM   338  C CB    . MET A 1 44  ? -11.538 -1.621  8.050   1.00 40.34 ?  53  MET A CB    1 
ATOM   339  C CG    . MET A 1 44  ? -10.159 -2.198  8.248   1.00 47.51 ?  53  MET A CG    1 
ATOM   340  S SD    . MET A 1 44  ? -10.181 -3.647  9.331   1.00 58.39 ?  53  MET A SD    1 
ATOM   341  C CE    . MET A 1 44  ? -9.757  -4.938  8.144   1.00 45.78 ?  53  MET A CE    1 
ATOM   342  N N     . TRP A 1 45  ? -13.034 -2.224  5.127   1.00 40.25 ?  54  TRP A N     1 
ATOM   343  C CA    . TRP A 1 45  ? -14.237 -2.895  4.661   1.00 38.76 ?  54  TRP A CA    1 
ATOM   344  C C     . TRP A 1 45  ? -14.470 -4.123  5.513   1.00 38.88 ?  54  TRP A C     1 
ATOM   345  O O     . TRP A 1 45  ? -13.580 -4.947  5.696   1.00 41.73 ?  54  TRP A O     1 
ATOM   346  C CB    . TRP A 1 45  ? -14.116 -3.286  3.189   1.00 41.07 ?  54  TRP A CB    1 
ATOM   347  C CG    . TRP A 1 45  ? -14.185 -2.102  2.307   1.00 42.88 ?  54  TRP A CG    1 
ATOM   348  C CD1   . TRP A 1 45  ? -13.154 -1.522  1.638   1.00 45.02 ?  54  TRP A CD1   1 
ATOM   349  C CD2   . TRP A 1 45  ? -15.350 -1.316  2.022   1.00 43.59 ?  54  TRP A CD2   1 
ATOM   350  N NE1   . TRP A 1 45  ? -13.600 -0.421  0.945   1.00 51.84 ?  54  TRP A NE1   1 
ATOM   351  C CE2   . TRP A 1 45  ? -14.945 -0.272  1.159   1.00 48.00 ?  54  TRP A CE2   1 
ATOM   352  C CE3   . TRP A 1 45  ? -16.694 -1.403  2.398   1.00 38.14 ?  54  TRP A CE3   1 
ATOM   353  C CZ2   . TRP A 1 45  ? -15.839 0.687   0.672   1.00 43.30 ?  54  TRP A CZ2   1 
ATOM   354  C CZ3   . TRP A 1 45  ? -17.580 -0.453  1.913   1.00 38.77 ?  54  TRP A CZ3   1 
ATOM   355  C CH2   . TRP A 1 45  ? -17.148 0.579   1.062   1.00 41.98 ?  54  TRP A CH2   1 
ATOM   356  N N     . ILE A 1 46  ? -15.666 -4.254  6.054   1.00 39.42 ?  55  ILE A N     1 
ATOM   357  C CA    . ILE A 1 46  ? -15.933 -5.437  6.839   1.00 40.15 ?  55  ILE A CA    1 
ATOM   358  C C     . ILE A 1 46  ? -17.276 -6.066  6.489   1.00 36.34 ?  55  ILE A C     1 
ATOM   359  O O     . ILE A 1 46  ? -18.272 -5.374  6.337   1.00 34.90 ?  55  ILE A O     1 
ATOM   360  C CB    . ILE A 1 46  ? -15.829 -5.159  8.349   1.00 41.38 ?  55  ILE A CB    1 
ATOM   361  C CG1   . ILE A 1 46  ? -15.715 -6.480  9.115   1.00 42.81 ?  55  ILE A CG1   1 
ATOM   362  C CG2   . ILE A 1 46  ? -17.031 -4.378  8.833   1.00 44.20 ?  55  ILE A CG2   1 
ATOM   363  C CD1   . ILE A 1 46  ? -16.815 -6.699  10.106  1.00 41.32 ?  55  ILE A CD1   1 
ATOM   364  N N     . ASN A 1 47  ? -17.266 -7.386  6.341   1.00 37.44 ?  56  ASN A N     1 
ATOM   365  C CA    . ASN A 1 47  ? -18.473 -8.147  6.067   1.00 37.12 ?  56  ASN A CA    1 
ATOM   366  C C     . ASN A 1 47  ? -19.095 -8.684  7.345   1.00 36.77 ?  56  ASN A C     1 
ATOM   367  O O     . ASN A 1 47  ? -18.396 -9.273  8.179   1.00 36.15 ?  56  ASN A O     1 
ATOM   368  C CB    . ASN A 1 47  ? -18.175 -9.309  5.111   1.00 34.85 ?  56  ASN A CB    1 
ATOM   369  C CG    . ASN A 1 47  ? -17.765 -8.834  3.730   1.00 38.21 ?  56  ASN A CG    1 
ATOM   370  O OD1   . ASN A 1 47  ? -18.608 -8.410  2.928   1.00 40.85 ?  56  ASN A OD1   1 
ATOM   371  N ND2   . ASN A 1 47  ? -16.462 -8.894  3.444   1.00 35.04 ?  56  ASN A ND2   1 
ATOM   372  N N     . PRO A 1 48  ? -20.412 -8.463  7.523   1.00 38.15 ?  57  PRO A N     1 
ATOM   373  C CA    . PRO A 1 48  ? -21.070 -9.255  8.569   1.00 37.31 ?  57  PRO A CA    1 
ATOM   374  C C     . PRO A 1 48  ? -20.840 -10.751 8.306   1.00 36.07 ?  57  PRO A C     1 
ATOM   375  O O     . PRO A 1 48  ? -20.832 -11.164 7.153   1.00 41.15 ?  57  PRO A O     1 
ATOM   376  C CB    . PRO A 1 48  ? -22.545 -8.867  8.423   1.00 35.31 ?  57  PRO A CB    1 
ATOM   377  C CG    . PRO A 1 48  ? -22.486 -7.441  7.893   1.00 33.36 ?  57  PRO A CG    1 
ATOM   378  C CD    . PRO A 1 48  ? -21.304 -7.428  6.948   1.00 34.04 ?  57  PRO A CD    1 
ATOM   379  N N     . CYS A 1 49  ? -20.621 -11.533 9.357   1.00 33.08 ?  58  CYS A N     1 
ATOM   380  C CA    . CYS A 1 49  ? -20.343 -12.953 9.213   1.00 38.45 ?  58  CYS A CA    1 
ATOM   381  C C     . CYS A 1 49  ? -21.655 -13.718 9.042   1.00 42.71 ?  58  CYS A C     1 
ATOM   382  O O     . CYS A 1 49  ? -21.687 -14.822 8.505   1.00 47.42 ?  58  CYS A O     1 
ATOM   383  C CB    . CYS A 1 49  ? -19.630 -13.481 10.457  1.00 42.98 ?  58  CYS A CB    1 
ATOM   384  S SG    . CYS A 1 49  ? -20.720 -13.554 11.948  1.00 59.55 ?  58  CYS A SG    1 
ATOM   385  N N     . ALA A 1 50  ? -22.738 -13.118 9.509   1.00 42.70 ?  59  ALA A N     1 
ATOM   386  C CA    . ALA A 1 50  ? -24.021 -13.790 9.549   1.00 44.71 ?  59  ALA A CA    1 
ATOM   387  C C     . ALA A 1 50  ? -25.133 -12.770 9.714   1.00 45.54 ?  59  ALA A C     1 
ATOM   388  O O     . ALA A 1 50  ? -25.005 -11.817 10.490  1.00 44.86 ?  59  ALA A O     1 
ATOM   389  C CB    . ALA A 1 50  ? -24.054 -14.772 10.701  1.00 45.24 ?  59  ALA A CB    1 
ATOM   390  N N     . GLN A 1 51  ? -26.215 -12.960 8.971   1.00 43.22 ?  60  GLN A N     1 
ATOM   391  C CA    . GLN A 1 51  ? -27.462 -12.302 9.301   1.00 45.86 ?  60  GLN A CA    1 
ATOM   392  C C     . GLN A 1 51  ? -28.267 -13.244 10.198  1.00 48.11 ?  60  GLN A C     1 
ATOM   393  O O     . GLN A 1 51  ? -28.325 -14.456 9.963   1.00 46.86 ?  60  GLN A O     1 
ATOM   394  C CB    . GLN A 1 51  ? -28.257 -11.972 8.046   1.00 47.94 ?  60  GLN A CB    1 
ATOM   395  C CG    . GLN A 1 51  ? -27.439 -11.329 6.966   1.00 49.31 ?  60  GLN A CG    1 
ATOM   396  C CD    . GLN A 1 51  ? -28.270 -10.949 5.760   1.00 54.33 ?  60  GLN A CD    1 
ATOM   397  O OE1   . GLN A 1 51  ? -28.003 -11.399 4.640   1.00 57.05 ?  60  GLN A OE1   1 
ATOM   398  N NE2   . GLN A 1 51  ? -29.289 -10.115 5.980   1.00 54.56 ?  60  GLN A NE2   1 
ATOM   399  N N     . VAL A 1 52  ? -28.867 -12.683 11.239  1.00 46.33 ?  61  VAL A N     1 
ATOM   400  C CA    . VAL A 1 52  ? -29.751 -13.441 12.108  1.00 46.03 ?  61  VAL A CA    1 
ATOM   401  C C     . VAL A 1 52  ? -31.184 -13.125 11.694  1.00 43.40 ?  61  VAL A C     1 
ATOM   402  O O     . VAL A 1 52  ? -31.623 -11.977 11.757  1.00 44.24 ?  61  VAL A O     1 
ATOM   403  C CB    . VAL A 1 52  ? -29.499 -13.126 13.603  1.00 43.95 ?  61  VAL A CB    1 
ATOM   404  C CG1   . VAL A 1 52  ? -30.549 -13.804 14.483  1.00 40.30 ?  61  VAL A CG1   1 
ATOM   405  C CG2   . VAL A 1 52  ? -28.096 -13.564 14.004  1.00 36.99 ?  61  VAL A CG2   1 
ATOM   406  N N     . ILE A 1 53  ? -31.900 -14.158 11.268  1.00 44.82 ?  62  ILE A N     1 
ATOM   407  C CA    . ILE A 1 53  ? -33.168 -14.002 10.552  1.00 48.33 ?  62  ILE A CA    1 
ATOM   408  C C     . ILE A 1 53  ? -34.311 -14.686 11.311  1.00 44.94 ?  62  ILE A C     1 
ATOM   409  O O     . ILE A 1 53  ? -34.068 -15.594 12.106  1.00 44.87 ?  62  ILE A O     1 
ATOM   410  C CB    . ILE A 1 53  ? -33.004 -14.572 9.103   1.00 49.25 ?  62  ILE A CB    1 
ATOM   411  C CG1   . ILE A 1 53  ? -32.213 -13.584 8.247   1.00 50.32 ?  62  ILE A CG1   1 
ATOM   412  C CG2   . ILE A 1 53  ? -34.311 -14.866 8.433   1.00 50.44 ?  62  ILE A CG2   1 
ATOM   413  C CD1   . ILE A 1 53  ? -32.689 -12.176 8.383   1.00 48.42 ?  62  ILE A CD1   1 
ATOM   414  N N     . PHE A 1 54  ? -35.546 -14.238 11.095  1.00 47.62 ?  63  PHE A N     1 
ATOM   415  C CA    . PHE A 1 54  ? -36.710 -14.882 11.730  1.00 49.43 ?  63  PHE A CA    1 
ATOM   416  C C     . PHE A 1 54  ? -37.571 -15.692 10.757  1.00 50.17 ?  63  PHE A C     1 
ATOM   417  O O     . PHE A 1 54  ? -38.665 -16.138 11.113  1.00 51.78 ?  63  PHE A O     1 
ATOM   418  C CB    . PHE A 1 54  ? -37.559 -13.863 12.505  1.00 42.88 ?  63  PHE A CB    1 
ATOM   419  C CG    . PHE A 1 54  ? -36.840 -13.266 13.675  1.00 43.78 ?  63  PHE A CG    1 
ATOM   420  C CD1   . PHE A 1 54  ? -37.175 -13.623 14.974  1.00 41.10 ?  63  PHE A CD1   1 
ATOM   421  C CD2   . PHE A 1 54  ? -35.787 -12.373 13.475  1.00 43.04 ?  63  PHE A CD2   1 
ATOM   422  C CE1   . PHE A 1 54  ? -36.484 -13.077 16.064  1.00 44.90 ?  63  PHE A CE1   1 
ATOM   423  C CE2   . PHE A 1 54  ? -35.098 -11.826 14.554  1.00 43.76 ?  63  PHE A CE2   1 
ATOM   424  C CZ    . PHE A 1 54  ? -35.441 -12.180 15.851  1.00 40.41 ?  63  PHE A CZ    1 
ATOM   425  N N     . ASP A 1 55  ? -37.066 -15.881 9.539   1.00 51.16 ?  64  ASP A N     1 
ATOM   426  C CA    . ASP A 1 55  ? -37.718 -16.725 8.537   1.00 56.96 ?  64  ASP A CA    1 
ATOM   427  C C     . ASP A 1 55  ? -36.888 -17.979 8.247   1.00 57.75 ?  64  ASP A C     1 
ATOM   428  O O     . ASP A 1 55  ? -35.704 -17.883 7.912   1.00 56.38 ?  64  ASP A O     1 
ATOM   429  C CB    . ASP A 1 55  ? -37.960 -15.938 7.246   1.00 57.46 ?  64  ASP A CB    1 
ATOM   430  N N     . SER A 1 56  ? -37.511 -19.151 8.365   1.00 58.66 ?  65  SER A N     1 
ATOM   431  C CA    . SER A 1 56  ? -36.809 -20.421 8.150   1.00 61.44 ?  65  SER A CA    1 
ATOM   432  C C     . SER A 1 56  ? -36.407 -20.639 6.687   1.00 64.88 ?  65  SER A C     1 
ATOM   433  O O     . SER A 1 56  ? -35.446 -21.360 6.403   1.00 61.41 ?  65  SER A O     1 
ATOM   434  C CB    . SER A 1 56  ? -37.650 -21.593 8.655   1.00 60.59 ?  65  SER A CB    1 
ATOM   435  N N     . ASP A 1 57  ? -37.154 -20.023 5.768   1.00 65.20 ?  66  ASP A N     1 
ATOM   436  C CA    . ASP A 1 57  ? -36.802 -20.042 4.345   1.00 72.51 ?  66  ASP A CA    1 
ATOM   437  C C     . ASP A 1 57  ? -36.426 -18.635 3.864   1.00 72.65 ?  66  ASP A C     1 
ATOM   438  O O     . ASP A 1 57  ? -37.294 -17.838 3.495   1.00 70.96 ?  66  ASP A O     1 
ATOM   439  C CB    . ASP A 1 57  ? -37.946 -20.617 3.507   1.00 65.64 ?  66  ASP A CB    1 
ATOM   440  N N     . PRO A 1 58  ? -35.121 -18.329 3.875   1.00 72.08 ?  67  PRO A N     1 
ATOM   441  C CA    . PRO A 1 58  ? -34.613 -17.000 3.509   1.00 74.95 ?  67  PRO A CA    1 
ATOM   442  C C     . PRO A 1 58  ? -34.373 -16.833 2.005   1.00 76.01 ?  67  PRO A C     1 
ATOM   443  O O     . PRO A 1 58  ? -34.437 -17.812 1.248   1.00 71.08 ?  67  PRO A O     1 
ATOM   444  C CB    . PRO A 1 58  ? -33.278 -16.931 4.254   1.00 70.67 ?  67  PRO A CB    1 
ATOM   445  C CG    . PRO A 1 58  ? -32.805 -18.356 4.283   1.00 72.24 ?  67  PRO A CG    1 
ATOM   446  C CD    . PRO A 1 58  ? -34.047 -19.226 4.346   1.00 71.05 ?  67  PRO A CD    1 
ATOM   447  N N     . ALA A 1 59  ? -34.105 -15.595 1.585   1.00 75.94 ?  68  ALA A N     1 
ATOM   448  C CA    . ALA A 1 59  ? -33.686 -15.311 0.210   1.00 67.40 ?  68  ALA A CA    1 
ATOM   449  C C     . ALA A 1 59  ? -32.299 -15.912 -0.024  1.00 64.60 ?  68  ALA A C     1 
ATOM   450  O O     . ALA A 1 59  ? -31.327 -15.509 0.617   1.00 65.19 ?  68  ALA A O     1 
ATOM   451  C CB    . ALA A 1 59  ? -33.677 -13.811 -0.047  1.00 62.52 ?  68  ALA A CB    1 
ATOM   452  N N     . PRO A 1 60  ? -32.209 -16.887 -0.938  1.00 63.63 ?  69  PRO A N     1 
ATOM   453  C CA    . PRO A 1 60  ? -31.006 -17.710 -1.117  1.00 64.43 ?  69  PRO A CA    1 
ATOM   454  C C     . PRO A 1 60  ? -29.786 -16.915 -1.591  1.00 62.28 ?  69  PRO A C     1 
ATOM   455  O O     . PRO A 1 60  ? -29.913 -15.993 -2.400  1.00 61.17 ?  69  PRO A O     1 
ATOM   456  C CB    . PRO A 1 60  ? -31.422 -18.721 -2.199  1.00 60.85 ?  69  PRO A CB    1 
ATOM   457  C CG    . PRO A 1 60  ? -32.909 -18.685 -2.222  1.00 63.55 ?  69  PRO A CG    1 
ATOM   458  C CD    . PRO A 1 60  ? -33.300 -17.296 -1.839  1.00 66.42 ?  69  PRO A CD    1 
ATOM   459  N N     . LYS A 1 61  ? -28.617 -17.278 -1.076  1.00 55.69 ?  70  LYS A N     1 
ATOM   460  C CA    . LYS A 1 61  ? -27.373 -16.684 -1.526  1.00 55.12 ?  70  LYS A CA    1 
ATOM   461  C C     . LYS A 1 61  ? -26.231 -17.669 -1.332  1.00 56.26 ?  70  LYS A C     1 
ATOM   462  O O     . LYS A 1 61  ? -26.391 -18.701 -0.675  1.00 58.73 ?  70  LYS A O     1 
ATOM   463  C CB    . LYS A 1 61  ? -27.096 -15.351 -0.821  1.00 53.70 ?  70  LYS A CB    1 
ATOM   464  C CG    . LYS A 1 61  ? -27.131 -15.400 0.698   1.00 52.77 ?  70  LYS A CG    1 
ATOM   465  C CD    . LYS A 1 61  ? -27.326 -14.006 1.276   1.00 51.55 ?  70  LYS A CD    1 
ATOM   466  C CE    . LYS A 1 61  ? -27.348 -14.019 2.795   1.00 48.93 ?  70  LYS A CE    1 
ATOM   467  N NZ    . LYS A 1 61  ? -26.009 -14.335 3.364   1.00 54.33 ?  70  LYS A NZ    1 
ATOM   468  N N     . ASP A 1 62  ? -25.079 -17.357 -1.907  1.00 53.99 ?  71  ASP A N     1 
ATOM   469  C CA    . ASP A 1 62  ? -23.969 -18.284 -1.879  1.00 53.93 ?  71  ASP A CA    1 
ATOM   470  C C     . ASP A 1 62  ? -23.339 -18.351 -0.499  1.00 55.95 ?  71  ASP A C     1 
ATOM   471  O O     . ASP A 1 62  ? -22.728 -19.360 -0.129  1.00 59.56 ?  71  ASP A O     1 
ATOM   472  C CB    . ASP A 1 62  ? -22.927 -17.886 -2.932  1.00 53.33 ?  71  ASP A CB    1 
ATOM   473  C CG    . ASP A 1 62  ? -23.466 -17.999 -4.354  1.00 60.64 ?  71  ASP A CG    1 
ATOM   474  O OD1   . ASP A 1 62  ? -24.158 -19.007 -4.636  1.00 61.29 ?  71  ASP A OD1   1 
ATOM   475  O OD2   . ASP A 1 62  ? -23.218 -17.086 -5.184  1.00 59.27 ?  71  ASP A OD2   1 
ATOM   476  N N     . THR A 1 63  ? -23.514 -17.287 0.279   1.00 53.70 ?  72  THR A N     1 
ATOM   477  C CA    . THR A 1 63  ? -22.665 -17.080 1.449   1.00 51.35 ?  72  THR A CA    1 
ATOM   478  C C     . THR A 1 63  ? -23.359 -16.397 2.620   1.00 50.26 ?  72  THR A C     1 
ATOM   479  O O     . THR A 1 63  ? -24.138 -15.460 2.442   1.00 49.06 ?  72  THR A O     1 
ATOM   480  C CB    . THR A 1 63  ? -21.433 -16.254 1.071   1.00 47.16 ?  72  THR A CB    1 
ATOM   481  O OG1   . THR A 1 63  ? -20.677 -16.962 0.077   1.00 46.82 ?  72  THR A OG1   1 
ATOM   482  C CG2   . THR A 1 63  ? -20.565 -15.992 2.300   1.00 48.21 ?  72  THR A CG2   1 
ATOM   483  N N     . SER A 1 64  ? -23.065 -16.885 3.821   1.00 51.16 ?  73  SER A N     1 
ATOM   484  C CA    . SER A 1 64  ? -23.607 -16.312 5.046   1.00 52.10 ?  73  SER A CA    1 
ATOM   485  C C     . SER A 1 64  ? -22.962 -14.956 5.342   1.00 48.31 ?  73  SER A C     1 
ATOM   486  O O     . SER A 1 64  ? -21.752 -14.764 5.167   1.00 43.32 ?  73  SER A O     1 
ATOM   487  C CB    . SER A 1 64  ? -23.416 -17.275 6.227   1.00 48.56 ?  73  SER A CB    1 
ATOM   488  N N     . GLY A 1 65  ? -23.788 -14.025 5.802   1.00 46.94 ?  74  GLY A N     1 
ATOM   489  C CA    . GLY A 1 65  ? -23.333 -12.693 6.128   1.00 44.37 ?  74  GLY A CA    1 
ATOM   490  C C     . GLY A 1 65  ? -23.963 -11.719 5.159   1.00 47.55 ?  74  GLY A C     1 
ATOM   491  O O     . GLY A 1 65  ? -25.072 -11.963 4.670   1.00 43.56 ?  74  GLY A O     1 
ATOM   492  N N     . ALA A 1 66  ? -23.255 -10.625 4.878   1.00 42.84 ?  75  ALA A N     1 
ATOM   493  C CA    . ALA A 1 66  ? -23.738 -9.608  3.951   1.00 37.59 ?  75  ALA A CA    1 
ATOM   494  C C     . ALA A 1 66  ? -22.594 -8.832  3.278   1.00 38.53 ?  75  ALA A C     1 
ATOM   495  O O     . ALA A 1 66  ? -21.411 -8.982  3.637   1.00 35.33 ?  75  ALA A O     1 
ATOM   496  C CB    . ALA A 1 66  ? -24.709 -8.653  4.659   1.00 29.55 ?  75  ALA A CB    1 
ATOM   497  N N     . ALA A 1 67  ? -22.971 -8.012  2.294   1.00 38.08 ?  76  ALA A N     1 
ATOM   498  C CA    . ALA A 1 67  ? -22.065 -7.087  1.608   1.00 34.67 ?  76  ALA A CA    1 
ATOM   499  C C     . ALA A 1 67  ? -21.325 -6.185  2.598   1.00 37.02 ?  76  ALA A C     1 
ATOM   500  O O     . ALA A 1 67  ? -21.817 -5.910  3.696   1.00 38.01 ?  76  ALA A O     1 
ATOM   501  C CB    . ALA A 1 67  ? -22.842 -6.243  0.618   1.00 32.30 ?  76  ALA A CB    1 
ATOM   502  N N     . ALA A 1 68  ? -20.161 -5.693  2.184   1.00 39.13 ?  77  ALA A N     1 
ATOM   503  C CA    . ALA A 1 68  ? -19.238 -5.002  3.089   1.00 38.66 ?  77  ALA A CA    1 
ATOM   504  C C     . ALA A 1 68  ? -19.670 -3.602  3.548   1.00 37.88 ?  77  ALA A C     1 
ATOM   505  O O     . ALA A 1 68  ? -20.235 -2.818  2.780   1.00 35.54 ?  77  ALA A O     1 
ATOM   506  C CB    . ALA A 1 68  ? -17.824 -4.967  2.495   1.00 32.04 ?  77  ALA A CB    1 
ATOM   507  N N     . LEU A 1 69  ? -19.382 -3.339  4.824   1.00 37.09 ?  78  LEU A N     1 
ATOM   508  C CA    . LEU A 1 69  ? -19.533 -2.057  5.501   1.00 38.20 ?  78  LEU A CA    1 
ATOM   509  C C     . LEU A 1 69  ? -18.174 -1.396  5.589   1.00 39.51 ?  78  LEU A C     1 
ATOM   510  O O     . LEU A 1 69  ? -17.165 -2.080  5.791   1.00 37.07 ?  78  LEU A O     1 
ATOM   511  C CB    . LEU A 1 69  ? -19.940 -2.289  6.964   1.00 42.50 ?  78  LEU A CB    1 
ATOM   512  C CG    . LEU A 1 69  ? -21.397 -2.252  7.379   1.00 44.95 ?  78  LEU A CG    1 
ATOM   513  C CD1   . LEU A 1 69  ? -22.197 -1.548  6.303   1.00 46.06 ?  78  LEU A CD1   1 
ATOM   514  C CD2   . LEU A 1 69  ? -21.898 -3.663  7.633   1.00 43.15 ?  78  LEU A CD2   1 
ATOM   515  N N     . GLU A 1 70  ? -18.143 -0.071  5.506   1.00 38.10 ?  79  GLU A N     1 
ATOM   516  C CA    . GLU A 1 70  ? -16.893 0.653   5.697   1.00 39.63 ?  79  GLU A CA    1 
ATOM   517  C C     . GLU A 1 70  ? -16.814 1.243   7.099   1.00 40.57 ?  79  GLU A C     1 
ATOM   518  O O     . GLU A 1 70  ? -17.666 2.033   7.488   1.00 43.95 ?  79  GLU A O     1 
ATOM   519  C CB    . GLU A 1 70  ? -16.747 1.758   4.664   1.00 39.11 ?  79  GLU A CB    1 
ATOM   520  C CG    . GLU A 1 70  ? -15.299 2.071   4.345   1.00 49.23 ?  79  GLU A CG    1 
ATOM   521  C CD    . GLU A 1 70  ? -15.152 3.300   3.453   1.00 57.65 ?  79  GLU A CD    1 
ATOM   522  O OE1   . GLU A 1 70  ? -16.144 4.072   3.320   1.00 48.29 ?  79  GLU A OE1   1 
ATOM   523  O OE2   . GLU A 1 70  ? -14.045 3.486   2.886   1.00 54.46 ?  79  GLU A OE2   1 
ATOM   524  N N     . MET A 1 71  ? -15.792 0.857   7.857   1.00 40.98 ?  80  MET A N     1 
ATOM   525  C CA    . MET A 1 71  ? -15.601 1.397   9.203   1.00 43.21 ?  80  MET A CA    1 
ATOM   526  C C     . MET A 1 71  ? -14.297 2.164   9.319   1.00 44.12 ?  80  MET A C     1 
ATOM   527  O O     . MET A 1 71  ? -13.352 1.923   8.567   1.00 43.74 ?  80  MET A O     1 
ATOM   528  C CB    . MET A 1 71  ? -15.619 0.281   10.234  1.00 45.47 ?  80  MET A CB    1 
ATOM   529  C CG    . MET A 1 71  ? -16.629 -0.793  9.922   1.00 47.17 ?  80  MET A CG    1 
ATOM   530  S SD    . MET A 1 71  ? -16.956 -1.785  11.377  1.00 55.31 ?  80  MET A SD    1 
ATOM   531  C CE    . MET A 1 71  ? -18.054 -0.692  12.281  1.00 50.06 ?  80  MET A CE    1 
ATOM   532  N N     . MET A 1 72  ? -14.242 3.079   10.277  1.00 48.58 ?  81  MET A N     1 
ATOM   533  C CA    . MET A 1 72  ? -13.065 3.916   10.426  1.00 43.30 ?  81  MET A CA    1 
ATOM   534  C C     . MET A 1 72  ? -12.675 4.123   11.876  1.00 42.65 ?  81  MET A C     1 
ATOM   535  O O     . MET A 1 72  ? -13.509 4.033   12.771  1.00 49.07 ?  81  MET A O     1 
ATOM   536  C CB    . MET A 1 72  ? -13.307 5.264   9.755   1.00 44.60 ?  81  MET A CB    1 
ATOM   537  C CG    . MET A 1 72  ? -14.660 5.850   10.047  1.00 46.83 ?  81  MET A CG    1 
ATOM   538  S SD    . MET A 1 72  ? -14.570 7.611   10.437  1.00 80.12 ?  81  MET A SD    1 
ATOM   539  C CE    . MET A 1 72  ? -13.730 7.565   12.041  1.00 61.41 ?  81  MET A CE    1 
ATOM   540  N N     . SER A 1 73  ? -11.392 4.392   12.091  1.00 44.29 ?  82  SER A N     1 
ATOM   541  C CA    . SER A 1 73  ? -10.857 4.716   13.406  1.00 46.61 ?  82  SER A CA    1 
ATOM   542  C C     . SER A 1 73  ? -10.062 6.011   13.320  1.00 51.43 ?  82  SER A C     1 
ATOM   543  O O     . SER A 1 73  ? -9.174  6.150   12.473  1.00 48.58 ?  82  SER A O     1 
ATOM   544  C CB    . SER A 1 73  ? -9.975  3.586   13.916  1.00 45.12 ?  82  SER A CB    1 
ATOM   545  N N     . GLN A 1 74  ? -10.384 6.965   14.188  1.00 55.00 ?  83  GLN A N     1 
ATOM   546  C CA    . GLN A 1 74  ? -9.643  8.229   14.229  1.00 58.73 ?  83  GLN A CA    1 
ATOM   547  C C     . GLN A 1 74  ? -8.215  8.001   14.724  1.00 53.85 ?  83  GLN A C     1 
ATOM   548  O O     . GLN A 1 74  ? -7.317  8.777   14.419  1.00 55.43 ?  83  GLN A O     1 
ATOM   549  C CB    . GLN A 1 74  ? -10.359 9.249   15.114  1.00 61.20 ?  83  GLN A CB    1 
ATOM   550  N N     . ALA A 1 75  ? -8.017  6.931   15.490  1.00 50.86 ?  84  ALA A N     1 
ATOM   551  C CA    . ALA A 1 75  ? -6.688  6.565   15.965  1.00 51.47 ?  84  ALA A CA    1 
ATOM   552  C C     . ALA A 1 75  ? -5.702  6.322   14.808  1.00 52.96 ?  84  ALA A C     1 
ATOM   553  O O     . ALA A 1 75  ? -4.593  6.863   14.814  1.00 60.24 ?  84  ALA A O     1 
ATOM   554  C CB    . ALA A 1 75  ? -6.767  5.343   16.885  1.00 43.81 ?  84  ALA A CB    1 
ATOM   555  N N     . MET A 1 76  ? -6.119  5.538   13.812  1.00 51.25 ?  85  MET A N     1 
ATOM   556  C CA    . MET A 1 76  ? -5.258  5.143   12.690  1.00 52.79 ?  85  MET A CA    1 
ATOM   557  C C     . MET A 1 76  ? -4.649  6.296   11.889  1.00 49.81 ?  85  MET A C     1 
ATOM   558  O O     . MET A 1 76  ? -3.660  6.101   11.184  1.00 55.89 ?  85  MET A O     1 
ATOM   559  C CB    . MET A 1 76  ? -5.999  4.207   11.700  1.00 44.65 ?  85  MET A CB    1 
ATOM   560  C CG    . MET A 1 76  ? -6.959  3.260   12.339  1.00 42.87 ?  85  MET A CG    1 
ATOM   561  S SD    . MET A 1 76  ? -6.874  1.585   11.678  1.00 52.58 ?  85  MET A SD    1 
ATOM   562  C CE    . MET A 1 76  ? -7.486  1.780   10.010  1.00 48.98 ?  85  MET A CE    1 
ATOM   563  N N     . ILE A 1 77  ? -5.227  7.487   11.966  1.00 48.41 ?  86  ILE A N     1 
ATOM   564  C CA    . ILE A 1 77  ? -4.756  8.557   11.082  1.00 55.36 ?  86  ILE A CA    1 
ATOM   565  C C     . ILE A 1 77  ? -3.477  9.231   11.593  1.00 60.20 ?  86  ILE A C     1 
ATOM   566  O O     . ILE A 1 77  ? -2.535  9.470   10.823  1.00 57.89 ?  86  ILE A O     1 
ATOM   567  C CB    . ILE A 1 77  ? -5.854  9.598   10.755  1.00 57.73 ?  86  ILE A CB    1 
ATOM   568  C CG1   . ILE A 1 77  ? -5.402  11.002  11.159  1.00 55.34 ?  86  ILE A CG1   1 
ATOM   569  C CG2   . ILE A 1 77  ? -7.202  9.199   11.392  1.00 56.56 ?  86  ILE A CG2   1 
ATOM   570  C CD1   . ILE A 1 77  ? -6.396  11.723  12.044  1.00 61.85 ?  86  ILE A CD1   1 
ATOM   571  N N     . ARG A 1 78  ? -3.439  9.536   12.888  1.00 61.21 ?  87  ARG A N     1 
ATOM   572  C CA    . ARG A 1 78  ? -2.180  9.904   13.518  1.00 58.46 ?  87  ARG A CA    1 
ATOM   573  C C     . ARG A 1 78  ? -1.243  8.707   13.365  1.00 63.08 ?  87  ARG A C     1 
ATOM   574  O O     . ARG A 1 78  ? -1.618  7.560   13.679  1.00 66.19 ?  87  ARG A O     1 
ATOM   575  C CB    . ARG A 1 78  ? -2.390  10.233  14.975  1.00 62.44 ?  87  ARG A CB    1 
ATOM   576  N N     . GLY A 1 79  ? -0.031  8.965   12.883  1.00 54.54 ?  88  GLY A N     1 
ATOM   577  C CA    . GLY A 1 79  ? 0.885   7.888   12.558  1.00 51.81 ?  88  GLY A CA    1 
ATOM   578  C C     . GLY A 1 79  ? 1.300   8.015   11.110  1.00 54.98 ?  88  GLY A C     1 
ATOM   579  O O     . GLY A 1 79  ? 2.490   8.155   10.795  1.00 52.80 ?  88  GLY A O     1 
ATOM   580  N N     . MET A 1 80  ? 0.308   7.986   10.225  1.00 56.13 ?  89  MET A N     1 
ATOM   581  C CA    . MET A 1 80  ? 0.549   8.179   8.800   1.00 52.98 ?  89  MET A CA    1 
ATOM   582  C C     . MET A 1 80  ? 0.975   9.610   8.523   1.00 50.13 ?  89  MET A C     1 
ATOM   583  O O     . MET A 1 80  ? 1.774   9.864   7.630   1.00 50.56 ?  89  MET A O     1 
ATOM   584  C CB    . MET A 1 80  ? -0.703  7.841   7.996   1.00 48.40 ?  89  MET A CB    1 
ATOM   585  C CG    . MET A 1 80  ? -1.156  6.406   8.168   1.00 59.14 ?  89  MET A CG    1 
ATOM   586  S SD    . MET A 1 80  ? -2.755  6.093   7.380   1.00 67.98 ?  89  MET A SD    1 
ATOM   587  C CE    . MET A 1 80  ? -2.660  7.299   6.049   1.00 40.10 ?  89  MET A CE    1 
ATOM   588  N N     . MET A 1 81  ? 0.436   10.545  9.296   1.00 54.55 ?  90  MET A N     1 
ATOM   589  C CA    . MET A 1 81  ? 0.747   11.958  9.101   1.00 54.90 ?  90  MET A CA    1 
ATOM   590  C C     . MET A 1 81  ? 2.046   12.351  9.780   1.00 54.15 ?  90  MET A C     1 
ATOM   591  O O     . MET A 1 81  ? 2.699   13.305  9.367   1.00 54.37 ?  90  MET A O     1 
ATOM   592  C CB    . MET A 1 81  ? -0.401  12.842  9.567   1.00 53.79 ?  90  MET A CB    1 
ATOM   593  C CG    . MET A 1 81  ? -1.653  12.685  8.718   1.00 59.55 ?  90  MET A CG    1 
ATOM   594  S SD    . MET A 1 81  ? -3.079  13.538  9.423   1.00 77.28 ?  90  MET A SD    1 
ATOM   595  C CE    . MET A 1 81  ? -2.540  15.254  9.373   1.00 62.17 ?  90  MET A CE    1 
ATOM   596  N N     . SER A 1 82  ? 2.428   11.616  10.821  1.00 54.03 ?  91  SER A N     1 
ATOM   597  C CA    . SER A 1 82  ? 3.745   11.817  11.416  1.00 53.95 ?  91  SER A CA    1 
ATOM   598  C C     . SER A 1 82  ? 4.787   11.121  10.535  1.00 55.98 ?  91  SER A C     1 
ATOM   599  O O     . SER A 1 82  ? 5.992   11.357  10.687  1.00 50.20 ?  91  SER A O     1 
ATOM   600  C CB    . SER A 1 82  ? 3.794   11.300  12.854  1.00 48.81 ?  91  SER A CB    1 
ATOM   601  O OG    . SER A 1 82  ? 3.692   9.887   12.892  1.00 53.66 ?  91  SER A OG    1 
ATOM   602  N N     . GLY A 1 83  ? 4.302   10.279  9.613   1.00 50.11 ?  92  GLY A N     1 
ATOM   603  C CA    . GLY A 1 83  ? 5.137   9.600   8.634   1.00 48.82 ?  92  GLY A CA    1 
ATOM   604  C C     . GLY A 1 83  ? 5.961   8.504   9.272   1.00 50.35 ?  92  GLY A C     1 
ATOM   605  O O     . GLY A 1 83  ? 7.027   8.124   8.774   1.00 56.86 ?  92  GLY A O     1 
ATOM   606  N N     . GLU A 1 84  ? 5.448   7.981   10.377  1.00 53.42 ?  93  GLU A N     1 
ATOM   607  C CA    . GLU A 1 84  ? 6.185   7.086   11.254  1.00 50.67 ?  93  GLU A CA    1 
ATOM   608  C C     . GLU A 1 84  ? 5.594   5.687   11.277  1.00 57.26 ?  93  GLU A C     1 
ATOM   609  O O     . GLU A 1 84  ? 6.080   4.815   12.005  1.00 62.51 ?  93  GLU A O     1 
ATOM   610  C CB    . GLU A 1 84  ? 6.028   7.629   12.679  1.00 56.40 ?  93  GLU A CB    1 
ATOM   611  C CG    . GLU A 1 84  ? 7.246   7.475   13.564  1.00 71.01 ?  93  GLU A CG    1 
ATOM   612  C CD    . GLU A 1 84  ? 7.548   8.764   14.294  1.00 73.60 ?  93  GLU A CD    1 
ATOM   613  O OE1   . GLU A 1 84  ? 7.186   8.888   15.488  1.00 73.96 ?  93  GLU A OE1   1 
ATOM   614  O OE2   . GLU A 1 84  ? 8.140   9.667   13.657  1.00 72.11 ?  93  GLU A OE2   1 
ATOM   615  N N     . ASN A 1 85  ? 4.544   5.471   10.489  1.00 54.09 ?  94  ASN A N     1 
ATOM   616  C CA    . ASN A 1 85  ? 3.522   4.541   10.894  1.00 47.03 ?  94  ASN A CA    1 
ATOM   617  C C     . ASN A 1 85  ? 2.413   4.436   9.844   1.00 48.19 ?  94  ASN A C     1 
ATOM   618  O O     . ASN A 1 85  ? 2.098   5.419   9.173   1.00 47.63 ?  94  ASN A O     1 
ATOM   619  C CB    . ASN A 1 85  ? 2.940   5.132   12.177  1.00 53.32 ?  94  ASN A CB    1 
ATOM   620  C CG    . ASN A 1 85  ? 2.218   4.136   13.004  1.00 52.47 ?  94  ASN A CG    1 
ATOM   621  O OD1   . ASN A 1 85  ? 2.818   3.477   13.845  1.00 60.13 ?  94  ASN A OD1   1 
ATOM   622  N ND2   . ASN A 1 85  ? 0.910   4.038   12.808  1.00 46.83 ?  94  ASN A ND2   1 
ATOM   623  N N     . LEU A 1 86  ? 1.820   3.256   9.686   1.00 43.16 ?  95  LEU A N     1 
ATOM   624  C CA    . LEU A 1 86  ? 0.644   3.155   8.829   1.00 42.74 ?  95  LEU A CA    1 
ATOM   625  C C     . LEU A 1 86  ? -0.187  1.881   8.986   1.00 39.49 ?  95  LEU A C     1 
ATOM   626  O O     . LEU A 1 86  ? 0.318   0.816   9.355   1.00 40.63 ?  95  LEU A O     1 
ATOM   627  C CB    . LEU A 1 86  ? 1.012   3.370   7.354   1.00 41.03 ?  95  LEU A CB    1 
ATOM   628  C CG    . LEU A 1 86  ? 1.842   2.278   6.682   1.00 38.29 ?  95  LEU A CG    1 
ATOM   629  C CD1   . LEU A 1 86  ? 1.054   1.614   5.575   1.00 39.34 ?  95  LEU A CD1   1 
ATOM   630  C CD2   . LEU A 1 86  ? 3.112   2.874   6.139   1.00 42.68 ?  95  LEU A CD2   1 
ATOM   631  N N     . TYR A 1 87  ? -1.476  2.008   8.705   1.00 37.34 ?  96  TYR A N     1 
ATOM   632  C CA    . TYR A 1 87  ? -2.341  0.839   8.620   1.00 37.59 ?  96  TYR A CA    1 
ATOM   633  C C     . TYR A 1 87  ? -2.756  0.570   7.172   1.00 38.22 ?  96  TYR A C     1 
ATOM   634  O O     . TYR A 1 87  ? -2.805  1.478   6.332   1.00 37.87 ?  96  TYR A O     1 
ATOM   635  C CB    . TYR A 1 87  ? -3.568  1.003   9.523   1.00 35.38 ?  96  TYR A CB    1 
ATOM   636  C CG    . TYR A 1 87  ? -3.242  1.069   11.003  1.00 39.53 ?  96  TYR A CG    1 
ATOM   637  C CD1   . TYR A 1 87  ? -2.913  2.277   11.607  1.00 40.57 ?  96  TYR A CD1   1 
ATOM   638  C CD2   . TYR A 1 87  ? -3.262  -0.077  11.795  1.00 35.72 ?  96  TYR A CD2   1 
ATOM   639  C CE1   . TYR A 1 87  ? -2.622  2.346   12.964  1.00 42.63 ?  96  TYR A CE1   1 
ATOM   640  C CE2   . TYR A 1 87  ? -2.975  -0.020  13.150  1.00 35.28 ?  96  TYR A CE2   1 
ATOM   641  C CZ    . TYR A 1 87  ? -2.651  1.195   13.732  1.00 41.97 ?  96  TYR A CZ    1 
ATOM   642  O OH    . TYR A 1 87  ? -2.341  1.260   15.082  1.00 41.50 ?  96  TYR A OH    1 
ATOM   643  N N     . PHE A 1 88  ? -3.029  -0.692  6.875   1.00 36.06 ?  97  PHE A N     1 
ATOM   644  C CA    . PHE A 1 88  ? -3.580  -1.046  5.578   1.00 33.35 ?  97  PHE A CA    1 
ATOM   645  C C     . PHE A 1 88  ? -4.393  -2.336  5.666   1.00 33.93 ?  97  PHE A C     1 
ATOM   646  O O     . PHE A 1 88  ? -4.258  -3.106  6.623   1.00 35.76 ?  97  PHE A O     1 
ATOM   647  C CB    . PHE A 1 88  ? -2.505  -1.084  4.470   1.00 32.20 ?  97  PHE A CB    1 
ATOM   648  C CG    . PHE A 1 88  ? -1.639  -2.327  4.471   1.00 36.53 ?  97  PHE A CG    1 
ATOM   649  C CD1   . PHE A 1 88  ? -2.077  -3.498  3.861   1.00 34.56 ?  97  PHE A CD1   1 
ATOM   650  C CD2   . PHE A 1 88  ? -0.363  -2.314  5.049   1.00 37.94 ?  97  PHE A CD2   1 
ATOM   651  C CE1   . PHE A 1 88  ? -1.281  -4.637  3.841   1.00 34.60 ?  97  PHE A CE1   1 
ATOM   652  C CE2   . PHE A 1 88  ? 0.435   -3.457  5.037   1.00 33.42 ?  97  PHE A CE2   1 
ATOM   653  C CZ    . PHE A 1 88  ? -0.024  -4.618  4.427   1.00 32.55 ?  97  PHE A CZ    1 
ATOM   654  N N     . GLN A 1 89  ? -5.249  -2.556  4.674   1.00 31.44 ?  98  GLN A N     1 
ATOM   655  C CA    . GLN A 1 89  ? -6.108  -3.725  4.663   1.00 35.50 ?  98  GLN A CA    1 
ATOM   656  C C     . GLN A 1 89  ? -5.762  -4.616  3.492   1.00 36.91 ?  98  GLN A C     1 
ATOM   657  O O     . GLN A 1 89  ? -5.440  -4.132  2.414   1.00 39.45 ?  98  GLN A O     1 
ATOM   658  C CB    . GLN A 1 89  ? -7.588  -3.306  4.575   1.00 35.57 ?  98  GLN A CB    1 
ATOM   659  C CG    . GLN A 1 89  ? -8.550  -4.472  4.429   1.00 37.01 ?  98  GLN A CG    1 
ATOM   660  C CD    . GLN A 1 89  ? -10.011 -4.042  4.480   1.00 44.71 ?  98  GLN A CD    1 
ATOM   661  O OE1   . GLN A 1 89  ? -10.345 -2.883  4.201   1.00 45.72 ?  98  GLN A OE1   1 
ATOM   662  N NE2   . GLN A 1 89  ? -10.893 -4.977  4.837   1.00 41.53 ?  98  GLN A NE2   1 
ATOM   663  N N     . SER A 1 90  ? -5.819  -5.921  3.719   1.00 40.32 ?  99  SER A N     1 
ATOM   664  C CA    . SER A 1 90  ? -5.754  -6.902  2.648   1.00 40.77 ?  99  SER A CA    1 
ATOM   665  C C     . SER A 1 90  ? -6.714  -8.013  3.034   1.00 37.69 ?  99  SER A C     1 
ATOM   666  O O     . SER A 1 90  ? -6.630  -8.529  4.141   1.00 40.07 ?  99  SER A O     1 
ATOM   667  C CB    . SER A 1 90  ? -4.340  -7.452  2.495   1.00 40.86 ?  99  SER A CB    1 
ATOM   668  O OG    . SER A 1 90  ? -4.261  -8.324  1.376   1.00 42.97 ?  99  SER A OG    1 
ATOM   669  N N     . GLY A 1 91  ? -7.626  -8.375  2.135   1.00 39.19 ?  100 GLY A N     1 
ATOM   670  C CA    . GLY A 1 91  ? -8.694  -9.295  2.488   1.00 38.25 ?  100 GLY A CA    1 
ATOM   671  C C     . GLY A 1 91  ? -9.413  -8.826  3.742   1.00 42.37 ?  100 GLY A C     1 
ATOM   672  O O     . GLY A 1 91  ? -9.756  -7.650  3.866   1.00 45.20 ?  100 GLY A O     1 
ATOM   673  N N     . ASN A 1 92  ? -9.644  -9.725  4.690   1.00 44.71 ?  101 ASN A N     1 
ATOM   674  C CA    . ASN A 1 92  ? -10.383 -9.339  5.897   1.00 49.65 ?  101 ASN A CA    1 
ATOM   675  C C     . ASN A 1 92  ? -9.460  -8.766  6.952   1.00 52.89 ?  101 ASN A C     1 
ATOM   676  O O     . ASN A 1 92  ? -9.888  -8.469  8.072   1.00 56.93 ?  101 ASN A O     1 
ATOM   677  C CB    . ASN A 1 92  ? -11.134 -10.539 6.489   1.00 46.34 ?  101 ASN A CB    1 
ATOM   678  C CG    . ASN A 1 92  ? -11.900 -11.328 5.439   1.00 52.39 ?  101 ASN A CG    1 
ATOM   679  O OD1   . ASN A 1 92  ? -12.490 -10.758 4.506   1.00 51.87 ?  101 ASN A OD1   1 
ATOM   680  N ND2   . ASN A 1 92  ? -11.889 -12.650 5.580   1.00 55.79 ?  101 ASN A ND2   1 
ATOM   681  N N     . ASP A 1 93  ? -8.196  -8.592  6.591   1.00 45.08 ?  102 ASP A N     1 
ATOM   682  C CA    . ASP A 1 93  ? -7.182  -8.334  7.592   1.00 42.39 ?  102 ASP A CA    1 
ATOM   683  C C     . ASP A 1 93  ? -6.716  -6.895  7.690   1.00 42.00 ?  102 ASP A C     1 
ATOM   684  O O     . ASP A 1 93  ? -6.745  -6.134  6.720   1.00 42.82 ?  102 ASP A O     1 
ATOM   685  C CB    . ASP A 1 93  ? -5.990  -9.258  7.370   1.00 50.11 ?  102 ASP A CB    1 
ATOM   686  C CG    . ASP A 1 93  ? -6.353  -10.712 7.554   1.00 54.42 ?  102 ASP A CG    1 
ATOM   687  O OD1   . ASP A 1 93  ? -7.297  -10.998 8.335   1.00 50.33 ?  102 ASP A OD1   1 
ATOM   688  O OD2   . ASP A 1 93  ? -5.699  -11.568 6.921   1.00 59.67 ?  102 ASP A OD2   1 
ATOM   689  N N     . LEU A 1 94  ? -6.284  -6.541  8.893   1.00 41.43 ?  103 LEU A N     1 
ATOM   690  C CA    . LEU A 1 94  ? -5.731  -5.235  9.176   1.00 37.43 ?  103 LEU A CA    1 
ATOM   691  C C     . LEU A 1 94  ? -4.261  -5.435  9.521   1.00 39.18 ?  103 LEU A C     1 
ATOM   692  O O     . LEU A 1 94  ? -3.919  -6.187  10.444  1.00 36.72 ?  103 LEU A O     1 
ATOM   693  C CB    . LEU A 1 94  ? -6.470  -4.625  10.358  1.00 36.20 ?  103 LEU A CB    1 
ATOM   694  C CG    . LEU A 1 94  ? -6.634  -3.108  10.436  1.00 40.08 ?  103 LEU A CG    1 
ATOM   695  C CD1   . LEU A 1 94  ? -6.055  -2.569  11.738  1.00 35.51 ?  103 LEU A CD1   1 
ATOM   696  C CD2   . LEU A 1 94  ? -6.043  -2.410  9.218   1.00 35.33 ?  103 LEU A CD2   1 
ATOM   697  N N     . TYR A 1 95  ? -3.392  -4.781  8.762   1.00 37.35 ?  104 TYR A N     1 
ATOM   698  C CA    . TYR A 1 95  ? -1.964  -4.823  9.038   1.00 35.57 ?  104 TYR A CA    1 
ATOM   699  C C     . TYR A 1 95  ? -1.495  -3.480  9.541   1.00 35.36 ?  104 TYR A C     1 
ATOM   700  O O     . TYR A 1 95  ? -1.933  -2.431  9.076   1.00 38.19 ?  104 TYR A O     1 
ATOM   701  C CB    . TYR A 1 95  ? -1.166  -5.202  7.783   1.00 37.12 ?  104 TYR A CB    1 
ATOM   702  C CG    . TYR A 1 95  ? -1.403  -6.616  7.296   1.00 40.03 ?  104 TYR A CG    1 
ATOM   703  C CD1   . TYR A 1 95  ? -0.536  -7.645  7.635   1.00 43.79 ?  104 TYR A CD1   1 
ATOM   704  C CD2   . TYR A 1 95  ? -2.495  -6.919  6.508   1.00 40.36 ?  104 TYR A CD2   1 
ATOM   705  C CE1   . TYR A 1 95  ? -0.751  -8.935  7.197   1.00 44.37 ?  104 TYR A CE1   1 
ATOM   706  C CE2   . TYR A 1 95  ? -2.720  -8.203  6.068   1.00 47.20 ?  104 TYR A CE2   1 
ATOM   707  C CZ    . TYR A 1 95  ? -1.846  -9.210  6.413   1.00 49.93 ?  104 TYR A CZ    1 
ATOM   708  O OH    . TYR A 1 95  ? -2.082  -10.498 5.971   1.00 57.47 ?  104 TYR A OH    1 
ATOM   709  N N     . PHE A 1 96  ? -0.593  -3.518  10.503  1.00 37.12 ?  105 PHE A N     1 
ATOM   710  C CA    . PHE A 1 96  ? 0.030   -2.309  10.995  1.00 38.96 ?  105 PHE A CA    1 
ATOM   711  C C     . PHE A 1 96  ? 1.507   -2.306  10.584  1.00 40.43 ?  105 PHE A C     1 
ATOM   712  O O     . PHE A 1 96  ? 2.205   -3.298  10.771  1.00 38.45 ?  105 PHE A O     1 
ATOM   713  C CB    . PHE A 1 96  ? -0.122  -2.257  12.511  1.00 37.66 ?  105 PHE A CB    1 
ATOM   714  C CG    . PHE A 1 96  ? 0.613   -1.128  13.155  1.00 40.71 ?  105 PHE A CG    1 
ATOM   715  C CD1   . PHE A 1 96  ? 0.244   0.186   12.911  1.00 40.24 ?  105 PHE A CD1   1 
ATOM   716  C CD2   . PHE A 1 96  ? 1.666   -1.379  14.027  1.00 41.37 ?  105 PHE A CD2   1 
ATOM   717  C CE1   . PHE A 1 96  ? 0.915   1.222   13.528  1.00 40.82 ?  105 PHE A CE1   1 
ATOM   718  C CE2   . PHE A 1 96  ? 2.329   -0.345  14.640  1.00 41.74 ?  105 PHE A CE2   1 
ATOM   719  C CZ    . PHE A 1 96  ? 1.955   0.952   14.395  1.00 38.84 ?  105 PHE A CZ    1 
ATOM   720  N N     . VAL A 1 97  ? 1.972   -1.208  10.000  1.00 37.22 ?  106 VAL A N     1 
ATOM   721  C CA    . VAL A 1 97  ? 3.363   -1.127  9.590   1.00 42.35 ?  106 VAL A CA    1 
ATOM   722  C C     . VAL A 1 97  ? 4.145   -0.087  10.395  1.00 41.47 ?  106 VAL A C     1 
ATOM   723  O O     . VAL A 1 97  ? 3.826   1.104   10.363  1.00 42.57 ?  106 VAL A O     1 
ATOM   724  C CB    . VAL A 1 97  ? 3.501   -0.825  8.088   1.00 43.49 ?  106 VAL A CB    1 
ATOM   725  C CG1   . VAL A 1 97  ? 4.983   -0.622  7.715   1.00 40.40 ?  106 VAL A CG1   1 
ATOM   726  C CG2   . VAL A 1 97  ? 2.884   -1.948  7.278   1.00 38.01 ?  106 VAL A CG2   1 
ATOM   727  N N     . LYS A 1 98  ? 5.167   -0.546  11.116  1.00 40.14 ?  107 LYS A N     1 
ATOM   728  C CA    . LYS A 1 98  ? 5.991   0.340   11.939  1.00 44.33 ?  107 LYS A CA    1 
ATOM   729  C C     . LYS A 1 98  ? 7.195   0.832   11.128  1.00 43.23 ?  107 LYS A C     1 
ATOM   730  O O     . LYS A 1 98  ? 8.133   0.082   10.868  1.00 46.02 ?  107 LYS A O     1 
ATOM   731  C CB    . LYS A 1 98  ? 6.415   -0.376  13.228  1.00 44.65 ?  107 LYS A CB    1 
ATOM   732  C CG    . LYS A 1 98  ? 7.185   0.498   14.228  1.00 54.57 ?  107 LYS A CG    1 
ATOM   733  C CD    . LYS A 1 98  ? 6.511   0.521   15.612  1.00 63.30 ?  107 LYS A CD    1 
ATOM   734  C CE    . LYS A 1 98  ? 5.737   1.840   15.853  1.00 67.83 ?  107 LYS A CE    1 
ATOM   735  N NZ    . LYS A 1 98  ? 4.901   1.836   17.107  1.00 64.76 ?  107 LYS A NZ    1 
ATOM   736  N N     . LEU A 1 99  ? 7.161   2.096   10.721  1.00 43.84 ?  108 LEU A N     1 
ATOM   737  C CA    . LEU A 1 99  ? 8.182   2.630   9.821   1.00 45.82 ?  108 LEU A CA    1 
ATOM   738  C C     . LEU A 1 99  ? 9.485   3.055   10.507  1.00 47.92 ?  108 LEU A C     1 
ATOM   739  O O     . LEU A 1 99  ? 9.467   3.786   11.504  1.00 49.51 ?  108 LEU A O     1 
ATOM   740  C CB    . LEU A 1 99  ? 7.631   3.811   9.027   1.00 44.67 ?  108 LEU A CB    1 
ATOM   741  C CG    . LEU A 1 99  ? 6.569   3.494   7.979   1.00 44.58 ?  108 LEU A CG    1 
ATOM   742  C CD1   . LEU A 1 99  ? 6.083   4.781   7.345   1.00 44.45 ?  108 LEU A CD1   1 
ATOM   743  C CD2   . LEU A 1 99  ? 7.109   2.535   6.926   1.00 41.26 ?  108 LEU A CD2   1 
ATOM   744  N N     . PRO A 1 100 ? 10.624  2.609   9.951   1.00 45.56 ?  109 PRO A N     1 
ATOM   745  C CA    . PRO A 1 100 ? 11.970  3.029   10.355  1.00 45.94 ?  109 PRO A CA    1 
ATOM   746  C C     . PRO A 1 100 ? 12.277  4.428   9.826   1.00 44.89 ?  109 PRO A C     1 
ATOM   747  O O     . PRO A 1 100 ? 11.634  4.883   8.878   1.00 45.78 ?  109 PRO A O     1 
ATOM   748  C CB    . PRO A 1 100 ? 12.860  2.014   9.651   1.00 44.18 ?  109 PRO A CB    1 
ATOM   749  C CG    . PRO A 1 100 ? 12.128  1.735   8.382   1.00 44.42 ?  109 PRO A CG    1 
ATOM   750  C CD    . PRO A 1 100 ? 10.668  1.704   8.789   1.00 45.83 ?  109 PRO A CD    1 
ATOM   751  N N     . ASN A 1 101 ? 13.259  5.094   10.421  1.00 47.01 ?  110 ASN A N     1 
ATOM   752  C CA    . ASN A 1 101 ? 13.590  6.474   10.053  1.00 46.28 ?  110 ASN A CA    1 
ATOM   753  C C     . ASN A 1 101 ? 13.928  6.654   8.577   1.00 44.53 ?  110 ASN A C     1 
ATOM   754  O O     . ASN A 1 101 ? 13.813  7.764   8.062   1.00 46.83 ?  110 ASN A O     1 
ATOM   755  C CB    . ASN A 1 101 ? 14.718  7.030   10.944  1.00 44.05 ?  110 ASN A CB    1 
ATOM   756  N N     . PHE A 1 102 ? 14.334  5.579   7.897   1.00 39.50 ?  111 PHE A N     1 
ATOM   757  C CA    . PHE A 1 102 ? 14.689  5.673   6.474   1.00 40.57 ?  111 PHE A CA    1 
ATOM   758  C C     . PHE A 1 102 ? 13.532  5.397   5.494   1.00 44.23 ?  111 PHE A C     1 
ATOM   759  O O     . PHE A 1 102 ? 13.740  5.348   4.278   1.00 42.14 ?  111 PHE A O     1 
ATOM   760  C CB    . PHE A 1 102 ? 15.896  4.789   6.132   1.00 39.90 ?  111 PHE A CB    1 
ATOM   761  C CG    . PHE A 1 102 ? 15.685  3.334   6.426   1.00 41.63 ?  111 PHE A CG    1 
ATOM   762  C CD1   . PHE A 1 102 ? 16.043  2.808   7.655   1.00 42.63 ?  111 PHE A CD1   1 
ATOM   763  C CD2   . PHE A 1 102 ? 15.124  2.488   5.476   1.00 39.76 ?  111 PHE A CD2   1 
ATOM   764  C CE1   . PHE A 1 102 ? 15.846  1.461   7.932   1.00 44.34 ?  111 PHE A CE1   1 
ATOM   765  C CE2   . PHE A 1 102 ? 14.923  1.148   5.749   1.00 37.34 ?  111 PHE A CE2   1 
ATOM   766  C CZ    . PHE A 1 102 ? 15.280  0.631   6.980   1.00 37.19 ?  111 PHE A CZ    1 
ATOM   767  N N     . LEU A 1 103 ? 12.324  5.200   6.019   1.00 41.52 ?  112 LEU A N     1 
ATOM   768  C CA    . LEU A 1 103 ? 11.134  5.169   5.174   1.00 42.40 ?  112 LEU A CA    1 
ATOM   769  C C     . LEU A 1 103 ? 10.108  6.168   5.671   1.00 44.63 ?  112 LEU A C     1 
ATOM   770  O O     . LEU A 1 103 ? 10.159  6.611   6.822   1.00 51.36 ?  112 LEU A O     1 
ATOM   771  C CB    . LEU A 1 103 ? 10.515  3.776   5.117   1.00 40.95 ?  112 LEU A CB    1 
ATOM   772  C CG    . LEU A 1 103 ? 11.340  2.697   4.409   1.00 44.19 ?  112 LEU A CG    1 
ATOM   773  C CD1   . LEU A 1 103 ? 10.554  1.420   4.388   1.00 44.27 ?  112 LEU A CD1   1 
ATOM   774  C CD2   . LEU A 1 103 ? 11.720  3.116   2.997   1.00 40.69 ?  112 LEU A CD2   1 
ATOM   775  N N     . SER A 1 104 ? 9.182   6.524   4.794   1.00 39.51 ?  113 SER A N     1 
ATOM   776  C CA    . SER A 1 104 ? 8.108   7.432   5.138   1.00 38.93 ?  113 SER A CA    1 
ATOM   777  C C     . SER A 1 104 ? 6.833   7.067   4.358   1.00 40.49 ?  113 SER A C     1 
ATOM   778  O O     . SER A 1 104 ? 6.870   6.190   3.488   1.00 37.28 ?  113 SER A O     1 
ATOM   779  C CB    . SER A 1 104 ? 8.539   8.866   4.821   1.00 38.78 ?  113 SER A CB    1 
ATOM   780  O OG    . SER A 1 104 ? 7.713   9.802   5.490   1.00 45.45 ?  113 SER A OG    1 
ATOM   781  N N     . VAL A 1 105 ? 5.720   7.727   4.702   1.00 39.35 ?  114 VAL A N     1 
ATOM   782  C CA    . VAL A 1 105 ? 4.461   7.658   3.962   1.00 39.08 ?  114 VAL A CA    1 
ATOM   783  C C     . VAL A 1 105 ? 3.904   9.047   3.740   1.00 37.08 ?  114 VAL A C     1 
ATOM   784  O O     . VAL A 1 105 ? 4.017   9.902   4.616   1.00 36.28 ?  114 VAL A O     1 
ATOM   785  C CB    . VAL A 1 105 ? 3.329   6.937   4.742   1.00 40.44 ?  114 VAL A CB    1 
ATOM   786  C CG1   . VAL A 1 105 ? 3.012   5.617   4.119   1.00 42.78 ?  114 VAL A CG1   1 
ATOM   787  C CG2   . VAL A 1 105 ? 3.659   6.815   6.226   1.00 40.76 ?  114 VAL A CG2   1 
ATOM   788  N N     . GLU A 1 106 ? 3.278   9.252   2.582   1.00 36.93 ?  115 GLU A N     1 
ATOM   789  C CA    . GLU A 1 106 ? 2.393   10.385  2.369   1.00 37.42 ?  115 GLU A CA    1 
ATOM   790  C C     . GLU A 1 106 ? 0.933   9.911   2.235   1.00 40.95 ?  115 GLU A C     1 
ATOM   791  O O     . GLU A 1 106 ? 0.569   9.239   1.257   1.00 38.38 ?  115 GLU A O     1 
ATOM   792  C CB    . GLU A 1 106 ? 2.827   11.215  1.164   1.00 39.39 ?  115 GLU A CB    1 
ATOM   793  C CG    . GLU A 1 106 ? 2.829   12.725  1.437   1.00 46.89 ?  115 GLU A CG    1 
ATOM   794  C CD    . GLU A 1 106 ? 1.427   13.353  1.404   1.00 55.96 ?  115 GLU A CD    1 
ATOM   795  O OE1   . GLU A 1 106 ? 1.084   14.018  0.387   1.00 59.81 ?  115 GLU A OE1   1 
ATOM   796  O OE2   . GLU A 1 106 ? 0.659   13.190  2.391   1.00 50.99 ?  115 GLU A OE2   1 
ATOM   797  N N     . PRO A 1 107 ? 0.100   10.255  3.238   1.00 43.20 ?  116 PRO A N     1 
ATOM   798  C CA    . PRO A 1 107 ? -1.349  9.971   3.295   1.00 42.02 ?  116 PRO A CA    1 
ATOM   799  C C     . PRO A 1 107 ? -2.173  10.592  2.162   1.00 39.84 ?  116 PRO A C     1 
ATOM   800  O O     . PRO A 1 107 ? -3.103  9.933   1.692   1.00 40.01 ?  116 PRO A O     1 
ATOM   801  C CB    . PRO A 1 107 ? -1.784  10.559  4.645   1.00 38.86 ?  116 PRO A CB    1 
ATOM   802  C CG    . PRO A 1 107 ? -0.674  11.500  5.035   1.00 47.84 ?  116 PRO A CG    1 
ATOM   803  C CD    . PRO A 1 107 ? 0.581   10.897  4.475   1.00 38.60 ?  116 PRO A CD    1 
ATOM   804  N N     . ARG A 1 108 ? -1.866  11.810  1.721   1.00 37.09 ?  117 ARG A N     1 
ATOM   805  C CA    . ARG A 1 108 ? -2.662  12.393  0.636   1.00 38.32 ?  117 ARG A CA    1 
ATOM   806  C C     . ARG A 1 108 ? -2.279  11.805  -0.729  1.00 37.86 ?  117 ARG A C     1 
ATOM   807  O O     . ARG A 1 108 ? -1.096  11.600  -1.016  1.00 38.65 ?  117 ARG A O     1 
ATOM   808  C CB    . ARG A 1 108 ? -2.591  13.922  0.635   1.00 36.60 ?  117 ARG A CB    1 
ATOM   809  C CG    . ARG A 1 108 ? -2.576  14.518  2.031   1.00 44.00 ?  117 ARG A CG    1 
ATOM   810  C CD    . ARG A 1 108 ? -3.660  15.547  2.244   1.00 38.08 ?  117 ARG A CD    1 
ATOM   811  N NE    . ARG A 1 108 ? -3.360  16.840  1.632   1.00 44.02 ?  117 ARG A NE    1 
ATOM   812  C CZ    . ARG A 1 108 ? -3.233  17.986  2.306   1.00 46.50 ?  117 ARG A CZ    1 
ATOM   813  N NH1   . ARG A 1 108 ? -3.365  18.010  3.628   1.00 40.22 ?  117 ARG A NH1   1 
ATOM   814  N NH2   . ARG A 1 108 ? -2.985  19.119  1.652   1.00 43.19 ?  117 ARG A NH2   1 
ATOM   815  N N     . PRO A 1 109 ? -3.288  11.518  -1.568  1.00 37.65 ?  118 PRO A N     1 
ATOM   816  C CA    . PRO A 1 109 ? -3.035  10.927  -2.892  1.00 33.65 ?  118 PRO A CA    1 
ATOM   817  C C     . PRO A 1 109 ? -2.023  11.792  -3.633  1.00 34.31 ?  118 PRO A C     1 
ATOM   818  O O     . PRO A 1 109 ? -2.105  13.020  -3.524  1.00 33.94 ?  118 PRO A O     1 
ATOM   819  C CB    . PRO A 1 109 ? -4.391  11.032  -3.613  1.00 29.32 ?  118 PRO A CB    1 
ATOM   820  C CG    . PRO A 1 109 ? -5.383  11.501  -2.615  1.00 31.70 ?  118 PRO A CG    1 
ATOM   821  C CD    . PRO A 1 109 ? -4.670  12.012  -1.403  1.00 36.84 ?  118 PRO A CD    1 
ATOM   822  N N     . PHE A 1 110 ? -1.117  11.182  -4.391  1.00 33.47 ?  119 PHE A N     1 
ATOM   823  C CA    . PHE A 1 110 ? -0.078  11.933  -5.090  1.00 37.01 ?  119 PHE A CA    1 
ATOM   824  C C     . PHE A 1 110 ? -0.618  12.655  -6.325  1.00 36.07 ?  119 PHE A C     1 
ATOM   825  O O     . PHE A 1 110 ? -1.282  12.056  -7.162  1.00 36.31 ?  119 PHE A O     1 
ATOM   826  C CB    . PHE A 1 110 ? 1.083   11.003  -5.477  1.00 35.52 ?  119 PHE A CB    1 
ATOM   827  C CG    . PHE A 1 110 ? 2.167   11.676  -6.281  1.00 38.06 ?  119 PHE A CG    1 
ATOM   828  C CD1   . PHE A 1 110 ? 3.094   12.518  -5.661  1.00 38.24 ?  119 PHE A CD1   1 
ATOM   829  C CD2   . PHE A 1 110 ? 2.268   11.465  -7.651  1.00 34.66 ?  119 PHE A CD2   1 
ATOM   830  C CE1   . PHE A 1 110 ? 4.096   13.137  -6.391  1.00 35.77 ?  119 PHE A CE1   1 
ATOM   831  C CE2   . PHE A 1 110 ? 3.272   12.086  -8.393  1.00 39.12 ?  119 PHE A CE2   1 
ATOM   832  C CZ    . PHE A 1 110 ? 4.188   12.921  -7.760  1.00 40.46 ?  119 PHE A CZ    1 
ATOM   833  N N     . ASP A 1 111 ? -0.334  13.951  -6.424  1.00 40.04 ?  120 ASP A N     1 
ATOM   834  C CA    . ASP A 1 111 ? -0.672  14.739  -7.613  1.00 39.18 ?  120 ASP A CA    1 
ATOM   835  C C     . ASP A 1 111 ? 0.504   15.664  -7.903  1.00 38.61 ?  120 ASP A C     1 
ATOM   836  O O     . ASP A 1 111 ? 0.808   16.568  -7.119  1.00 41.05 ?  120 ASP A O     1 
ATOM   837  C CB    . ASP A 1 111 ? -1.959  15.546  -7.404  1.00 35.54 ?  120 ASP A CB    1 
ATOM   838  C CG    . ASP A 1 111 ? -2.344  16.386  -8.631  1.00 42.41 ?  120 ASP A CG    1 
ATOM   839  O OD1   . ASP A 1 111 ? -1.565  16.454  -9.620  1.00 41.44 ?  120 ASP A OD1   1 
ATOM   840  O OD2   . ASP A 1 111 ? -3.445  16.993  -8.610  1.00 39.10 ?  120 ASP A OD2   1 
ATOM   841  N N     . PRO A 1 112 ? 1.172   15.434  -9.039  1.00 39.96 ?  121 PRO A N     1 
ATOM   842  C CA    . PRO A 1 112 ? 2.439   16.086  -9.397  1.00 39.54 ?  121 PRO A CA    1 
ATOM   843  C C     . PRO A 1 112 ? 2.378   17.618  -9.451  1.00 42.91 ?  121 PRO A C     1 
ATOM   844  O O     . PRO A 1 112 ? 3.376   18.270  -9.123  1.00 46.63 ?  121 PRO A O     1 
ATOM   845  C CB    . PRO A 1 112 ? 2.745   15.505  -10.780 1.00 40.70 ?  121 PRO A CB    1 
ATOM   846  C CG    . PRO A 1 112 ? 1.406   14.980  -11.295 1.00 35.03 ?  121 PRO A CG    1 
ATOM   847  C CD    . PRO A 1 112 ? 0.723   14.487  -10.075 1.00 36.95 ?  121 PRO A CD    1 
ATOM   848  N N     . GLN A 1 113 ? 1.241   18.181  -9.845  1.00 40.47 ?  122 GLN A N     1 
ATOM   849  C CA    . GLN A 1 113 ? 1.126   19.629  -9.970  1.00 43.36 ?  122 GLN A CA    1 
ATOM   850  C C     . GLN A 1 113 ? 1.234   20.339  -8.611  1.00 44.49 ?  122 GLN A C     1 
ATOM   851  O O     . GLN A 1 113 ? 1.465   21.543  -8.556  1.00 48.62 ?  122 GLN A O     1 
ATOM   852  C CB    . GLN A 1 113 ? -0.190  20.008  -10.637 1.00 39.67 ?  122 GLN A CB    1 
ATOM   853  C CG    . GLN A 1 113 ? -1.367  19.847  -9.710  1.00 41.54 ?  122 GLN A CG    1 
ATOM   854  C CD    . GLN A 1 113 ? -2.674  20.299  -10.330 1.00 42.85 ?  122 GLN A CD    1 
ATOM   855  O OE1   . GLN A 1 113 ? -2.764  21.397  -10.893 1.00 40.54 ?  122 GLN A OE1   1 
ATOM   856  N NE2   . GLN A 1 113 ? -3.704  19.451  -10.224 1.00 33.23 ?  122 GLN A NE2   1 
ATOM   857  N N     . TYR A 1 114 ? 1.064   19.599  -7.521  1.00 40.23 ?  123 TYR A N     1 
ATOM   858  C CA    . TYR A 1 114 ? 1.209   20.180  -6.187  1.00 44.84 ?  123 TYR A CA    1 
ATOM   859  C C     . TYR A 1 114 ? 2.496   19.721  -5.531  1.00 43.49 ?  123 TYR A C     1 
ATOM   860  O O     . TYR A 1 114 ? 2.730   19.971  -4.349  1.00 45.14 ?  123 TYR A O     1 
ATOM   861  C CB    . TYR A 1 114 ? 0.030   19.801  -5.281  1.00 41.36 ?  123 TYR A CB    1 
ATOM   862  C CG    . TYR A 1 114 ? -1.296  20.342  -5.745  1.00 42.23 ?  123 TYR A CG    1 
ATOM   863  C CD1   . TYR A 1 114 ? -1.614  21.683  -5.576  1.00 43.75 ?  123 TYR A CD1   1 
ATOM   864  C CD2   . TYR A 1 114 ? -2.236  19.512  -6.344  1.00 36.91 ?  123 TYR A CD2   1 
ATOM   865  C CE1   . TYR A 1 114 ? -2.831  22.184  -6.001  1.00 42.99 ?  123 TYR A CE1   1 
ATOM   866  C CE2   . TYR A 1 114 ? -3.450  20.003  -6.766  1.00 36.57 ?  123 TYR A CE2   1 
ATOM   867  C CZ    . TYR A 1 114 ? -3.746  21.335  -6.596  1.00 39.31 ?  123 TYR A CZ    1 
ATOM   868  O OH    . TYR A 1 114 ? -4.960  21.826  -7.014  1.00 42.20 ?  123 TYR A OH    1 
ATOM   869  N N     . TYR A 1 115 ? 3.327   19.031  -6.291  1.00 42.98 ?  124 TYR A N     1 
ATOM   870  C CA    . TYR A 1 115 ? 4.573   18.527  -5.737  1.00 46.96 ?  124 TYR A CA    1 
ATOM   871  C C     . TYR A 1 115 ? 5.581   19.668  -5.554  1.00 46.78 ?  124 TYR A C     1 
ATOM   872  O O     . TYR A 1 115 ? 5.900   20.394  -6.495  1.00 47.07 ?  124 TYR A O     1 
ATOM   873  C CB    . TYR A 1 115 ? 5.133   17.413  -6.618  1.00 43.66 ?  124 TYR A CB    1 
ATOM   874  C CG    . TYR A 1 115 ? 6.385   16.827  -6.053  1.00 46.44 ?  124 TYR A CG    1 
ATOM   875  C CD1   . TYR A 1 115 ? 6.336   15.972  -4.964  1.00 43.43 ?  124 TYR A CD1   1 
ATOM   876  C CD2   . TYR A 1 115 ? 7.625   17.139  -6.595  1.00 48.17 ?  124 TYR A CD2   1 
ATOM   877  C CE1   . TYR A 1 115 ? 7.491   15.435  -4.426  1.00 43.84 ?  124 TYR A CE1   1 
ATOM   878  C CE2   . TYR A 1 115 ? 8.785   16.610  -6.066  1.00 48.19 ?  124 TYR A CE2   1 
ATOM   879  C CZ    . TYR A 1 115 ? 8.713   15.758  -4.983  1.00 48.82 ?  124 TYR A CZ    1 
ATOM   880  O OH    . TYR A 1 115 ? 9.868   15.225  -4.458  1.00 49.80 ?  124 TYR A OH    1 
ATOM   881  N N     . GLU A 1 116 ? 6.059   19.847  -4.332  1.00 49.72 ?  125 GLU A N     1 
ATOM   882  C CA    . GLU A 1 116 ? 6.979   20.939  -4.057  1.00 53.69 ?  125 GLU A CA    1 
ATOM   883  C C     . GLU A 1 116 ? 8.435   20.504  -4.182  1.00 55.07 ?  125 GLU A C     1 
ATOM   884  O O     . GLU A 1 116 ? 8.880   19.596  -3.477  1.00 55.97 ?  125 GLU A O     1 
ATOM   885  C CB    . GLU A 1 116 ? 6.736   21.501  -2.659  1.00 53.86 ?  125 GLU A CB    1 
ATOM   886  C CG    . GLU A 1 116 ? 5.426   22.228  -2.491  1.00 53.60 ?  125 GLU A CG    1 
ATOM   887  C CD    . GLU A 1 116 ? 5.269   22.798  -1.092  1.00 62.78 ?  125 GLU A CD    1 
ATOM   888  O OE1   . GLU A 1 116 ? 5.846   22.220  -0.142  1.00 64.88 ?  125 GLU A OE1   1 
ATOM   889  O OE2   . GLU A 1 116 ? 4.584   23.834  -0.942  1.00 65.05 ?  125 GLU A OE2   1 
ATOM   890  N N     . ASP A 1 117 ? 9.173   21.150  -5.079  1.00 55.47 ?  126 ASP A N     1 
ATOM   891  C CA    . ASP A 1 117 ? 10.616  20.958  -5.156  1.00 61.77 ?  126 ASP A CA    1 
ATOM   892  C C     . ASP A 1 117 ? 11.307  21.647  -3.972  1.00 63.90 ?  126 ASP A C     1 
ATOM   893  O O     . ASP A 1 117 ? 11.340  22.874  -3.892  1.00 66.07 ?  126 ASP A O     1 
ATOM   894  C CB    . ASP A 1 117 ? 11.167  21.491  -6.479  1.00 61.33 ?  126 ASP A CB    1 
ATOM   895  C CG    . ASP A 1 117 ? 12.671  21.337  -6.584  1.00 63.85 ?  126 ASP A CG    1 
ATOM   896  O OD1   . ASP A 1 117 ? 13.250  20.562  -5.786  1.00 63.38 ?  126 ASP A OD1   1 
ATOM   897  O OD2   . ASP A 1 117 ? 13.275  21.986  -7.465  1.00 64.76 ?  126 ASP A OD2   1 
ATOM   898  N N     . GLU A 1 118 ? 11.851  20.849  -3.057  1.00 64.20 ?  127 GLU A N     1 
ATOM   899  C CA    . GLU A 1 118 ? 12.505  21.374  -1.862  1.00 66.84 ?  127 GLU A CA    1 
ATOM   900  C C     . GLU A 1 118 ? 14.022  21.501  -2.029  1.00 70.77 ?  127 GLU A C     1 
ATOM   901  O O     . GLU A 1 118 ? 14.734  21.855  -1.087  1.00 67.32 ?  127 GLU A O     1 
ATOM   902  C CB    . GLU A 1 118 ? 12.196  20.485  -0.658  1.00 63.67 ?  127 GLU A CB    1 
ATOM   903  C CG    . GLU A 1 118 ? 10.789  20.638  -0.114  1.00 72.73 ?  127 GLU A CG    1 
ATOM   904  C CD    . GLU A 1 118 ? 10.459  19.594  0.943   1.00 83.60 ?  127 GLU A CD    1 
ATOM   905  O OE1   . GLU A 1 118 ? 11.203  18.589  1.046   1.00 84.93 ?  127 GLU A OE1   1 
ATOM   906  O OE2   . GLU A 1 118 ? 9.459   19.778  1.674   1.00 84.22 ?  127 GLU A OE2   1 
ATOM   907  N N     . PHE A 1 119 ? 14.517  21.201  -3.223  1.00 68.44 ?  128 PHE A N     1 
ATOM   908  C CA    . PHE A 1 119 ? 15.952  21.249  -3.467  1.00 72.41 ?  128 PHE A CA    1 
ATOM   909  C C     . PHE A 1 119 ? 16.295  22.214  -4.608  1.00 77.64 ?  128 PHE A C     1 
ATOM   910  O O     . PHE A 1 119 ? 16.163  21.877  -5.791  1.00 77.61 ?  128 PHE A O     1 
ATOM   911  C CB    . PHE A 1 119 ? 16.499  19.839  -3.740  1.00 70.32 ?  128 PHE A CB    1 
ATOM   912  C CG    . PHE A 1 119 ? 16.137  18.827  -2.676  1.00 72.29 ?  128 PHE A CG    1 
ATOM   913  C CD1   . PHE A 1 119 ? 14.921  18.156  -2.722  1.00 66.65 ?  128 PHE A CD1   1 
ATOM   914  C CD2   . PHE A 1 119 ? 17.010  18.549  -1.630  1.00 72.27 ?  128 PHE A CD2   1 
ATOM   915  C CE1   . PHE A 1 119 ? 14.582  17.231  -1.746  1.00 65.60 ?  128 PHE A CE1   1 
ATOM   916  C CE2   . PHE A 1 119 ? 16.675  17.620  -0.650  1.00 70.95 ?  128 PHE A CE2   1 
ATOM   917  C CZ    . PHE A 1 119 ? 15.460  16.962  -0.711  1.00 68.88 ?  128 PHE A CZ    1 
ATOM   918  N N     . GLU A 1 120 ? 16.712  23.423  -4.232  1.00 80.43 ?  129 GLU A N     1 
ATOM   919  C CA    . GLU A 1 120 ? 17.171  24.434  -5.185  1.00 85.56 ?  129 GLU A CA    1 
ATOM   920  C C     . GLU A 1 120 ? 18.355  23.918  -6.006  1.00 80.64 ?  129 GLU A C     1 
ATOM   921  O O     . GLU A 1 120 ? 18.233  23.664  -7.207  1.00 76.02 ?  129 GLU A O     1 
ATOM   922  C CB    . GLU A 1 120 ? 17.556  25.721  -4.446  1.00 77.08 ?  129 GLU A CB    1 
ATOM   923  N N     . GLU A 1 127 ? 25.315  15.597  1.131   1.00 79.47 ?  136 GLU A N     1 
ATOM   924  C CA    . GLU A 1 127 ? 25.202  14.183  1.501   1.00 80.53 ?  136 GLU A CA    1 
ATOM   925  C C     . GLU A 1 127 ? 24.168  13.914  2.610   1.00 76.91 ?  136 GLU A C     1 
ATOM   926  O O     . GLU A 1 127 ? 23.686  12.786  2.755   1.00 73.14 ?  136 GLU A O     1 
ATOM   927  C CB    . GLU A 1 127 ? 26.564  13.624  1.894   1.00 73.26 ?  136 GLU A CB    1 
ATOM   928  N N     . GLU A 1 128 ? 23.844  14.943  3.391   1.00 78.76 ?  137 GLU A N     1 
ATOM   929  C CA    . GLU A 1 128 ? 22.688  14.904  4.286   1.00 77.41 ?  137 GLU A CA    1 
ATOM   930  C C     . GLU A 1 128 ? 21.590  15.742  3.641   1.00 77.81 ?  137 GLU A C     1 
ATOM   931  O O     . GLU A 1 128 ? 20.611  16.133  4.279   1.00 83.09 ?  137 GLU A O     1 
ATOM   932  C CB    . GLU A 1 128 ? 23.037  15.450  5.665   1.00 70.98 ?  137 GLU A CB    1 
ATOM   933  N N     . GLY A 1 129 ? 21.788  16.034  2.363   1.00 74.61 ?  138 GLY A N     1 
ATOM   934  C CA    . GLY A 1 129 ? 20.778  16.667  1.544   1.00 72.83 ?  138 GLY A CA    1 
ATOM   935  C C     . GLY A 1 129 ? 20.450  15.674  0.454   1.00 74.55 ?  138 GLY A C     1 
ATOM   936  O O     . GLY A 1 129 ? 19.418  15.772  -0.211  1.00 74.29 ?  138 GLY A O     1 
ATOM   937  N N     . ARG A 1 130 ? 21.347  14.705  0.285   1.00 73.28 ?  139 ARG A N     1 
ATOM   938  C CA    . ARG A 1 130 ? 21.169  13.626  -0.675  1.00 70.70 ?  139 ARG A CA    1 
ATOM   939  C C     . ARG A 1 130 ? 20.400  12.484  -0.018  1.00 68.74 ?  139 ARG A C     1 
ATOM   940  O O     . ARG A 1 130 ? 19.544  11.859  -0.644  1.00 65.86 ?  139 ARG A O     1 
ATOM   941  C CB    . ARG A 1 130 ? 22.518  13.136  -1.188  1.00 67.29 ?  139 ARG A CB    1 
ATOM   942  N N     . THR A 1 131 ? 20.704  12.207  1.244   1.00 69.44 ?  140 THR A N     1 
ATOM   943  C CA    . THR A 1 131 ? 19.948  11.203  1.972   1.00 68.00 ?  140 THR A CA    1 
ATOM   944  C C     . THR A 1 131 ? 18.494  11.675  2.100   1.00 68.30 ?  140 THR A C     1 
ATOM   945  O O     . THR A 1 131 ? 17.575  10.868  2.263   1.00 65.02 ?  140 THR A O     1 
ATOM   946  C CB    . THR A 1 131 ? 20.568  10.940  3.340   1.00 58.19 ?  140 THR A CB    1 
ATOM   947  N N     . ARG A 1 132 ? 18.297  12.989  1.998   1.00 67.85 ?  141 ARG A N     1 
ATOM   948  C CA    . ARG A 1 132 ? 16.968  13.593  2.096   1.00 70.01 ?  141 ARG A CA    1 
ATOM   949  C C     . ARG A 1 132 ? 16.186  13.564  0.781   1.00 62.74 ?  141 ARG A C     1 
ATOM   950  O O     . ARG A 1 132 ? 14.967  13.421  0.771   1.00 60.97 ?  141 ARG A O     1 
ATOM   951  C CB    . ARG A 1 132 ? 17.077  15.035  2.590   1.00 70.99 ?  141 ARG A CB    1 
ATOM   952  C CG    . ARG A 1 132 ? 17.291  15.150  4.086   1.00 73.31 ?  141 ARG A CG    1 
ATOM   953  C CD    . ARG A 1 132 ? 16.921  16.538  4.590   1.00 81.37 ?  141 ARG A CD    1 
ATOM   954  N NE    . ARG A 1 132 ? 16.087  17.285  3.643   1.00 77.64 ?  141 ARG A NE    1 
ATOM   955  C CZ    . ARG A 1 132 ? 16.526  18.310  2.916   1.00 80.56 ?  141 ARG A CZ    1 
ATOM   956  N NH1   . ARG A 1 132 ? 17.792  18.710  3.029   1.00 78.15 ?  141 ARG A NH1   1 
ATOM   957  N NH2   . ARG A 1 132 ? 15.702  18.936  2.083   1.00 72.55 ?  141 ARG A NH2   1 
ATOM   958  N N     . LEU A 1 133 ? 16.897  13.725  -0.323  1.00 63.16 ?  142 LEU A N     1 
ATOM   959  C CA    . LEU A 1 133 ? 16.281  13.724  -1.634  1.00 61.73 ?  142 LEU A CA    1 
ATOM   960  C C     . LEU A 1 133 ? 15.852  12.304  -1.994  1.00 60.22 ?  142 LEU A C     1 
ATOM   961  O O     . LEU A 1 133 ? 14.869  12.103  -2.704  1.00 57.38 ?  142 LEU A O     1 
ATOM   962  C CB    . LEU A 1 133 ? 17.259  14.292  -2.665  1.00 59.08 ?  142 LEU A CB    1 
ATOM   963  C CG    . LEU A 1 133 ? 16.793  14.580  -4.095  1.00 63.44 ?  142 LEU A CG    1 
ATOM   964  C CD1   . LEU A 1 133 ? 17.142  13.433  -5.037  1.00 60.12 ?  142 LEU A CD1   1 
ATOM   965  C CD2   . LEU A 1 133 ? 15.305  14.911  -4.159  1.00 65.23 ?  142 LEU A CD2   1 
ATOM   966  N N     . LYS A 1 134 ? 16.594  11.328  -1.479  1.00 59.16 ?  143 LYS A N     1 
ATOM   967  C CA    . LYS A 1 134 ? 16.365  9.914   -1.759  1.00 55.65 ?  143 LYS A CA    1 
ATOM   968  C C     . LYS A 1 134 ? 15.252  9.359   -0.875  1.00 54.76 ?  143 LYS A C     1 
ATOM   969  O O     . LYS A 1 134 ? 14.497  8.479   -1.289  1.00 54.19 ?  143 LYS A O     1 
ATOM   970  C CB    . LYS A 1 134 ? 17.659  9.128   -1.519  1.00 58.03 ?  143 LYS A CB    1 
ATOM   971  C CG    . LYS A 1 134 ? 17.547  7.619   -1.659  1.00 55.85 ?  143 LYS A CG    1 
ATOM   972  C CD    . LYS A 1 134 ? 17.732  6.926   -0.311  1.00 58.62 ?  143 LYS A CD    1 
ATOM   973  C CE    . LYS A 1 134 ? 18.313  5.520   -0.473  1.00 59.47 ?  143 LYS A CE    1 
ATOM   974  N NZ    . LYS A 1 134 ? 17.556  4.651   -1.439  1.00 58.00 ?  143 LYS A NZ    1 
ATOM   975  N N     . LEU A 1 135 ? 15.160  9.862   0.351   1.00 53.84 ?  144 LEU A N     1 
ATOM   976  C CA    . LEU A 1 135 ? 14.101  9.436   1.245   1.00 53.65 ?  144 LEU A CA    1 
ATOM   977  C C     . LEU A 1 135 ? 12.748  9.812   0.668   1.00 53.16 ?  144 LEU A C     1 
ATOM   978  O O     . LEU A 1 135 ? 11.784  9.049   0.758   1.00 48.36 ?  144 LEU A O     1 
ATOM   979  C CB    . LEU A 1 135 ? 14.248  10.082  2.623   1.00 55.83 ?  144 LEU A CB    1 
ATOM   980  C CG    . LEU A 1 135 ? 13.057  9.849   3.572   1.00 56.43 ?  144 LEU A CG    1 
ATOM   981  C CD1   . LEU A 1 135 ? 13.054  8.427   4.153   1.00 46.96 ?  144 LEU A CD1   1 
ATOM   982  C CD2   . LEU A 1 135 ? 13.033  10.882  4.688   1.00 54.24 ?  144 LEU A CD2   1 
ATOM   983  N N     . LYS A 1 136 ? 12.668  10.992  0.075   1.00 49.52 ?  145 LYS A N     1 
ATOM   984  C CA    . LYS A 1 136 ? 11.363  11.477  -0.330  1.00 54.35 ?  145 LYS A CA    1 
ATOM   985  C C     . LYS A 1 136 ? 10.981  11.082  -1.761  1.00 50.99 ?  145 LYS A C     1 
ATOM   986  O O     . LYS A 1 136 ? 9.817   11.184  -2.139  1.00 49.14 ?  145 LYS A O     1 
ATOM   987  C CB    . LYS A 1 136 ? 11.237  12.990  -0.084  1.00 54.68 ?  145 LYS A CB    1 
ATOM   988  C CG    . LYS A 1 136 ? 11.596  13.849  -1.253  1.00 58.94 ?  145 LYS A CG    1 
ATOM   989  C CD    . LYS A 1 136 ? 10.459  14.801  -1.546  1.00 57.24 ?  145 LYS A CD    1 
ATOM   990  C CE    . LYS A 1 136 ? 10.381  15.902  -0.515  1.00 58.40 ?  145 LYS A CE    1 
ATOM   991  N NZ    . LYS A 1 136 ? 9.129   16.696  -0.698  1.00 67.61 ?  145 LYS A NZ    1 
ATOM   992  N N     . VAL A 1 137 ? 11.947  10.606  -2.543  1.00 49.36 ?  146 VAL A N     1 
ATOM   993  C CA    . VAL A 1 137 ? 11.660  10.184  -3.911  1.00 46.80 ?  146 VAL A CA    1 
ATOM   994  C C     . VAL A 1 137 ? 11.626  8.663   -4.059  1.00 46.83 ?  146 VAL A C     1 
ATOM   995  O O     . VAL A 1 137 ? 10.759  8.108   -4.728  1.00 43.56 ?  146 VAL A O     1 
ATOM   996  C CB    . VAL A 1 137 ? 12.652  10.781  -4.923  1.00 44.46 ?  146 VAL A CB    1 
ATOM   997  C CG1   . VAL A 1 137 ? 12.424  10.176  -6.293  1.00 43.83 ?  146 VAL A CG1   1 
ATOM   998  C CG2   . VAL A 1 137 ? 12.488  12.281  -4.986  1.00 48.63 ?  146 VAL A CG2   1 
ATOM   999  N N     . GLU A 1 138 ? 12.562  7.984   -3.418  1.00 48.73 ?  147 GLU A N     1 
ATOM   1000 C CA    . GLU A 1 138 ? 12.627  6.543   -3.549  1.00 48.74 ?  147 GLU A CA    1 
ATOM   1001 C C     . GLU A 1 138 ? 12.014  5.818   -2.353  1.00 44.20 ?  147 GLU A C     1 
ATOM   1002 O O     . GLU A 1 138 ? 11.554  4.682   -2.474  1.00 42.37 ?  147 GLU A O     1 
ATOM   1003 C CB    . GLU A 1 138 ? 14.087  6.110   -3.759  1.00 47.60 ?  147 GLU A CB    1 
ATOM   1004 C CG    . GLU A 1 138 ? 14.659  6.583   -5.080  1.00 54.57 ?  147 GLU A CG    1 
ATOM   1005 C CD    . GLU A 1 138 ? 16.102  6.139   -5.308  1.00 69.13 ?  147 GLU A CD    1 
ATOM   1006 O OE1   . GLU A 1 138 ? 16.667  5.424   -4.443  1.00 69.04 ?  147 GLU A OE1   1 
ATOM   1007 O OE2   . GLU A 1 138 ? 16.672  6.511   -6.359  1.00 65.65 ?  147 GLU A OE2   1 
ATOM   1008 N N     . ASN A 1 139 ? 12.007  6.476   -1.200  1.00 42.44 ?  148 ASN A N     1 
ATOM   1009 C CA    . ASN A 1 139 ? 11.762  5.771   0.054   1.00 42.88 ?  148 ASN A CA    1 
ATOM   1010 C C     . ASN A 1 139 ? 10.501  6.210   0.794   1.00 43.02 ?  148 ASN A C     1 
ATOM   1011 O O     . ASN A 1 139 ? 10.340  5.932   1.990   1.00 41.54 ?  148 ASN A O     1 
ATOM   1012 C CB    . ASN A 1 139 ? 12.992  5.885   0.966   1.00 44.60 ?  148 ASN A CB    1 
ATOM   1013 C CG    . ASN A 1 139 ? 14.078  4.869   0.618   1.00 45.40 ?  148 ASN A CG    1 
ATOM   1014 O OD1   . ASN A 1 139 ? 14.154  4.362   -0.507  1.00 44.19 ?  148 ASN A OD1   1 
ATOM   1015 N ND2   . ASN A 1 139 ? 14.907  4.554   1.594   1.00 42.62 ?  148 ASN A ND2   1 
ATOM   1016 N N     . THR A 1 140 ? 9.622   6.903   0.073   1.00 38.24 ?  149 THR A N     1 
ATOM   1017 C CA    . THR A 1 140 ? 8.353   7.365   0.611   1.00 37.00 ?  149 THR A CA    1 
ATOM   1018 C C     . THR A 1 140 ? 7.206   6.561   -0.013  1.00 37.64 ?  149 THR A C     1 
ATOM   1019 O O     . THR A 1 140 ? 7.044   6.521   -1.240  1.00 34.87 ?  149 THR A O     1 
ATOM   1020 C CB    . THR A 1 140 ? 8.144   8.875   0.352   1.00 40.66 ?  149 THR A CB    1 
ATOM   1021 O OG1   . THR A 1 140 ? 8.930   9.640   1.273   1.00 41.59 ?  149 THR A OG1   1 
ATOM   1022 C CG2   . THR A 1 140 ? 6.685   9.256   0.523   1.00 34.95 ?  149 THR A CG2   1 
ATOM   1023 N N     . ILE A 1 141 ? 6.439   5.893   0.841   1.00 35.86 ?  150 ILE A N     1 
ATOM   1024 C CA    . ILE A 1 141 ? 5.247   5.172   0.404   1.00 36.02 ?  150 ILE A CA    1 
ATOM   1025 C C     . ILE A 1 141 ? 4.158   6.164   -0.041  1.00 34.77 ?  150 ILE A C     1 
ATOM   1026 O O     . ILE A 1 141 ? 3.819   7.106   0.681   1.00 33.65 ?  150 ILE A O     1 
ATOM   1027 C CB    . ILE A 1 141 ? 4.727   4.246   1.521   1.00 30.38 ?  150 ILE A CB    1 
ATOM   1028 C CG1   . ILE A 1 141 ? 5.762   3.154   1.799   1.00 32.22 ?  150 ILE A CG1   1 
ATOM   1029 C CG2   . ILE A 1 141 ? 3.370   3.630   1.146   1.00 30.77 ?  150 ILE A CG2   1 
ATOM   1030 C CD1   . ILE A 1 141 ? 5.462   2.306   3.038   1.00 28.69 ?  150 ILE A CD1   1 
ATOM   1031 N N     . ARG A 1 142 ? 3.644   5.969   -1.247  1.00 33.07 ?  151 ARG A N     1 
ATOM   1032 C CA    . ARG A 1 142 ? 2.583   6.827   -1.725  1.00 33.23 ?  151 ARG A CA    1 
ATOM   1033 C C     . ARG A 1 142 ? 1.512   6.137   -2.581  1.00 34.00 ?  151 ARG A C     1 
ATOM   1034 O O     . ARG A 1 142 ? 1.675   5.007   -3.050  1.00 33.30 ?  151 ARG A O     1 
ATOM   1035 C CB    . ARG A 1 142 ? 3.149   8.108   -2.357  1.00 36.07 ?  151 ARG A CB    1 
ATOM   1036 C CG    . ARG A 1 142 ? 4.148   7.953   -3.442  1.00 38.76 ?  151 ARG A CG    1 
ATOM   1037 C CD    . ARG A 1 142 ? 5.326   8.948   -3.266  1.00 41.17 ?  151 ARG A CD    1 
ATOM   1038 N NE    . ARG A 1 142 ? 4.916   10.336  -3.117  1.00 40.09 ?  151 ARG A NE    1 
ATOM   1039 C CZ    . ARG A 1 142 ? 5.696   11.322  -2.673  1.00 43.14 ?  151 ARG A CZ    1 
ATOM   1040 N NH1   . ARG A 1 142 ? 6.951   11.086  -2.319  1.00 34.03 ?  151 ARG A NH1   1 
ATOM   1041 N NH2   . ARG A 1 142 ? 5.202   12.555  -2.565  1.00 43.26 ?  151 ARG A NH2   1 
ATOM   1042 N N     . TRP A 1 143 ? 0.376   6.800   -2.730  1.00 35.48 ?  152 TRP A N     1 
ATOM   1043 C CA    . TRP A 1 143 ? -0.673  6.264   -3.577  1.00 27.79 ?  152 TRP A CA    1 
ATOM   1044 C C     . TRP A 1 143 ? -1.279  7.375   -4.414  1.00 29.36 ?  152 TRP A C     1 
ATOM   1045 O O     . TRP A 1 143 ? -1.126  8.541   -4.100  1.00 29.92 ?  152 TRP A O     1 
ATOM   1046 C CB    . TRP A 1 143 ? -1.724  5.565   -2.728  1.00 32.20 ?  152 TRP A CB    1 
ATOM   1047 C CG    . TRP A 1 143 ? -2.478  6.481   -1.824  1.00 34.95 ?  152 TRP A CG    1 
ATOM   1048 C CD1   . TRP A 1 143 ? -2.013  7.101   -0.687  1.00 34.12 ?  152 TRP A CD1   1 
ATOM   1049 C CD2   . TRP A 1 143 ? -3.840  6.870   -1.963  1.00 32.33 ?  152 TRP A CD2   1 
ATOM   1050 N NE1   . TRP A 1 143 ? -3.005  7.863   -0.128  1.00 30.39 ?  152 TRP A NE1   1 
ATOM   1051 C CE2   . TRP A 1 143 ? -4.142  7.735   -0.888  1.00 36.67 ?  152 TRP A CE2   1 
ATOM   1052 C CE3   . TRP A 1 143 ? -4.842  6.574   -2.896  1.00 33.65 ?  152 TRP A CE3   1 
ATOM   1053 C CZ2   . TRP A 1 143 ? -5.418  8.298   -0.714  1.00 37.10 ?  152 TRP A CZ2   1 
ATOM   1054 C CZ3   . TRP A 1 143 ? -6.102  7.135   -2.724  1.00 34.87 ?  152 TRP A CZ3   1 
ATOM   1055 C CH2   . TRP A 1 143 ? -6.377  7.989   -1.645  1.00 31.90 ?  152 TRP A CH2   1 
ATOM   1056 N N     . ARG A 1 144 ? -1.941  7.012   -5.503  1.00 33.20 ?  153 ARG A N     1 
ATOM   1057 C CA    . ARG A 1 144 ? -2.568  7.994   -6.377  1.00 33.87 ?  153 ARG A CA    1 
ATOM   1058 C C     . ARG A 1 144 ? -3.910  7.455   -6.826  1.00 36.52 ?  153 ARG A C     1 
ATOM   1059 O O     . ARG A 1 144 ? -4.184  6.253   -6.688  1.00 37.95 ?  153 ARG A O     1 
ATOM   1060 C CB    . ARG A 1 144 ? -1.684  8.300   -7.590  1.00 30.19 ?  153 ARG A CB    1 
ATOM   1061 C CG    . ARG A 1 144 ? -0.953  7.094   -8.099  1.00 35.87 ?  153 ARG A CG    1 
ATOM   1062 C CD    . ARG A 1 144 ? -0.982  6.954   -9.596  1.00 38.12 ?  153 ARG A CD    1 
ATOM   1063 N NE    . ARG A 1 144 ? 0.158   7.564   -10.269 1.00 38.16 ?  153 ARG A NE    1 
ATOM   1064 C CZ    . ARG A 1 144 ? 0.866   6.977   -11.233 1.00 38.90 ?  153 ARG A CZ    1 
ATOM   1065 N NH1   . ARG A 1 144 ? 0.581   5.745   -11.630 1.00 37.75 ?  153 ARG A NH1   1 
ATOM   1066 N NH2   . ARG A 1 144 ? 1.878   7.626   -11.793 1.00 42.80 ?  153 ARG A NH2   1 
ATOM   1067 N N     . ILE A 1 145 ? -4.737  8.336   -7.381  1.00 36.34 ?  154 ILE A N     1 
ATOM   1068 C CA    . ILE A 1 145 ? -6.091  7.962   -7.760  1.00 40.03 ?  154 ILE A CA    1 
ATOM   1069 C C     . ILE A 1 145 ? -6.537  8.542   -9.115  1.00 45.58 ?  154 ILE A C     1 
ATOM   1070 O O     . ILE A 1 145 ? -6.513  9.746   -9.346  1.00 45.13 ?  154 ILE A O     1 
ATOM   1071 C CB    . ILE A 1 145 ? -7.092  8.271   -6.616  1.00 40.39 ?  154 ILE A CB    1 
ATOM   1072 C CG1   . ILE A 1 145 ? -8.319  7.372   -6.737  1.00 47.21 ?  154 ILE A CG1   1 
ATOM   1073 C CG2   . ILE A 1 145 ? -7.465  9.753   -6.571  1.00 34.86 ?  154 ILE A CG2   1 
ATOM   1074 C CD1   . ILE A 1 145 ? -9.079  7.217   -5.428  1.00 51.24 ?  154 ILE A CD1   1 
ATOM   1075 N N     . ARG A 1 146 ? -6.967  7.652   -10.003 1.00 50.86 ?  155 ARG A N     1 
ATOM   1076 C CA    . ARG A 1 146 ? -7.186  7.978   -11.415 1.00 52.20 ?  155 ARG A CA    1 
ATOM   1077 C C     . ARG A 1 146 ? -8.609  7.669   -11.887 1.00 51.38 ?  155 ARG A C     1 
ATOM   1078 O O     . ARG A 1 146 ? -9.247  6.731   -11.398 1.00 48.26 ?  155 ARG A O     1 
ATOM   1079 C CB    . ARG A 1 146 ? -6.222  7.147   -12.272 1.00 52.21 ?  155 ARG A CB    1 
ATOM   1080 C CG    . ARG A 1 146 ? -5.502  7.923   -13.335 1.00 49.53 ?  155 ARG A CG    1 
ATOM   1081 C CD    . ARG A 1 146 ? -5.820  7.424   -14.762 1.00 60.13 ?  155 ARG A CD    1 
ATOM   1082 N NE    . ARG A 1 146 ? -5.590  5.988   -15.000 1.00 55.74 ?  155 ARG A NE    1 
ATOM   1083 C CZ    . ARG A 1 146 ? -4.660  5.233   -14.413 1.00 53.94 ?  155 ARG A CZ    1 
ATOM   1084 N NH1   . ARG A 1 146 ? -3.820  5.753   -13.521 1.00 52.74 ?  155 ARG A NH1   1 
ATOM   1085 N NH2   . ARG A 1 146 ? -4.571  3.942   -14.727 1.00 46.40 ?  155 ARG A NH2   1 
ATOM   1086 N N     . ARG A 1 147 ? -9.091  8.452   -12.850 1.00 54.41 ?  156 ARG A N     1 
ATOM   1087 C CA    . ARG A 1 147 ? -10.362 8.175   -13.521 1.00 48.19 ?  156 ARG A CA    1 
ATOM   1088 C C     . ARG A 1 147 ? -10.172 7.861   -15.022 1.00 46.34 ?  156 ARG A C     1 
ATOM   1089 O O     . ARG A 1 147 ? -9.890  8.753   -15.813 1.00 49.68 ?  156 ARG A O     1 
ATOM   1090 C CB    . ARG A 1 147 ? -11.337 9.338   -13.312 1.00 50.08 ?  156 ARG A CB    1 
ATOM   1091 C CG    . ARG A 1 147 ? -11.844 9.532   -11.852 1.00 55.14 ?  156 ARG A CG    1 
ATOM   1092 C CD    . ARG A 1 147 ? -13.332 9.135   -11.711 1.00 44.70 ?  156 ARG A CD    1 
ATOM   1093 N NE    . ARG A 1 147 ? -13.901 9.206   -10.353 1.00 42.91 ?  156 ARG A NE    1 
ATOM   1094 C CZ    . ARG A 1 147 ? -14.955 9.959   -10.016 1.00 49.21 ?  156 ARG A CZ    1 
ATOM   1095 N NH1   . ARG A 1 147 ? -15.540 10.719  -10.942 1.00 48.50 ?  156 ARG A NH1   1 
ATOM   1096 N NH2   . ARG A 1 147 ? -15.438 9.952   -8.766  1.00 37.28 ?  156 ARG A NH2   1 
ATOM   1097 N N     . ASP A 1 148 ? -10.303 6.577   -15.368 1.00 44.30 ?  157 ASP A N     1 
ATOM   1098 C CA    . ASP A 1 148 ? -10.393 6.033   -16.737 1.00 45.35 ?  157 ASP A CA    1 
ATOM   1099 C C     . ASP A 1 148 ? -11.226 6.806   -17.772 1.00 47.04 ?  157 ASP A C     1 
ATOM   1100 O O     . ASP A 1 148 ? -12.066 7.640   -17.439 1.00 44.55 ?  157 ASP A O     1 
ATOM   1101 C CB    . ASP A 1 148 ? -11.082 4.653   -16.666 1.00 45.50 ?  157 ASP A CB    1 
ATOM   1102 C CG    . ASP A 1 148 ? -10.129 3.512   -16.882 1.00 51.88 ?  157 ASP A CG    1 
ATOM   1103 O OD1   . ASP A 1 148 ? -8.949  3.804   -17.166 1.00 59.95 ?  157 ASP A OD1   1 
ATOM   1104 O OD2   . ASP A 1 148 ? -10.543 2.328   -16.780 1.00 51.14 ?  157 ASP A OD2   1 
ATOM   1105 N N     . GLU A 1 149 ? -11.033 6.444   -19.036 1.00 48.21 ?  158 GLU A N     1 
ATOM   1106 C CA    . GLU A 1 149 ? -11.928 6.857   -20.106 1.00 42.87 ?  158 GLU A CA    1 
ATOM   1107 C C     . GLU A 1 149 ? -13.185 5.968   -20.197 1.00 43.51 ?  158 GLU A C     1 
ATOM   1108 O O     . GLU A 1 149 ? -14.118 6.287   -20.931 1.00 43.40 ?  158 GLU A O     1 
ATOM   1109 C CB    . GLU A 1 149 ? -11.189 6.912   -21.439 1.00 44.90 ?  158 GLU A CB    1 
ATOM   1110 C CG    . GLU A 1 149 ? -10.080 7.957   -21.469 1.00 47.01 ?  158 GLU A CG    1 
ATOM   1111 C CD    . GLU A 1 149 ? -9.985  8.710   -22.796 1.00 61.91 ?  158 GLU A CD    1 
ATOM   1112 O OE1   . GLU A 1 149 ? -10.658 8.318   -23.786 1.00 63.90 ?  158 GLU A OE1   1 
ATOM   1113 O OE2   . GLU A 1 149 ? -9.235  9.716   -22.844 1.00 65.23 ?  158 GLU A OE2   1 
ATOM   1114 N N     . GLU A 1 150 ? -13.197 4.860   -19.453 1.00 42.22 ?  159 GLU A N     1 
ATOM   1115 C CA    . GLU A 1 150 ? -14.390 4.023   -19.297 1.00 42.14 ?  159 GLU A CA    1 
ATOM   1116 C C     . GLU A 1 150 ? -15.124 4.290   -17.966 1.00 38.78 ?  159 GLU A C     1 
ATOM   1117 O O     . GLU A 1 150 ? -15.871 3.440   -17.487 1.00 40.47 ?  159 GLU A O     1 
ATOM   1118 C CB    . GLU A 1 150 ? -14.030 2.527   -19.355 1.00 45.59 ?  159 GLU A CB    1 
ATOM   1119 C CG    . GLU A 1 150 ? -13.308 2.076   -20.617 1.00 54.45 ?  159 GLU A CG    1 
ATOM   1120 C CD    . GLU A 1 150 ? -12.703 0.675   -20.481 1.00 69.08 ?  159 GLU A CD    1 
ATOM   1121 O OE1   . GLU A 1 150 ? -11.688 0.540   -19.754 1.00 73.12 ?  159 GLU A OE1   1 
ATOM   1122 O OE2   . GLU A 1 150 ? -13.239 -0.288  -21.087 1.00 66.05 ?  159 GLU A OE2   1 
ATOM   1123 N N     . GLY A 1 151 ? -14.884 5.443   -17.354 1.00 35.75 ?  160 GLY A N     1 
ATOM   1124 C CA    . GLY A 1 151 ? -15.515 5.777   -16.091 1.00 38.22 ?  160 GLY A CA    1 
ATOM   1125 C C     . GLY A 1 151 ? -15.118 4.963   -14.869 1.00 38.77 ?  160 GLY A C     1 
ATOM   1126 O O     . GLY A 1 151 ? -15.833 4.955   -13.870 1.00 41.42 ?  160 GLY A O     1 
ATOM   1127 N N     . ASN A 1 152 ? -13.980 4.280   -14.937 1.00 39.98 ?  161 ASN A N     1 
ATOM   1128 C CA    . ASN A 1 152 ? -13.503 3.504   -13.801 1.00 38.13 ?  161 ASN A CA    1 
ATOM   1129 C C     . ASN A 1 152 ? -12.577 4.338   -12.921 1.00 41.97 ?  161 ASN A C     1 
ATOM   1130 O O     . ASN A 1 152 ? -11.833 5.194   -13.412 1.00 39.60 ?  161 ASN A O     1 
ATOM   1131 C CB    . ASN A 1 152 ? -12.788 2.235   -14.265 1.00 38.16 ?  161 ASN A CB    1 
ATOM   1132 C CG    . ASN A 1 152 ? -13.729 1.224   -14.913 1.00 42.38 ?  161 ASN A CG    1 
ATOM   1133 O OD1   . ASN A 1 152 ? -14.851 1.020   -14.462 1.00 43.43 ?  161 ASN A OD1   1 
ATOM   1134 N ND2   . ASN A 1 152 ? -13.269 0.587   -15.978 1.00 46.92 ?  161 ASN A ND2   1 
ATOM   1135 N N     . GLU A 1 153 ? -12.638 4.105   -11.613 1.00 37.60 ?  162 GLU A N     1 
ATOM   1136 C CA    . GLU A 1 153 ? -11.739 4.785   -10.702 1.00 36.97 ?  162 GLU A CA    1 
ATOM   1137 C C     . GLU A 1 153 ? -10.636 3.834   -10.242 1.00 41.58 ?  162 GLU A C     1 
ATOM   1138 O O     . GLU A 1 153 ? -10.903 2.783   -9.641  1.00 40.01 ?  162 GLU A O     1 
ATOM   1139 C CB    . GLU A 1 153 ? -12.482 5.376   -9.520  1.00 36.29 ?  162 GLU A CB    1 
ATOM   1140 C CG    . GLU A 1 153 ? -11.684 6.452   -8.819  1.00 45.52 ?  162 GLU A CG    1 
ATOM   1141 C CD    . GLU A 1 153 ? -12.380 6.970   -7.575  1.00 51.67 ?  162 GLU A CD    1 
ATOM   1142 O OE1   . GLU A 1 153 ? -12.204 6.334   -6.512  1.00 54.25 ?  162 GLU A OE1   1 
ATOM   1143 O OE2   . GLU A 1 153 ? -13.100 8.003   -7.660  1.00 48.38 ?  162 GLU A OE2   1 
ATOM   1144 N N     . ILE A 1 154 ? -9.398  4.207   -10.549 1.00 36.46 ?  163 ILE A N     1 
ATOM   1145 C CA    . ILE A 1 154 ? -8.255  3.345   -10.300 1.00 38.67 ?  163 ILE A CA    1 
ATOM   1146 C C     . ILE A 1 154 ? -7.346  3.891   -9.201  1.00 40.86 ?  163 ILE A C     1 
ATOM   1147 O O     . ILE A 1 154 ? -6.789  4.991   -9.304  1.00 38.60 ?  163 ILE A O     1 
ATOM   1148 C CB    . ILE A 1 154 ? -7.432  3.132   -11.588 1.00 44.02 ?  163 ILE A CB    1 
ATOM   1149 C CG1   . ILE A 1 154 ? -8.327  2.553   -12.689 1.00 41.27 ?  163 ILE A CG1   1 
ATOM   1150 C CG2   . ILE A 1 154 ? -6.251  2.214   -11.325 1.00 40.79 ?  163 ILE A CG2   1 
ATOM   1151 C CD1   . ILE A 1 154 ? -7.936  2.994   -14.069 1.00 45.57 ?  163 ILE A CD1   1 
ATOM   1152 N N     . LYS A 1 155 ? -7.219  3.113   -8.135  1.00 37.01 ?  164 LYS A N     1 
ATOM   1153 C CA    . LYS A 1 155 ? -6.306  3.436   -7.060  1.00 39.59 ?  164 LYS A CA    1 
ATOM   1154 C C     . LYS A 1 155 ? -4.973  2.685   -7.259  1.00 37.77 ?  164 LYS A C     1 
ATOM   1155 O O     . LYS A 1 155 ? -4.950  1.463   -7.432  1.00 34.89 ?  164 LYS A O     1 
ATOM   1156 C CB    . LYS A 1 155 ? -6.944  3.058   -5.723  1.00 38.98 ?  164 LYS A CB    1 
ATOM   1157 C CG    . LYS A 1 155 ? -7.171  4.224   -4.802  1.00 41.97 ?  164 LYS A CG    1 
ATOM   1158 C CD    . LYS A 1 155 ? -7.028  3.798   -3.340  1.00 47.86 ?  164 LYS A CD    1 
ATOM   1159 C CE    . LYS A 1 155 ? -8.368  3.390   -2.711  1.00 49.13 ?  164 LYS A CE    1 
ATOM   1160 N NZ    . LYS A 1 155 ? -8.137  2.523   -1.500  1.00 52.54 ?  164 LYS A NZ    1 
ATOM   1161 N N     . GLU A 1 156 ? -3.867  3.418   -7.242  1.00 35.24 ?  165 GLU A N     1 
ATOM   1162 C CA    . GLU A 1 156 ? -2.554  2.795   -7.402  1.00 33.07 ?  165 GLU A CA    1 
ATOM   1163 C C     . GLU A 1 156 ? -1.650  3.068   -6.207  1.00 33.02 ?  165 GLU A C     1 
ATOM   1164 O O     . GLU A 1 156 ? -1.642  4.177   -5.675  1.00 33.29 ?  165 GLU A O     1 
ATOM   1165 C CB    . GLU A 1 156 ? -1.883  3.287   -8.679  1.00 33.45 ?  165 GLU A CB    1 
ATOM   1166 C CG    . GLU A 1 156 ? -2.689  3.044   -9.929  1.00 37.54 ?  165 GLU A CG    1 
ATOM   1167 C CD    . GLU A 1 156 ? -2.031  3.619   -11.172 1.00 45.29 ?  165 GLU A CD    1 
ATOM   1168 O OE1   . GLU A 1 156 ? -1.757  4.832   -11.200 1.00 45.63 ?  165 GLU A OE1   1 
ATOM   1169 O OE2   . GLU A 1 156 ? -1.791  2.864   -12.137 1.00 53.58 ?  165 GLU A OE2   1 
ATOM   1170 N N     . SER A 1 157 ? -0.896  2.053   -5.787  1.00 34.92 ?  166 SER A N     1 
ATOM   1171 C CA    . SER A 1 157 ? 0.119   2.216   -4.745  1.00 30.60 ?  166 SER A CA    1 
ATOM   1172 C C     . SER A 1 157 ? 1.554   2.029   -5.246  1.00 31.63 ?  166 SER A C     1 
ATOM   1173 O O     . SER A 1 157 ? 1.815   1.343   -6.238  1.00 30.54 ?  166 SER A O     1 
ATOM   1174 C CB    . SER A 1 157 ? -0.149  1.277   -3.559  1.00 29.95 ?  166 SER A CB    1 
ATOM   1175 O OG    . SER A 1 157 ? 0.842   1.415   -2.548  1.00 28.88 ?  166 SER A OG    1 
ATOM   1176 N N     . ASN A 1 158 ? 2.455   2.680   -4.519  1.00 35.09 ?  167 ASN A N     1 
ATOM   1177 C CA    . ASN A 1 158 ? 3.913   2.653   -4.639  1.00 35.42 ?  167 ASN A CA    1 
ATOM   1178 C C     . ASN A 1 158 ? 4.502   1.338   -4.171  1.00 37.33 ?  167 ASN A C     1 
ATOM   1179 O O     . ASN A 1 158 ? 5.653   1.005   -4.468  1.00 33.67 ?  167 ASN A O     1 
ATOM   1180 C CB    . ASN A 1 158 ? 4.457   3.695   -3.618  1.00 30.06 ?  167 ASN A CB    1 
ATOM   1181 C CG    . ASN A 1 158 ? 5.485   4.561   -4.199  1.00 38.76 ?  167 ASN A CG    1 
ATOM   1182 O OD1   . ASN A 1 158 ? 5.666   4.549   -5.419  1.00 47.85 ?  167 ASN A OD1   1 
ATOM   1183 N ND2   . ASN A 1 158 ? 6.186   5.332   -3.363  1.00 37.99 ?  167 ASN A ND2   1 
ATOM   1184 N N     . ALA A 1 159 ? 3.730   0.625   -3.365  1.00 28.78 ?  168 ALA A N     1 
ATOM   1185 C CA    . ALA A 1 159 ? 4.323   -0.299  -2.424  1.00 30.62 ?  168 ALA A CA    1 
ATOM   1186 C C     . ALA A 1 159 ? 3.596   -1.618  -2.414  1.00 33.04 ?  168 ALA A C     1 
ATOM   1187 O O     . ALA A 1 159 ? 2.386   -1.691  -2.674  1.00 30.85 ?  168 ALA A O     1 
ATOM   1188 C CB    . ALA A 1 159 ? 4.340   0.307   -1.019  1.00 27.55 ?  168 ALA A CB    1 
ATOM   1189 N N     . ARG A 1 160 ? 4.341   -2.658  -2.074  1.00 31.68 ?  169 ARG A N     1 
ATOM   1190 C CA    . ARG A 1 160 ? 3.818   -4.000  -2.117  1.00 33.05 ?  169 ARG A CA    1 
ATOM   1191 C C     . ARG A 1 160 ? 4.443   -4.776  -0.962  1.00 34.23 ?  169 ARG A C     1 
ATOM   1192 O O     . ARG A 1 160 ? 5.639   -4.633  -0.695  1.00 35.10 ?  169 ARG A O     1 
ATOM   1193 C CB    . ARG A 1 160 ? 4.146   -4.604  -3.498  1.00 29.61 ?  169 ARG A CB    1 
ATOM   1194 C CG    . ARG A 1 160 ? 3.021   -5.409  -4.098  1.00 39.78 ?  169 ARG A CG    1 
ATOM   1195 C CD    . ARG A 1 160 ? 2.257   -4.727  -5.258  1.00 39.44 ?  169 ARG A CD    1 
ATOM   1196 N NE    . ARG A 1 160 ? 2.075   -3.300  -5.077  1.00 39.62 ?  169 ARG A NE    1 
ATOM   1197 C CZ    . ARG A 1 160 ? 1.563   -2.489  -5.991  1.00 33.31 ?  169 ARG A CZ    1 
ATOM   1198 N NH1   . ARG A 1 160 ? 1.174   -2.966  -7.160  1.00 27.67 ?  169 ARG A NH1   1 
ATOM   1199 N NH2   . ARG A 1 160 ? 1.464   -1.192  -5.730  1.00 32.94 ?  169 ARG A NH2   1 
ATOM   1200 N N     . ILE A 1 161 ? 3.634   -5.553  -0.242  1.00 32.68 ?  170 ILE A N     1 
ATOM   1201 C CA    . ILE A 1 161 ? 4.169   -6.472  0.762   1.00 30.80 ?  170 ILE A CA    1 
ATOM   1202 C C     . ILE A 1 161 ? 4.133   -7.870  0.180   1.00 36.03 ?  170 ILE A C     1 
ATOM   1203 O O     . ILE A 1 161 ? 3.082   -8.348  -0.274  1.00 38.40 ?  170 ILE A O     1 
ATOM   1204 C CB    . ILE A 1 161 ? 3.372   -6.480  2.078   1.00 35.52 ?  170 ILE A CB    1 
ATOM   1205 C CG1   . ILE A 1 161 ? 3.463   -5.133  2.775   1.00 34.71 ?  170 ILE A CG1   1 
ATOM   1206 C CG2   . ILE A 1 161 ? 3.938   -7.525  3.022   1.00 34.53 ?  170 ILE A CG2   1 
ATOM   1207 C CD1   . ILE A 1 161 ? 4.792   -4.919  3.455   1.00 37.14 ?  170 ILE A CD1   1 
ATOM   1208 N N     . VAL A 1 162 ? 5.279   -8.535  0.187   1.00 34.28 ?  171 VAL A N     1 
ATOM   1209 C CA    . VAL A 1 162 ? 5.358   -9.869  -0.386  1.00 36.72 ?  171 VAL A CA    1 
ATOM   1210 C C     . VAL A 1 162 ? 5.655   -10.904 0.686   1.00 37.14 ?  171 VAL A C     1 
ATOM   1211 O O     . VAL A 1 162 ? 6.602   -10.749 1.456   1.00 36.84 ?  171 VAL A O     1 
ATOM   1212 C CB    . VAL A 1 162 ? 6.428   -9.956  -1.508  1.00 35.64 ?  171 VAL A CB    1 
ATOM   1213 C CG1   . VAL A 1 162 ? 6.407   -11.331 -2.164  1.00 34.01 ?  171 VAL A CG1   1 
ATOM   1214 C CG2   . VAL A 1 162 ? 6.195   -8.879  -2.548  1.00 30.68 ?  171 VAL A CG2   1 
ATOM   1215 N N     . LYS A 1 163 ? 4.827   -11.948 0.746   1.00 37.82 ?  172 LYS A N     1 
ATOM   1216 C CA    . LYS A 1 163 ? 5.136   -13.132 1.541   1.00 39.26 ?  172 LYS A CA    1 
ATOM   1217 C C     . LYS A 1 163 ? 5.737   -14.182 0.620   1.00 38.16 ?  172 LYS A C     1 
ATOM   1218 O O     . LYS A 1 163 ? 5.197   -14.448 -0.455  1.00 38.45 ?  172 LYS A O     1 
ATOM   1219 C CB    . LYS A 1 163 ? 3.890   -13.665 2.230   1.00 39.82 ?  172 LYS A CB    1 
ATOM   1220 C CG    . LYS A 1 163 ? 3.189   -12.644 3.097   1.00 43.65 ?  172 LYS A CG    1 
ATOM   1221 C CD    . LYS A 1 163 ? 1.970   -13.259 3.768   1.00 48.33 ?  172 LYS A CD    1 
ATOM   1222 C CE    . LYS A 1 163 ? 1.102   -12.199 4.442   1.00 53.01 ?  172 LYS A CE    1 
ATOM   1223 N NZ    . LYS A 1 163 ? -0.106  -12.794 5.081   1.00 52.24 ?  172 LYS A NZ    1 
ATOM   1224 N N     . TRP A 1 164 ? 6.854   -14.779 1.030   1.00 39.25 ?  173 TRP A N     1 
ATOM   1225 C CA    . TRP A 1 164 ? 7.581   -15.686 0.137   1.00 38.80 ?  173 TRP A CA    1 
ATOM   1226 C C     . TRP A 1 164 ? 7.427   -17.157 0.486   1.00 40.85 ?  173 TRP A C     1 
ATOM   1227 O O     . TRP A 1 164 ? 7.027   -17.495 1.607   1.00 42.18 ?  173 TRP A O     1 
ATOM   1228 C CB    . TRP A 1 164 ? 9.054   -15.329 0.107   1.00 34.66 ?  173 TRP A CB    1 
ATOM   1229 C CG    . TRP A 1 164 ? 9.311   -13.969 -0.427  1.00 36.60 ?  173 TRP A CG    1 
ATOM   1230 C CD1   . TRP A 1 164 ? 9.572   -12.828 0.299   1.00 35.44 ?  173 TRP A CD1   1 
ATOM   1231 C CD2   . TRP A 1 164 ? 9.339   -13.588 -1.806  1.00 32.06 ?  173 TRP A CD2   1 
ATOM   1232 N NE1   . TRP A 1 164 ? 9.763   -11.767 -0.551  1.00 33.10 ?  173 TRP A NE1   1 
ATOM   1233 C CE2   . TRP A 1 164 ? 9.630   -12.203 -1.844  1.00 33.78 ?  173 TRP A CE2   1 
ATOM   1234 C CE3   . TRP A 1 164 ? 9.150   -14.279 -3.005  1.00 29.53 ?  173 TRP A CE3   1 
ATOM   1235 C CZ2   . TRP A 1 164 ? 9.729   -11.499 -3.050  1.00 28.92 ?  173 TRP A CZ2   1 
ATOM   1236 C CZ3   . TRP A 1 164 ? 9.251   -13.586 -4.188  1.00 31.80 ?  173 TRP A CZ3   1 
ATOM   1237 C CH2   . TRP A 1 164 ? 9.545   -12.205 -4.204  1.00 30.91 ?  173 TRP A CH2   1 
ATOM   1238 N N     . SER A 1 165 ? 7.791   -18.017 -0.467  1.00 40.09 ?  174 SER A N     1 
ATOM   1239 C CA    . SER A 1 165 ? 7.684   -19.473 -0.309  1.00 39.99 ?  174 SER A CA    1 
ATOM   1240 C C     . SER A 1 165 ? 8.524   -20.048 0.829   1.00 41.99 ?  174 SER A C     1 
ATOM   1241 O O     . SER A 1 165 ? 8.216   -21.130 1.326   1.00 40.41 ?  174 SER A O     1 
ATOM   1242 C CB    . SER A 1 165 ? 8.013   -20.188 -1.619  1.00 38.07 ?  174 SER A CB    1 
ATOM   1243 O OG    . SER A 1 165 ? 9.143   -19.609 -2.228  1.00 46.14 ?  174 SER A OG    1 
ATOM   1244 N N     . ASP A 1 166 ? 9.569   -19.330 1.248   1.00 40.93 ?  175 ASP A N     1 
ATOM   1245 C CA    . ASP A 1 166 ? 10.397  -19.766 2.382   1.00 39.68 ?  175 ASP A CA    1 
ATOM   1246 C C     . ASP A 1 166 ? 9.953   -19.216 3.740   1.00 42.16 ?  175 ASP A C     1 
ATOM   1247 O O     . ASP A 1 166 ? 10.625  -19.438 4.750   1.00 39.69 ?  175 ASP A O     1 
ATOM   1248 C CB    . ASP A 1 166 ? 11.871  -19.413 2.158   1.00 43.07 ?  175 ASP A CB    1 
ATOM   1249 C CG    . ASP A 1 166 ? 12.132  -17.892 2.123   1.00 47.00 ?  175 ASP A CG    1 
ATOM   1250 O OD1   . ASP A 1 166 ? 11.300  -17.095 2.624   1.00 47.57 ?  175 ASP A OD1   1 
ATOM   1251 O OD2   . ASP A 1 166 ? 13.187  -17.501 1.590   1.00 43.86 ?  175 ASP A OD2   1 
ATOM   1252 N N     . GLY A 1 167 ? 8.839   -18.488 3.770   1.00 41.44 ?  176 GLY A N     1 
ATOM   1253 C CA    . GLY A 1 167 ? 8.355   -17.936 5.028   1.00 39.61 ?  176 GLY A CA    1 
ATOM   1254 C C     . GLY A 1 167 ? 8.804   -16.515 5.345   1.00 42.43 ?  176 GLY A C     1 
ATOM   1255 O O     . GLY A 1 167 ? 8.351   -15.917 6.325   1.00 38.10 ?  176 GLY A O     1 
ATOM   1256 N N     . SER A 1 168 ? 9.694   -15.967 4.523   1.00 42.14 ?  177 SER A N     1 
ATOM   1257 C CA    . SER A 1 168 ? 10.141  -14.597 4.720   1.00 41.44 ?  177 SER A CA    1 
ATOM   1258 C C     . SER A 1 168 ? 9.161   -13.615 4.081   1.00 43.40 ?  177 SER A C     1 
ATOM   1259 O O     . SER A 1 168 ? 8.171   -14.019 3.458   1.00 42.36 ?  177 SER A O     1 
ATOM   1260 C CB    . SER A 1 168 ? 11.538  -14.399 4.153   1.00 36.69 ?  177 SER A CB    1 
ATOM   1261 O OG    . SER A 1 168 ? 11.526  -14.544 2.748   1.00 42.41 ?  177 SER A OG    1 
ATOM   1262 N N     . MET A 1 169 ? 9.457   -12.327 4.238   1.00 42.67 ?  178 MET A N     1 
ATOM   1263 C CA    . MET A 1 169 ? 8.593   -11.243 3.788   1.00 40.08 ?  178 MET A CA    1 
ATOM   1264 C C     . MET A 1 169 ? 9.442   -10.050 3.389   1.00 38.82 ?  178 MET A C     1 
ATOM   1265 O O     . MET A 1 169 ? 10.422  -9.735  4.058   1.00 41.82 ?  178 MET A O     1 
ATOM   1266 C CB    . MET A 1 169 ? 7.681   -10.804 4.936   1.00 43.33 ?  178 MET A CB    1 
ATOM   1267 C CG    . MET A 1 169 ? 6.262   -11.353 4.909   1.00 50.65 ?  178 MET A CG    1 
ATOM   1268 S SD    . MET A 1 169 ? 5.302   -10.772 6.335   1.00 63.92 ?  178 MET A SD    1 
ATOM   1269 C CE    . MET A 1 169 ? 5.303   -9.006  6.066   1.00 43.33 ?  178 MET A CE    1 
ATOM   1270 N N     . SER A 1 170 ? 9.059   -9.367  2.321   1.00 37.17 ?  179 SER A N     1 
ATOM   1271 C CA    . SER A 1 170 ? 9.724   -8.123  1.965   1.00 36.48 ?  179 SER A CA    1 
ATOM   1272 C C     . SER A 1 170 ? 8.737   -7.018  1.637   1.00 33.63 ?  179 SER A C     1 
ATOM   1273 O O     . SER A 1 170 ? 7.593   -7.277  1.296   1.00 32.87 ?  179 SER A O     1 
ATOM   1274 C CB    . SER A 1 170 ? 10.697  -8.318  0.798   1.00 34.73 ?  179 SER A CB    1 
ATOM   1275 O OG    . SER A 1 170 ? 10.224  -9.284  -0.110  1.00 39.09 ?  179 SER A OG    1 
ATOM   1276 N N     . LEU A 1 171 ? 9.212   -5.784  1.742   1.00 35.14 ?  180 LEU A N     1 
ATOM   1277 C CA    . LEU A 1 171 ? 8.496   -4.604  1.303   1.00 34.64 ?  180 LEU A CA    1 
ATOM   1278 C C     . LEU A 1 171 ? 9.127   -4.133  -0.012  1.00 37.36 ?  180 LEU A C     1 
ATOM   1279 O O     . LEU A 1 171 ? 10.319  -3.800  -0.053  1.00 38.21 ?  180 LEU A O     1 
ATOM   1280 C CB    . LEU A 1 171 ? 8.638   -3.506  2.355   1.00 35.57 ?  180 LEU A CB    1 
ATOM   1281 C CG    . LEU A 1 171 ? 7.681   -2.312  2.394   1.00 37.94 ?  180 LEU A CG    1 
ATOM   1282 C CD1   . LEU A 1 171 ? 8.470   -1.041  2.696   1.00 36.56 ?  180 LEU A CD1   1 
ATOM   1283 C CD2   . LEU A 1 171 ? 6.876   -2.175  1.107   1.00 34.59 ?  180 LEU A CD2   1 
ATOM   1284 N N     . HIS A 1 172 ? 8.343   -4.130  -1.088  1.00 32.30 ?  181 HIS A N     1 
ATOM   1285 C CA    . HIS A 1 172 ? 8.786   -3.540  -2.348  1.00 29.23 ?  181 HIS A CA    1 
ATOM   1286 C C     . HIS A 1 172 ? 8.276   -2.117  -2.464  1.00 34.28 ?  181 HIS A C     1 
ATOM   1287 O O     . HIS A 1 172 ? 7.061   -1.867  -2.453  1.00 36.30 ?  181 HIS A O     1 
ATOM   1288 C CB    . HIS A 1 172 ? 8.294   -4.328  -3.551  1.00 32.43 ?  181 HIS A CB    1 
ATOM   1289 C CG    . HIS A 1 172 ? 8.931   -5.673  -3.697  1.00 36.63 ?  181 HIS A CG    1 
ATOM   1290 N ND1   . HIS A 1 172 ? 9.509   -6.344  -2.638  1.00 37.70 ?  181 HIS A ND1   1 
ATOM   1291 C CD2   . HIS A 1 172 ? 9.085   -6.474  -4.777  1.00 33.63 ?  181 HIS A CD2   1 
ATOM   1292 C CE1   . HIS A 1 172 ? 9.987   -7.501  -3.059  1.00 34.32 ?  181 HIS A CE1   1 
ATOM   1293 N NE2   . HIS A 1 172 ? 9.738   -7.607  -4.352  1.00 34.80 ?  181 HIS A NE2   1 
ATOM   1294 N N     . LEU A 1 173 ? 9.211   -1.183  -2.564  1.00 34.35 ?  182 LEU A N     1 
ATOM   1295 C CA    . LEU A 1 173 ? 8.891   0.208   -2.809  1.00 33.82 ?  182 LEU A CA    1 
ATOM   1296 C C     . LEU A 1 173 ? 9.425   0.545   -4.185  1.00 38.92 ?  182 LEU A C     1 
ATOM   1297 O O     . LEU A 1 173 ? 10.640  0.652   -4.383  1.00 40.84 ?  182 LEU A O     1 
ATOM   1298 C CB    . LEU A 1 173 ? 9.537   1.080   -1.748  1.00 41.11 ?  182 LEU A CB    1 
ATOM   1299 C CG    . LEU A 1 173 ? 8.610   2.107   -1.103  1.00 41.25 ?  182 LEU A CG    1 
ATOM   1300 C CD1   . LEU A 1 173 ? 9.157   2.512   0.249   1.00 39.30 ?  182 LEU A CD1   1 
ATOM   1301 C CD2   . LEU A 1 173 ? 8.445   3.317   -2.024  1.00 37.92 ?  182 LEU A CD2   1 
ATOM   1302 N N     . GLY A 1 174 ? 8.511   0.699   -5.139  1.00 39.54 ?  183 GLY A N     1 
ATOM   1303 C CA    . GLY A 1 174 ? 8.884   0.756   -6.537  1.00 41.48 ?  183 GLY A CA    1 
ATOM   1304 C C     . GLY A 1 174 ? 9.769   -0.429  -6.878  1.00 47.29 ?  183 GLY A C     1 
ATOM   1305 O O     . GLY A 1 174 ? 9.318   -1.584  -6.866  1.00 43.33 ?  183 GLY A O     1 
ATOM   1306 N N     . ASN A 1 175 ? 11.034  -0.138  -7.175  1.00 47.34 ?  184 ASN A N     1 
ATOM   1307 C CA    . ASN A 1 175 ? 12.028  -1.171  -7.442  1.00 46.05 ?  184 ASN A CA    1 
ATOM   1308 C C     . ASN A 1 175 ? 12.672  -1.700  -6.166  1.00 45.50 ?  184 ASN A C     1 
ATOM   1309 O O     . ASN A 1 175 ? 12.892  -2.896  -6.028  1.00 49.11 ?  184 ASN A O     1 
ATOM   1310 C CB    . ASN A 1 175 ? 13.123  -0.626  -8.364  1.00 53.08 ?  184 ASN A CB    1 
ATOM   1311 C CG    . ASN A 1 175 ? 12.926  -1.034  -9.813  1.00 66.28 ?  184 ASN A CG    1 
ATOM   1312 O OD1   . ASN A 1 175 ? 12.122  -1.939  -10.120 1.00 60.41 ?  184 ASN A OD1   1 
ATOM   1313 N ND2   . ASN A 1 175 ? 13.672  -0.384  -10.719 1.00 67.25 ?  184 ASN A ND2   1 
ATOM   1314 N N     . GLU A 1 176 ? 12.967  -0.803  -5.233  1.00 41.82 ?  185 GLU A N     1 
ATOM   1315 C CA    . GLU A 1 176 ? 13.763  -1.150  -4.060  1.00 39.61 ?  185 GLU A CA    1 
ATOM   1316 C C     . GLU A 1 176 ? 13.109  -2.210  -3.174  1.00 38.41 ?  185 GLU A C     1 
ATOM   1317 O O     . GLU A 1 176 ? 11.883  -2.321  -3.099  1.00 38.23 ?  185 GLU A O     1 
ATOM   1318 C CB    . GLU A 1 176 ? 14.106  0.104   -3.248  1.00 37.86 ?  185 GLU A CB    1 
ATOM   1319 N N     . VAL A 1 177 ? 13.951  -2.984  -2.499  1.00 38.39 ?  186 VAL A N     1 
ATOM   1320 C CA    . VAL A 1 177 ? 13.504  -4.073  -1.639  1.00 39.30 ?  186 VAL A CA    1 
ATOM   1321 C C     . VAL A 1 177 ? 14.003  -3.887  -0.204  1.00 37.88 ?  186 VAL A C     1 
ATOM   1322 O O     . VAL A 1 177 ? 15.166  -3.552  0.024   1.00 40.63 ?  186 VAL A O     1 
ATOM   1323 C CB    . VAL A 1 177 ? 14.010  -5.434  -2.176  1.00 34.77 ?  186 VAL A CB    1 
ATOM   1324 C CG1   . VAL A 1 177 ? 13.662  -6.548  -1.217  1.00 34.12 ?  186 VAL A CG1   1 
ATOM   1325 C CG2   . VAL A 1 177 ? 13.421  -5.709  -3.555  1.00 37.29 ?  186 VAL A CG2   1 
ATOM   1326 N N     . PHE A 1 178 ? 13.120  -4.107  0.761   1.00 37.65 ?  187 PHE A N     1 
ATOM   1327 C CA    . PHE A 1 178 ? 13.492  -4.029  2.165   1.00 37.03 ?  187 PHE A CA    1 
ATOM   1328 C C     . PHE A 1 178 ? 13.067  -5.308  2.882   1.00 40.07 ?  187 PHE A C     1 
ATOM   1329 O O     . PHE A 1 178 ? 11.910  -5.704  2.818   1.00 36.05 ?  187 PHE A O     1 
ATOM   1330 C CB    . PHE A 1 178 ? 12.852  -2.801  2.822   1.00 34.46 ?  187 PHE A CB    1 
ATOM   1331 C CG    . PHE A 1 178 ? 13.226  -1.508  2.167   1.00 32.96 ?  187 PHE A CG    1 
ATOM   1332 C CD1   . PHE A 1 178 ? 14.299  -0.763  2.633   1.00 38.36 ?  187 PHE A CD1   1 
ATOM   1333 C CD2   . PHE A 1 178 ? 12.527  -1.041  1.069   1.00 34.95 ?  187 PHE A CD2   1 
ATOM   1334 C CE1   . PHE A 1 178 ? 14.661  0.438   2.018   1.00 36.25 ?  187 PHE A CE1   1 
ATOM   1335 C CE2   . PHE A 1 178 ? 12.885  0.154   0.450   1.00 40.71 ?  187 PHE A CE2   1 
ATOM   1336 C CZ    . PHE A 1 178 ? 13.958  0.893   0.926   1.00 37.34 ?  187 PHE A CZ    1 
ATOM   1337 N N     . ASP A 1 179 ? 14.016  -5.965  3.539   1.00 44.23 ?  188 ASP A N     1 
ATOM   1338 C CA    . ASP A 1 179 ? 13.701  -7.121  4.361   1.00 42.69 ?  188 ASP A CA    1 
ATOM   1339 C C     . ASP A 1 179 ? 12.786  -6.649  5.473   1.00 42.75 ?  188 ASP A C     1 
ATOM   1340 O O     . ASP A 1 179 ? 13.005  -5.595  6.067   1.00 40.67 ?  188 ASP A O     1 
ATOM   1341 C CB    . ASP A 1 179 ? 14.970  -7.725  4.967   1.00 48.44 ?  188 ASP A CB    1 
ATOM   1342 C CG    . ASP A 1 179 ? 15.622  -8.770  4.071   1.00 56.59 ?  188 ASP A CG    1 
ATOM   1343 O OD1   . ASP A 1 179 ? 15.462  -8.704  2.827   1.00 58.94 ?  188 ASP A OD1   1 
ATOM   1344 O OD2   . ASP A 1 179 ? 16.314  -9.663  4.622   1.00 60.35 ?  188 ASP A OD2   1 
ATOM   1345 N N     . VAL A 1 180 ? 11.769  -7.445  5.768   1.00 42.19 ?  189 VAL A N     1 
ATOM   1346 C CA    . VAL A 1 180 ? 10.729  -7.037  6.689   1.00 43.75 ?  189 VAL A CA    1 
ATOM   1347 C C     . VAL A 1 180 ? 10.372  -8.240  7.556   1.00 43.48 ?  189 VAL A C     1 
ATOM   1348 O O     . VAL A 1 180 ? 10.637  -9.379  7.165   1.00 42.61 ?  189 VAL A O     1 
ATOM   1349 C CB    . VAL A 1 180 ? 9.510   -6.482  5.883   1.00 43.23 ?  189 VAL A CB    1 
ATOM   1350 C CG1   . VAL A 1 180 ? 8.313   -7.392  5.995   1.00 39.98 ?  189 VAL A CG1   1 
ATOM   1351 C CG2   . VAL A 1 180 ? 9.195   -5.049  6.293   1.00 37.63 ?  189 VAL A CG2   1 
ATOM   1352 N N     . TYR A 1 181 ? 9.797   -8.005  8.733   1.00 45.56 ?  190 TYR A N     1 
ATOM   1353 C CA    . TYR A 1 181 ? 9.481   -9.113  9.649   1.00 47.49 ?  190 TYR A CA    1 
ATOM   1354 C C     . TYR A 1 181 ? 8.078   -9.040  10.267  1.00 47.53 ?  190 TYR A C     1 
ATOM   1355 O O     . TYR A 1 181 ? 7.578   -7.958  10.596  1.00 47.79 ?  190 TYR A O     1 
ATOM   1356 C CB    . TYR A 1 181 ? 10.558  -9.220  10.737  1.00 45.71 ?  190 TYR A CB    1 
ATOM   1357 C CG    . TYR A 1 181 ? 11.947  -9.126  10.161  1.00 48.95 ?  190 TYR A CG    1 
ATOM   1358 C CD1   . TYR A 1 181 ? 12.585  -10.252 9.643   1.00 44.56 ?  190 TYR A CD1   1 
ATOM   1359 C CD2   . TYR A 1 181 ? 12.609  -7.904  10.098  1.00 46.16 ?  190 TYR A CD2   1 
ATOM   1360 C CE1   . TYR A 1 181 ? 13.850  -10.164 9.094   1.00 46.28 ?  190 TYR A CE1   1 
ATOM   1361 C CE2   . TYR A 1 181 ? 13.869  -7.805  9.554   1.00 47.52 ?  190 TYR A CE2   1 
ATOM   1362 C CZ    . TYR A 1 181 ? 14.491  -8.939  9.052   1.00 51.13 ?  190 TYR A CZ    1 
ATOM   1363 O OH    . TYR A 1 181 ? 15.757  -8.838  8.510   1.00 48.78 ?  190 TYR A OH    1 
ATOM   1364 N N     . LYS A 1 182 ? 7.454   -10.204 10.417  1.00 46.46 ?  191 LYS A N     1 
ATOM   1365 C CA    . LYS A 1 182 ? 6.133   -10.306 11.029  1.00 48.37 ?  191 LYS A CA    1 
ATOM   1366 C C     . LYS A 1 182 ? 6.220   -10.343 12.556  1.00 48.57 ?  191 LYS A C     1 
ATOM   1367 O O     . LYS A 1 182 ? 6.931   -11.164 13.119  1.00 47.01 ?  191 LYS A O     1 
ATOM   1368 C CB    . LYS A 1 182 ? 5.409   -11.534 10.508  1.00 50.95 ?  191 LYS A CB    1 
ATOM   1369 N N     . ALA A 1 183 ? 5.484   -9.452  13.216  1.00 55.51 ?  192 ALA A N     1 
ATOM   1370 C CA    . ALA A 1 183 ? 5.456   -9.380  14.681  1.00 52.55 ?  192 ALA A CA    1 
ATOM   1371 C C     . ALA A 1 183 ? 4.054   -9.045  15.214  1.00 51.71 ?  192 ALA A C     1 
ATOM   1372 O O     . ALA A 1 183 ? 3.055   -9.659  14.812  1.00 51.34 ?  192 ALA A O     1 
ATOM   1373 C CB    . ALA A 1 183 ? 6.465   -8.357  15.182  1.00 45.47 ?  192 ALA A CB    1 
HETATM 1374 N N     . SAM B 2 .   ? -1.836  -18.898 -5.106  1.00 64.87 ?  201 SAM A N     1 
HETATM 1375 C CA    . SAM B 2 .   ? -0.474  -18.485 -4.790  1.00 69.33 ?  201 SAM A CA    1 
HETATM 1376 C C     . SAM B 2 .   ? -0.002  -19.085 -3.479  1.00 67.19 ?  201 SAM A C     1 
HETATM 1377 O O     . SAM B 2 .   ? 0.951   -19.935 -3.479  1.00 68.58 ?  201 SAM A O     1 
HETATM 1378 O OXT   . SAM B 2 .   ? -0.533  -18.738 -2.381  1.00 61.84 -1 201 SAM A OXT   1 
HETATM 1379 C CB    . SAM B 2 .   ? -0.327  -16.954 -4.806  1.00 58.22 ?  201 SAM A CB    1 
HETATM 1380 C CG    . SAM B 2 .   ? 1.072   -16.409 -4.995  1.00 54.25 ?  201 SAM A CG    1 
HETATM 1381 S SD    . SAM B 2 .   ? 1.306   -14.662 -5.229  1.00 49.18 1  201 SAM A SD    1 
HETATM 1382 C CE    . SAM B 2 .   ? -0.186  -13.848 -4.703  1.00 59.57 ?  201 SAM A CE    1 
HETATM 1383 C "C5'" . SAM B 2 .   ? 1.572   -14.243 -6.928  1.00 44.57 ?  201 SAM A "C5'" 1 
HETATM 1384 C "C4'" . SAM B 2 .   ? 0.449   -13.520 -7.602  1.00 41.10 ?  201 SAM A "C4'" 1 
HETATM 1385 O "O4'" . SAM B 2 .   ? 0.296   -12.171 -7.066  1.00 41.24 ?  201 SAM A "O4'" 1 
HETATM 1386 C "C3'" . SAM B 2 .   ? 0.605   -13.346 -9.071  1.00 44.02 ?  201 SAM A "C3'" 1 
HETATM 1387 O "O3'" . SAM B 2 .   ? 0.221   -14.457 -9.822  1.00 42.16 ?  201 SAM A "O3'" 1 
HETATM 1388 C "C2'" . SAM B 2 .   ? -0.234  -12.203 -9.325  1.00 46.71 ?  201 SAM A "C2'" 1 
HETATM 1389 O "O2'" . SAM B 2 .   ? -1.584  -12.522 -9.415  1.00 43.79 ?  201 SAM A "O2'" 1 
HETATM 1390 C "C1'" . SAM B 2 .   ? 0.022   -11.319 -8.127  1.00 40.11 ?  201 SAM A "C1'" 1 
HETATM 1391 N N9    . SAM B 2 .   ? 1.037   -10.303 -8.437  1.00 39.67 ?  201 SAM A N9    1 
HETATM 1392 C C8    . SAM B 2 .   ? 2.120   -10.454 -9.226  1.00 39.72 ?  201 SAM A C8    1 
HETATM 1393 N N7    . SAM B 2 .   ? 2.796   -9.262  -9.326  1.00 39.54 ?  201 SAM A N7    1 
HETATM 1394 C C5    . SAM B 2 .   ? 2.098   -8.312  -8.570  1.00 39.41 ?  201 SAM A C5    1 
HETATM 1395 C C6    . SAM B 2 .   ? 2.296   -6.912  -8.278  1.00 38.58 ?  201 SAM A C6    1 
HETATM 1396 N N6    . SAM B 2 .   ? 3.413   -6.180  -8.793  1.00 35.93 ?  201 SAM A N6    1 
HETATM 1397 N N1    . SAM B 2 .   ? 1.395   -6.272  -7.474  1.00 36.85 ?  201 SAM A N1    1 
HETATM 1398 C C2    . SAM B 2 .   ? 0.337   -6.936  -6.954  1.00 35.96 ?  201 SAM A C2    1 
HETATM 1399 N N3    . SAM B 2 .   ? 0.117   -8.252  -7.219  1.00 36.44 ?  201 SAM A N3    1 
HETATM 1400 C C4    . SAM B 2 .   ? 1.003   -8.954  -8.025  1.00 38.99 ?  201 SAM A C4    1 
HETATM 1401 O O     . HOH C 3 .   ? -3.740  -1.962  1.247   1.00 33.18 ?  301 HOH A O     1 
HETATM 1402 O O     . HOH C 3 .   ? 2.233   11.485  -2.366  1.00 37.87 ?  302 HOH A O     1 
HETATM 1403 O O     . HOH C 3 .   ? 1.779   15.918  -4.231  1.00 40.87 ?  303 HOH A O     1 
HETATM 1404 O O     . HOH C 3 .   ? 8.161   8.350   -3.541  1.00 39.26 ?  304 HOH A O     1 
# 
